data_1IUA
# 
_entry.id   1IUA 
# 
_audit_conform.dict_name       mmcif_pdbx.dic 
_audit_conform.dict_version    5.383 
_audit_conform.dict_location   http://mmcif.pdb.org/dictionaries/ascii/mmcif_pdbx.dic 
# 
loop_
_database_2.database_id 
_database_2.database_code 
_database_2.pdbx_database_accession 
_database_2.pdbx_DOI 
PDB   1IUA         pdb_00001iua 10.2210/pdb1iua/pdb 
RCSB  RCSB005283   ?            ?                   
WWPDB D_1000005283 ?            ?                   
# 
loop_
_pdbx_audit_revision_history.ordinal 
_pdbx_audit_revision_history.data_content_type 
_pdbx_audit_revision_history.major_revision 
_pdbx_audit_revision_history.minor_revision 
_pdbx_audit_revision_history.revision_date 
1 'Structure model' 1 0 2002-03-20 
2 'Structure model' 1 1 2008-04-27 
3 'Structure model' 1 2 2011-07-13 
4 'Structure model' 2 0 2019-01-23 
5 'Structure model' 2 1 2023-12-27 
# 
_pdbx_audit_revision_details.ordinal             1 
_pdbx_audit_revision_details.revision_ordinal    1 
_pdbx_audit_revision_details.data_content_type   'Structure model' 
_pdbx_audit_revision_details.provider            repository 
_pdbx_audit_revision_details.type                'Initial release' 
_pdbx_audit_revision_details.description         ? 
_pdbx_audit_revision_details.details             ? 
# 
loop_
_pdbx_audit_revision_group.ordinal 
_pdbx_audit_revision_group.revision_ordinal 
_pdbx_audit_revision_group.data_content_type 
_pdbx_audit_revision_group.group 
1 2 'Structure model' 'Version format compliance' 
2 3 'Structure model' 'Version format compliance' 
3 4 'Structure model' 'Atomic model'              
4 4 'Structure model' 'Data collection'           
5 4 'Structure model' 'Derived calculations'      
6 5 'Structure model' 'Data collection'           
7 5 'Structure model' 'Database references'       
8 5 'Structure model' 'Derived calculations'      
# 
loop_
_pdbx_audit_revision_category.ordinal 
_pdbx_audit_revision_category.revision_ordinal 
_pdbx_audit_revision_category.data_content_type 
_pdbx_audit_revision_category.category 
1 4 'Structure model' atom_site              
2 4 'Structure model' atom_site_anisotrop    
3 4 'Structure model' pdbx_struct_conn_angle 
4 5 'Structure model' chem_comp_atom         
5 5 'Structure model' chem_comp_bond         
6 5 'Structure model' database_2             
7 5 'Structure model' struct_site            
# 
loop_
_pdbx_audit_revision_item.ordinal 
_pdbx_audit_revision_item.revision_ordinal 
_pdbx_audit_revision_item.data_content_type 
_pdbx_audit_revision_item.item 
1  4 'Structure model' '_atom_site.B_iso_or_equiv'           
2  4 'Structure model' '_atom_site.Cartn_x'                  
3  4 'Structure model' '_atom_site.Cartn_y'                  
4  4 'Structure model' '_atom_site.Cartn_z'                  
5  4 'Structure model' '_atom_site_anisotrop.U[1][1]'        
6  4 'Structure model' '_atom_site_anisotrop.U[1][2]'        
7  4 'Structure model' '_atom_site_anisotrop.U[1][3]'        
8  4 'Structure model' '_atom_site_anisotrop.U[2][2]'        
9  4 'Structure model' '_atom_site_anisotrop.U[2][3]'        
10 4 'Structure model' '_atom_site_anisotrop.U[3][3]'        
11 4 'Structure model' '_pdbx_struct_conn_angle.value'       
12 5 'Structure model' '_database_2.pdbx_DOI'                
13 5 'Structure model' '_database_2.pdbx_database_accession' 
14 5 'Structure model' '_struct_site.pdbx_auth_asym_id'      
15 5 'Structure model' '_struct_site.pdbx_auth_comp_id'      
16 5 'Structure model' '_struct_site.pdbx_auth_seq_id'       
# 
_pdbx_database_status.status_code                     REL 
_pdbx_database_status.entry_id                        1IUA 
_pdbx_database_status.recvd_initial_deposition_date   2002-03-01 
_pdbx_database_status.deposit_site                    PDBJ 
_pdbx_database_status.process_site                    PDBJ 
_pdbx_database_status.status_code_sf                  REL 
_pdbx_database_status.SG_entry                        . 
_pdbx_database_status.pdb_format_compatible           Y 
_pdbx_database_status.status_code_mr                  ? 
_pdbx_database_status.status_code_cs                  ? 
_pdbx_database_status.methods_development_category    ? 
_pdbx_database_status.status_code_nmr_data            ? 
# 
_pdbx_database_related.db_name        PDB 
_pdbx_database_related.db_id          1EYT 
_pdbx_database_related.details        '1EYT contains the same protein at 1.5 A structure' 
_pdbx_database_related.content_type   unspecified 
# 
loop_
_audit_author.name 
_audit_author.pdbx_ordinal 
'Liu, L.'       1 
'Nogi, T.'      2 
'Kobayashi, M.' 3 
'Nozawa, T.'    4 
'Miki, K.'      5 
# 
loop_
_citation.id 
_citation.title 
_citation.journal_abbrev 
_citation.journal_volume 
_citation.page_first 
_citation.page_last 
_citation.year 
_citation.journal_id_ASTM 
_citation.country 
_citation.journal_id_ISSN 
_citation.journal_id_CSD 
_citation.book_publisher 
_citation.pdbx_database_id_PubMed 
_citation.pdbx_database_id_DOI 
primary 'Ultrahigh-resolution structure of high-potential iron-sulfur protein from Thermochromatium tepidum.' 
'Acta Crystallogr.,Sect.D' 58 1085  1091  2002 ABCRE6 DK 0907-4449 0766 ? 12077426 10.1107/S0907444902006261 
1       
;CRYSTAL STRUCTURES OF PHOTOSYNTHETIC REACTION CENTER AND HIGH-POTENTIAL IRON-SULFUR PROTEIN FROM  
THERMOCHROMATIUM TEPIDUM: THERMOSTABILITY AND ELECTRON TRANSFER
;
Proc.Natl.Acad.Sci.USA     97 13561 13566 2000 PNASA6 US 0027-8424 0040 ? ?        10.1073/pnas.240224997    
2       
'CRYSTALLIZATION AND PRELIMINARY CRYSTALLOGRAPHIC ANALYSIS OF HIGH-POTENTIAL IRON-SULFUR PROTEIN FROM THERMOCHROMATIUM TEPIDUM' 
'Acta Crystallogr.,Sect.D' 56 656   658   2000 ABCRE6 DK 0907-4449 0766 ? ?        10.1107/S0907444900003127 
# 
loop_
_citation_author.citation_id 
_citation_author.name 
_citation_author.ordinal 
_citation_author.identifier_ORCID 
primary 'Liu, L.'       1  ? 
primary 'Nogi, T.'      2  ? 
primary 'Kobayashi, M.' 3  ? 
primary 'Nozawa, T.'    4  ? 
primary 'Miki, K.'      5  ? 
1       'Nogi, T.'      6  ? 
1       'Fathir, I.'    7  ? 
1       'Kobayashi, M.' 8  ? 
1       'Nozawa, T.'    9  ? 
1       'Miki, K.'      10 ? 
2       'Nogi, T.'      11 ? 
2       'Kobayashi, M.' 12 ? 
2       'Nozawa, T.'    13 ? 
2       'Miki, K.'      14 ? 
# 
loop_
_entity.id 
_entity.type 
_entity.src_method 
_entity.pdbx_description 
_entity.formula_weight 
_entity.pdbx_number_of_molecules 
_entity.pdbx_ec 
_entity.pdbx_mutation 
_entity.pdbx_fragment 
_entity.details 
1 polymer     nat 'High-potential iron-sulfur protein' 8793.851 1  ? ? ? ? 
2 non-polymer syn 'SULFATE ION'                        96.063   3  ? ? ? ? 
3 non-polymer syn 'IRON/SULFUR CLUSTER'                351.640  1  ? ? ? ? 
4 water       nat water                                18.015   93 ? ? ? ? 
# 
_entity_poly.entity_id                      1 
_entity_poly.type                           'polypeptide(L)' 
_entity_poly.nstd_linkage                   no 
_entity_poly.nstd_monomer                   no 
_entity_poly.pdbx_seq_one_letter_code       
;AAPANAVTADDPTAIALKYNQDATKSERVAAARPGLPPEEQHCANCQFMQANVGEGDWKGCQLFPGKLINVNGWCASWTL
KAG
;
_entity_poly.pdbx_seq_one_letter_code_can   
;AAPANAVTADDPTAIALKYNQDATKSERVAAARPGLPPEEQHCANCQFMQANVGEGDWKGCQLFPGKLINVNGWCASWTL
KAG
;
_entity_poly.pdbx_strand_id                 A 
_entity_poly.pdbx_target_identifier         ? 
# 
loop_
_pdbx_entity_nonpoly.entity_id 
_pdbx_entity_nonpoly.name 
_pdbx_entity_nonpoly.comp_id 
2 'SULFATE ION'         SO4 
3 'IRON/SULFUR CLUSTER' SF4 
4 water                 HOH 
# 
loop_
_entity_poly_seq.entity_id 
_entity_poly_seq.num 
_entity_poly_seq.mon_id 
_entity_poly_seq.hetero 
1 1  ALA n 
1 2  ALA n 
1 3  PRO n 
1 4  ALA n 
1 5  ASN n 
1 6  ALA n 
1 7  VAL n 
1 8  THR n 
1 9  ALA n 
1 10 ASP n 
1 11 ASP n 
1 12 PRO n 
1 13 THR n 
1 14 ALA n 
1 15 ILE n 
1 16 ALA n 
1 17 LEU n 
1 18 LYS n 
1 19 TYR n 
1 20 ASN n 
1 21 GLN n 
1 22 ASP n 
1 23 ALA n 
1 24 THR n 
1 25 LYS n 
1 26 SER n 
1 27 GLU n 
1 28 ARG n 
1 29 VAL n 
1 30 ALA n 
1 31 ALA n 
1 32 ALA n 
1 33 ARG n 
1 34 PRO n 
1 35 GLY n 
1 36 LEU n 
1 37 PRO n 
1 38 PRO n 
1 39 GLU n 
1 40 GLU n 
1 41 GLN n 
1 42 HIS n 
1 43 CYS n 
1 44 ALA n 
1 45 ASN n 
1 46 CYS n 
1 47 GLN n 
1 48 PHE n 
1 49 MET n 
1 50 GLN n 
1 51 ALA n 
1 52 ASN n 
1 53 VAL n 
1 54 GLY n 
1 55 GLU n 
1 56 GLY n 
1 57 ASP n 
1 58 TRP n 
1 59 LYS n 
1 60 GLY n 
1 61 CYS n 
1 62 GLN n 
1 63 LEU n 
1 64 PHE n 
1 65 PRO n 
1 66 GLY n 
1 67 LYS n 
1 68 LEU n 
1 69 ILE n 
1 70 ASN n 
1 71 VAL n 
1 72 ASN n 
1 73 GLY n 
1 74 TRP n 
1 75 CYS n 
1 76 ALA n 
1 77 SER n 
1 78 TRP n 
1 79 THR n 
1 80 LEU n 
1 81 LYS n 
1 82 ALA n 
1 83 GLY n 
# 
_entity_src_nat.entity_id                  1 
_entity_src_nat.pdbx_src_id                1 
_entity_src_nat.pdbx_alt_source_flag       sample 
_entity_src_nat.pdbx_beg_seq_num           ? 
_entity_src_nat.pdbx_end_seq_num           ? 
_entity_src_nat.common_name                ? 
_entity_src_nat.pdbx_organism_scientific   'Thermochromatium tepidum' 
_entity_src_nat.pdbx_ncbi_taxonomy_id      1050 
_entity_src_nat.genus                      Thermochromatium 
_entity_src_nat.species                    ? 
_entity_src_nat.strain                     ? 
_entity_src_nat.tissue                     ? 
_entity_src_nat.tissue_fraction            ? 
_entity_src_nat.pdbx_secretion             ? 
_entity_src_nat.pdbx_fragment              ? 
_entity_src_nat.pdbx_variant               ? 
_entity_src_nat.pdbx_cell_line             ? 
_entity_src_nat.pdbx_atcc                  ? 
_entity_src_nat.pdbx_cellular_location     ? 
_entity_src_nat.pdbx_organ                 ? 
_entity_src_nat.pdbx_organelle             ? 
_entity_src_nat.pdbx_cell                  ? 
_entity_src_nat.pdbx_plasmid_name          ? 
_entity_src_nat.pdbx_plasmid_details       ? 
_entity_src_nat.details                    ? 
# 
loop_
_chem_comp.id 
_chem_comp.type 
_chem_comp.mon_nstd_flag 
_chem_comp.name 
_chem_comp.pdbx_synonyms 
_chem_comp.formula 
_chem_comp.formula_weight 
ALA 'L-peptide linking' y ALANINE               ? 'C3 H7 N O2'     89.093  
ARG 'L-peptide linking' y ARGININE              ? 'C6 H15 N4 O2 1' 175.209 
ASN 'L-peptide linking' y ASPARAGINE            ? 'C4 H8 N2 O3'    132.118 
ASP 'L-peptide linking' y 'ASPARTIC ACID'       ? 'C4 H7 N O4'     133.103 
CYS 'L-peptide linking' y CYSTEINE              ? 'C3 H7 N O2 S'   121.158 
GLN 'L-peptide linking' y GLUTAMINE             ? 'C5 H10 N2 O3'   146.144 
GLU 'L-peptide linking' y 'GLUTAMIC ACID'       ? 'C5 H9 N O4'     147.129 
GLY 'peptide linking'   y GLYCINE               ? 'C2 H5 N O2'     75.067  
HIS 'L-peptide linking' y HISTIDINE             ? 'C6 H10 N3 O2 1' 156.162 
HOH non-polymer         . WATER                 ? 'H2 O'           18.015  
ILE 'L-peptide linking' y ISOLEUCINE            ? 'C6 H13 N O2'    131.173 
LEU 'L-peptide linking' y LEUCINE               ? 'C6 H13 N O2'    131.173 
LYS 'L-peptide linking' y LYSINE                ? 'C6 H15 N2 O2 1' 147.195 
MET 'L-peptide linking' y METHIONINE            ? 'C5 H11 N O2 S'  149.211 
PHE 'L-peptide linking' y PHENYLALANINE         ? 'C9 H11 N O2'    165.189 
PRO 'L-peptide linking' y PROLINE               ? 'C5 H9 N O2'     115.130 
SER 'L-peptide linking' y SERINE                ? 'C3 H7 N O3'     105.093 
SF4 non-polymer         . 'IRON/SULFUR CLUSTER' ? 'Fe4 S4'         351.640 
SO4 non-polymer         . 'SULFATE ION'         ? 'O4 S -2'        96.063  
THR 'L-peptide linking' y THREONINE             ? 'C4 H9 N O3'     119.119 
TRP 'L-peptide linking' y TRYPTOPHAN            ? 'C11 H12 N2 O2'  204.225 
TYR 'L-peptide linking' y TYROSINE              ? 'C9 H11 N O3'    181.189 
VAL 'L-peptide linking' y VALINE                ? 'C5 H11 N O2'    117.146 
# 
loop_
_pdbx_poly_seq_scheme.asym_id 
_pdbx_poly_seq_scheme.entity_id 
_pdbx_poly_seq_scheme.seq_id 
_pdbx_poly_seq_scheme.mon_id 
_pdbx_poly_seq_scheme.ndb_seq_num 
_pdbx_poly_seq_scheme.pdb_seq_num 
_pdbx_poly_seq_scheme.auth_seq_num 
_pdbx_poly_seq_scheme.pdb_mon_id 
_pdbx_poly_seq_scheme.auth_mon_id 
_pdbx_poly_seq_scheme.pdb_strand_id 
_pdbx_poly_seq_scheme.pdb_ins_code 
_pdbx_poly_seq_scheme.hetero 
A 1 1  ALA 1  1  1  ALA ALA A . n 
A 1 2  ALA 2  2  2  ALA ALA A . n 
A 1 3  PRO 3  3  3  PRO PRO A . n 
A 1 4  ALA 4  4  4  ALA ALA A . n 
A 1 5  ASN 5  5  5  ASN ASN A . n 
A 1 6  ALA 6  6  6  ALA ALA A . n 
A 1 7  VAL 7  7  7  VAL VAL A . n 
A 1 8  THR 8  8  8  THR THR A . n 
A 1 9  ALA 9  9  9  ALA ALA A . n 
A 1 10 ASP 10 10 10 ASP ASP A . n 
A 1 11 ASP 11 11 11 ASP ASP A . n 
A 1 12 PRO 12 12 12 PRO PRO A . n 
A 1 13 THR 13 13 13 THR THR A . n 
A 1 14 ALA 14 14 14 ALA ALA A . n 
A 1 15 ILE 15 15 15 ILE ILE A . n 
A 1 16 ALA 16 16 16 ALA ALA A . n 
A 1 17 LEU 17 17 17 LEU LEU A . n 
A 1 18 LYS 18 18 18 LYS LYS A . n 
A 1 19 TYR 19 19 19 TYR TYR A . n 
A 1 20 ASN 20 20 20 ASN ASN A . n 
A 1 21 GLN 21 21 21 GLN GLN A . n 
A 1 22 ASP 22 22 22 ASP ASP A . n 
A 1 23 ALA 23 23 23 ALA ALA A . n 
A 1 24 THR 24 24 24 THR THR A . n 
A 1 25 LYS 25 25 25 LYS LYS A . n 
A 1 26 SER 26 26 26 SER SER A . n 
A 1 27 GLU 27 27 27 GLU GLU A . n 
A 1 28 ARG 28 28 28 ARG ARG A . n 
A 1 29 VAL 29 29 29 VAL VAL A . n 
A 1 30 ALA 30 30 30 ALA ALA A . n 
A 1 31 ALA 31 31 31 ALA ALA A . n 
A 1 32 ALA 32 32 32 ALA ALA A . n 
A 1 33 ARG 33 33 33 ARG ARG A . n 
A 1 34 PRO 34 34 34 PRO PRO A . n 
A 1 35 GLY 35 35 35 GLY GLY A . n 
A 1 36 LEU 36 36 36 LEU LEU A . n 
A 1 37 PRO 37 37 37 PRO PRO A . n 
A 1 38 PRO 38 38 38 PRO PRO A . n 
A 1 39 GLU 39 39 39 GLU GLU A . n 
A 1 40 GLU 40 40 40 GLU GLU A . n 
A 1 41 GLN 41 41 41 GLN GLN A . n 
A 1 42 HIS 42 42 42 HIS HIS A . n 
A 1 43 CYS 43 43 43 CYS CYS A . n 
A 1 44 ALA 44 44 44 ALA ALA A . n 
A 1 45 ASN 45 45 45 ASN ASN A . n 
A 1 46 CYS 46 46 46 CYS CYS A . n 
A 1 47 GLN 47 47 47 GLN GLN A . n 
A 1 48 PHE 48 48 48 PHE PHE A . n 
A 1 49 MET 49 49 49 MET MET A . n 
A 1 50 GLN 50 50 50 GLN GLN A . n 
A 1 51 ALA 51 51 51 ALA ALA A . n 
A 1 52 ASN 52 52 52 ASN ASN A . n 
A 1 53 VAL 53 53 53 VAL VAL A . n 
A 1 54 GLY 54 54 54 GLY GLY A . n 
A 1 55 GLU 55 55 55 GLU GLU A . n 
A 1 56 GLY 56 56 56 GLY GLY A . n 
A 1 57 ASP 57 57 57 ASP ASP A . n 
A 1 58 TRP 58 58 58 TRP TRP A . n 
A 1 59 LYS 59 59 59 LYS LYS A . n 
A 1 60 GLY 60 60 60 GLY GLY A . n 
A 1 61 CYS 61 61 61 CYS CYS A . n 
A 1 62 GLN 62 62 62 GLN GLN A . n 
A 1 63 LEU 63 63 63 LEU LEU A . n 
A 1 64 PHE 64 64 64 PHE PHE A . n 
A 1 65 PRO 65 65 65 PRO PRO A . n 
A 1 66 GLY 66 66 66 GLY GLY A . n 
A 1 67 LYS 67 67 67 LYS LYS A . n 
A 1 68 LEU 68 68 68 LEU LEU A . n 
A 1 69 ILE 69 69 69 ILE ILE A . n 
A 1 70 ASN 70 70 70 ASN ASN A . n 
A 1 71 VAL 71 71 71 VAL VAL A . n 
A 1 72 ASN 72 72 72 ASN ASN A . n 
A 1 73 GLY 73 73 73 GLY GLY A . n 
A 1 74 TRP 74 74 74 TRP TRP A . n 
A 1 75 CYS 75 75 75 CYS CYS A . n 
A 1 76 ALA 76 76 76 ALA ALA A . n 
A 1 77 SER 77 77 77 SER SER A . n 
A 1 78 TRP 78 78 78 TRP TRP A . n 
A 1 79 THR 79 79 79 THR THR A . n 
A 1 80 LEU 80 80 80 LEU LEU A . n 
A 1 81 LYS 81 81 81 LYS LYS A . n 
A 1 82 ALA 82 82 82 ALA ALA A . n 
A 1 83 GLY 83 83 83 GLY GLY A . n 
# 
loop_
_pdbx_nonpoly_scheme.asym_id 
_pdbx_nonpoly_scheme.entity_id 
_pdbx_nonpoly_scheme.mon_id 
_pdbx_nonpoly_scheme.ndb_seq_num 
_pdbx_nonpoly_scheme.pdb_seq_num 
_pdbx_nonpoly_scheme.auth_seq_num 
_pdbx_nonpoly_scheme.pdb_mon_id 
_pdbx_nonpoly_scheme.auth_mon_id 
_pdbx_nonpoly_scheme.pdb_strand_id 
_pdbx_nonpoly_scheme.pdb_ins_code 
B 2 SO4 1  901  901  SO4 SO4 A . 
C 2 SO4 1  902  902  SO4 SO4 A . 
D 2 SO4 1  903  903  SO4 SO4 A . 
E 3 SF4 1  84   84   SF4 FS4 A . 
F 4 HOH 1  6001 6001 HOH HOH A . 
F 4 HOH 2  6002 6002 HOH HOH A . 
F 4 HOH 3  6003 6003 HOH HOH A . 
F 4 HOH 4  6004 6004 HOH HOH A . 
F 4 HOH 5  6005 6005 HOH HOH A . 
F 4 HOH 6  6006 6006 HOH HOH A . 
F 4 HOH 7  6007 6007 HOH HOH A . 
F 4 HOH 8  6008 6008 HOH HOH A . 
F 4 HOH 9  6009 6009 HOH HOH A . 
F 4 HOH 10 6010 6010 HOH HOH A . 
F 4 HOH 11 6011 6011 HOH HOH A . 
F 4 HOH 12 6012 6012 HOH HOH A . 
F 4 HOH 13 6013 6013 HOH HOH A . 
F 4 HOH 14 6014 6014 HOH HOH A . 
F 4 HOH 15 6015 6015 HOH HOH A . 
F 4 HOH 16 6016 6016 HOH HOH A . 
F 4 HOH 17 6017 6017 HOH HOH A . 
F 4 HOH 18 6018 6018 HOH HOH A . 
F 4 HOH 19 6019 6019 HOH HOH A . 
F 4 HOH 20 6020 6020 HOH HOH A . 
F 4 HOH 21 6021 6021 HOH HOH A . 
F 4 HOH 22 6022 6022 HOH HOH A . 
F 4 HOH 23 6023 6023 HOH HOH A . 
F 4 HOH 24 6024 6024 HOH HOH A . 
F 4 HOH 25 6025 6025 HOH HOH A . 
F 4 HOH 26 6026 6026 HOH HOH A . 
F 4 HOH 27 6027 6027 HOH HOH A . 
F 4 HOH 28 6028 6028 HOH HOH A . 
F 4 HOH 29 6029 6029 HOH HOH A . 
F 4 HOH 30 6030 6030 HOH HOH A . 
F 4 HOH 31 6031 6031 HOH HOH A . 
F 4 HOH 32 6032 6032 HOH HOH A . 
F 4 HOH 33 6033 6033 HOH HOH A . 
F 4 HOH 34 6034 6034 HOH HOH A . 
F 4 HOH 35 6035 6035 HOH HOH A . 
F 4 HOH 36 6036 6036 HOH HOH A . 
F 4 HOH 37 6037 6037 HOH HOH A . 
F 4 HOH 38 6038 6038 HOH HOH A . 
F 4 HOH 39 6039 6039 HOH HOH A . 
F 4 HOH 40 6040 6040 HOH HOH A . 
F 4 HOH 41 6041 6041 HOH HOH A . 
F 4 HOH 42 6042 6042 HOH HOH A . 
F 4 HOH 43 6043 6043 HOH HOH A . 
F 4 HOH 44 6044 6044 HOH HOH A . 
F 4 HOH 45 6045 6045 HOH HOH A . 
F 4 HOH 46 6046 6046 HOH HOH A . 
F 4 HOH 47 6047 6047 HOH HOH A . 
F 4 HOH 48 6048 6048 HOH HOH A . 
F 4 HOH 49 6049 6049 HOH HOH A . 
F 4 HOH 50 6050 6050 HOH HOH A . 
F 4 HOH 51 6051 6051 HOH HOH A . 
F 4 HOH 52 6052 6052 HOH HOH A . 
F 4 HOH 53 6053 6053 HOH HOH A . 
F 4 HOH 54 6054 6054 HOH HOH A . 
F 4 HOH 55 6055 6055 HOH HOH A . 
F 4 HOH 56 6056 6056 HOH HOH A . 
F 4 HOH 57 6057 6057 HOH HOH A . 
F 4 HOH 58 6058 6058 HOH HOH A . 
F 4 HOH 59 6059 6059 HOH HOH A . 
F 4 HOH 60 6060 6060 HOH HOH A . 
F 4 HOH 61 6061 6061 HOH HOH A . 
F 4 HOH 62 6062 6062 HOH HOH A . 
F 4 HOH 63 6063 6063 HOH HOH A . 
F 4 HOH 64 6064 6064 HOH HOH A . 
F 4 HOH 65 6065 6065 HOH HOH A . 
F 4 HOH 66 6066 6066 HOH HOH A . 
F 4 HOH 67 6067 6067 HOH HOH A . 
F 4 HOH 68 6068 6068 HOH HOH A . 
F 4 HOH 69 6069 6069 HOH HOH A . 
F 4 HOH 70 6070 6070 HOH HOH A . 
F 4 HOH 71 6071 6071 HOH HOH A . 
F 4 HOH 72 6072 6072 HOH HOH A . 
F 4 HOH 73 6073 6073 HOH HOH A . 
F 4 HOH 74 6074 6074 HOH HOH A . 
F 4 HOH 75 6075 6075 HOH HOH A . 
F 4 HOH 76 6076 6076 HOH HOH A . 
F 4 HOH 77 6077 6077 HOH HOH A . 
F 4 HOH 78 6078 6078 HOH HOH A . 
F 4 HOH 79 6079 6079 HOH HOH A . 
F 4 HOH 80 6080 6080 HOH HOH A . 
F 4 HOH 81 6081 6081 HOH HOH A . 
F 4 HOH 82 6082 6082 HOH HOH A . 
F 4 HOH 83 6083 6083 HOH HOH A . 
F 4 HOH 84 6084 6084 HOH HOH A . 
F 4 HOH 85 6085 6085 HOH HOH A . 
F 4 HOH 86 6086 6086 HOH HOH A . 
F 4 HOH 87 6087 6087 HOH HOH A . 
F 4 HOH 88 6088 6088 HOH HOH A . 
F 4 HOH 89 6089 6089 HOH HOH A . 
F 4 HOH 90 6090 6090 HOH HOH A . 
F 4 HOH 91 6091 6091 HOH HOH A . 
F 4 HOH 92 6092 6092 HOH HOH A . 
F 4 HOH 93 6093 6093 HOH HOH A . 
# 
loop_
_software.name 
_software.classification 
_software.version 
_software.citation_id 
_software.pdbx_ordinal 
AMoRE     phasing          . ? 1 
SHELXL-97 refinement       . ? 2 
DENZO     'data reduction' . ? 3 
SCALEPACK 'data scaling'   . ? 4 
# 
_cell.entry_id           1IUA 
_cell.length_a           44.697 
_cell.length_b           58.272 
_cell.length_c           23.454 
_cell.angle_alpha        90.00 
_cell.angle_beta         90.00 
_cell.angle_gamma        90.00 
_cell.Z_PDB              4 
_cell.pdbx_unique_axis   ? 
# 
_symmetry.entry_id                         1IUA 
_symmetry.space_group_name_H-M             'P 21 21 21' 
_symmetry.pdbx_full_space_group_name_H-M   ? 
_symmetry.cell_setting                     ? 
_symmetry.Int_Tables_number                19 
# 
_exptl.entry_id          1IUA 
_exptl.method            'X-RAY DIFFRACTION' 
_exptl.crystals_number   1 
# 
_exptl_crystal.id                    1 
_exptl_crystal.density_meas          ? 
_exptl_crystal.density_percent_sol   29.17 
_exptl_crystal.density_Matthews      1.74 
_exptl_crystal.description           ? 
# 
_exptl_crystal_grow.crystal_id      1 
_exptl_crystal_grow.method          'VAPOR DIFFUSION, SITTING DROP' 
_exptl_crystal_grow.temp            293.2 
_exptl_crystal_grow.temp_details    ? 
_exptl_crystal_grow.pH              3.5 
_exptl_crystal_grow.pdbx_details    '0.7M A/S, 0.05M Sodium Citrate, pH 3.5, VAPOR DIFFUSION, SITTING DROP, temperature 293.2K' 
_exptl_crystal_grow.pdbx_pH_range   . 
# 
_diffrn.id                     1 
_diffrn.ambient_temp           100 
_diffrn.ambient_temp_details   ? 
_diffrn.crystal_id             1 
# 
_diffrn_detector.diffrn_id              1 
_diffrn_detector.detector               'IMAGE PLATE' 
_diffrn_detector.type                   'RIGAKU RAXIS IV' 
_diffrn_detector.pdbx_collection_date   2000-03-25 
_diffrn_detector.details                ? 
# 
_diffrn_radiation.diffrn_id                        1 
_diffrn_radiation.wavelength_id                    1 
_diffrn_radiation.pdbx_monochromatic_or_laue_m_l   M 
_diffrn_radiation.monochromator                    undulator 
_diffrn_radiation.pdbx_diffrn_protocol             'SINGLE WAVELENGTH' 
_diffrn_radiation.pdbx_scattering_type             x-ray 
# 
_diffrn_radiation_wavelength.id           1 
_diffrn_radiation_wavelength.wavelength   0.7293 
_diffrn_radiation_wavelength.wt           1.0 
# 
_diffrn_source.diffrn_id                   1 
_diffrn_source.source                      SYNCHROTRON 
_diffrn_source.type                        'SPRING-8 BEAMLINE BL40B2' 
_diffrn_source.pdbx_synchrotron_site       SPring-8 
_diffrn_source.pdbx_synchrotron_beamline   BL40B2 
_diffrn_source.pdbx_wavelength             ? 
_diffrn_source.pdbx_wavelength_list        0.7293 
# 
_reflns.entry_id                     1IUA 
_reflns.observed_criterion_sigma_I   2.0 
_reflns.observed_criterion_sigma_F   2.0 
_reflns.d_resolution_low             50 
_reflns.d_resolution_high            0.80 
_reflns.number_obs                   64373 
_reflns.number_all                   65310 
_reflns.percent_possible_obs         98.6 
_reflns.pdbx_Rmerge_I_obs            ? 
_reflns.pdbx_Rsym_value              ? 
_reflns.pdbx_netI_over_sigmaI        ? 
_reflns.B_iso_Wilson_estimate        ? 
_reflns.pdbx_redundancy              ? 
_reflns.R_free_details               ? 
_reflns.limit_h_max                  ? 
_reflns.limit_h_min                  ? 
_reflns.limit_k_max                  ? 
_reflns.limit_k_min                  ? 
_reflns.limit_l_max                  ? 
_reflns.limit_l_min                  ? 
_reflns.observed_criterion_F_max     ? 
_reflns.observed_criterion_F_min     ? 
_reflns.pdbx_diffrn_id               1 
_reflns.pdbx_ordinal                 1 
# 
_reflns_shell.d_res_high             0.80 
_reflns_shell.d_res_low              0.81 
_reflns_shell.percent_possible_all   95.5 
_reflns_shell.Rmerge_I_obs           ? 
_reflns_shell.pdbx_Rsym_value        ? 
_reflns_shell.meanI_over_sigI_obs    ? 
_reflns_shell.pdbx_redundancy        ? 
_reflns_shell.percent_possible_obs   ? 
_reflns_shell.number_unique_all      ? 
_reflns_shell.pdbx_diffrn_id         ? 
_reflns_shell.pdbx_ordinal           1 
# 
_refine.entry_id                                 1IUA 
_refine.ls_number_reflns_obs                     52278 
_refine.ls_number_reflns_all                     60959 
_refine.pdbx_ls_sigma_I                          ? 
_refine.pdbx_ls_sigma_F                          4.0 
_refine.pdbx_data_cutoff_high_absF               ? 
_refine.pdbx_data_cutoff_low_absF                ? 
_refine.ls_d_res_low                             20 
_refine.ls_d_res_high                            0.80 
_refine.ls_percent_reflns_obs                    ? 
_refine.ls_R_factor_obs                          0.0916 
_refine.ls_R_factor_all                          0.1011 
_refine.ls_R_factor_R_work                       ? 
_refine.ls_R_factor_R_free                       0.1141 
_refine.ls_R_factor_R_free_error                 ? 
_refine.ls_R_factor_R_free_error_details         ? 
_refine.ls_percent_reflns_R_free                 ? 
_refine.ls_number_reflns_R_free                  2842 
_refine.ls_number_parameters                     ? 
_refine.ls_number_restraints                     ? 
_refine.occupancy_min                            ? 
_refine.occupancy_max                            ? 
_refine.correlation_coeff_Fo_to_Fc               ? 
_refine.correlation_coeff_Fo_to_Fc_free          ? 
_refine.B_iso_mean                               ? 
_refine.aniso_B[1][1]                            ? 
_refine.aniso_B[2][2]                            ? 
_refine.aniso_B[3][3]                            ? 
_refine.aniso_B[1][2]                            ? 
_refine.aniso_B[1][3]                            ? 
_refine.aniso_B[2][3]                            ? 
_refine.solvent_model_details                    ? 
_refine.solvent_model_param_ksol                 ? 
_refine.solvent_model_param_bsol                 ? 
_refine.pdbx_solvent_vdw_probe_radii             ? 
_refine.pdbx_solvent_ion_probe_radii             ? 
_refine.pdbx_solvent_shrinkage_radii             ? 
_refine.pdbx_ls_cross_valid_method               ? 
_refine.details                                  'No restraint for the last full-matrix refinement' 
_refine.pdbx_starting_model                      ? 
_refine.pdbx_method_to_determine_struct          'MOLECULAR REPLACEMENT' 
_refine.pdbx_isotropic_thermal_model             ? 
_refine.pdbx_stereochemistry_target_values       'Engh & Huber' 
_refine.pdbx_stereochem_target_val_spec_case     ? 
_refine.pdbx_R_Free_selection_details            random 
_refine.pdbx_overall_ESU_R_Free                  ? 
_refine.overall_SU_B                             ? 
_refine.ls_redundancy_reflns_obs                 ? 
_refine.B_iso_min                                ? 
_refine.B_iso_max                                ? 
_refine.overall_SU_R_Cruickshank_DPI             ? 
_refine.overall_SU_R_free                        ? 
_refine.overall_SU_ML                            ? 
_refine.pdbx_overall_ESU_R                       ? 
_refine.pdbx_data_cutoff_high_rms_absF           ? 
_refine.pdbx_refine_id                           'X-RAY DIFFRACTION' 
_refine.pdbx_diffrn_id                           1 
_refine.pdbx_TLS_residual_ADP_flag               ? 
_refine.pdbx_overall_phase_error                 ? 
_refine.pdbx_overall_SU_R_free_Cruickshank_DPI   ? 
_refine.pdbx_overall_SU_R_Blow_DPI               ? 
_refine.pdbx_overall_SU_R_free_Blow_DPI          ? 
# 
_refine_hist.pdbx_refine_id                   'X-RAY DIFFRACTION' 
_refine_hist.cycle_id                         LAST 
_refine_hist.pdbx_number_atoms_protein        642 
_refine_hist.pdbx_number_atoms_nucleic_acid   0 
_refine_hist.pdbx_number_atoms_ligand         23 
_refine_hist.number_atoms_solvent             100 
_refine_hist.number_atoms_total               765 
_refine_hist.d_res_high                       0.80 
_refine_hist.d_res_low                        20 
# 
loop_
_refine_ls_restr.type 
_refine_ls_restr.dev_ideal 
_refine_ls_restr.dev_ideal_target 
_refine_ls_restr.weight 
_refine_ls_restr.number 
_refine_ls_restr.pdbx_refine_id 
_refine_ls_restr.pdbx_restraint_function 
'rmsd bonds'  0.016 ? ? ? 'X-RAY DIFFRACTION' ? 
'rmsd angles' 2.0   ? ? ? 'X-RAY DIFFRACTION' ? 
# 
_struct.entry_id                  1IUA 
_struct.title                     'Ultra-high resolution structure of HiPIP from Thermochromatium tepidum' 
_struct.pdbx_model_details        ? 
_struct.pdbx_CASP_flag            ? 
_struct.pdbx_model_type_details   ? 
# 
_struct_keywords.entry_id        1IUA 
_struct_keywords.pdbx_keywords   'ELECTRON TRANSPORT' 
_struct_keywords.text            'HiPIP, ELECTRON TRANSPORT' 
# 
loop_
_struct_asym.id 
_struct_asym.pdbx_blank_PDB_chainid_flag 
_struct_asym.pdbx_modified 
_struct_asym.entity_id 
_struct_asym.details 
A N N 1 ? 
B N N 2 ? 
C N N 2 ? 
D N N 2 ? 
E N N 3 ? 
F N N 4 ? 
# 
_struct_ref.id                         1 
_struct_ref.db_name                    UNP 
_struct_ref.db_code                    HIP_THETI 
_struct_ref.entity_id                  1 
_struct_ref.pdbx_seq_one_letter_code   
;AAPANAVTADDPTAIALKYNQDATKSERVAAARPGLPPEEQHCANCQFMQANVGEGDWKGCQLFPGKLINVNGWCASWTL
KAG
;
_struct_ref.pdbx_align_begin           1 
_struct_ref.pdbx_db_accession          P80176 
_struct_ref.pdbx_db_isoform            ? 
# 
_struct_ref_seq.align_id                      1 
_struct_ref_seq.ref_id                        1 
_struct_ref_seq.pdbx_PDB_id_code              1IUA 
_struct_ref_seq.pdbx_strand_id                A 
_struct_ref_seq.seq_align_beg                 1 
_struct_ref_seq.pdbx_seq_align_beg_ins_code   ? 
_struct_ref_seq.seq_align_end                 83 
_struct_ref_seq.pdbx_seq_align_end_ins_code   ? 
_struct_ref_seq.pdbx_db_accession             P80176 
_struct_ref_seq.db_align_beg                  1 
_struct_ref_seq.pdbx_db_align_beg_ins_code    ? 
_struct_ref_seq.db_align_end                  83 
_struct_ref_seq.pdbx_db_align_end_ins_code    ? 
_struct_ref_seq.pdbx_auth_seq_align_beg       1 
_struct_ref_seq.pdbx_auth_seq_align_end       83 
# 
_pdbx_struct_assembly.id                   1 
_pdbx_struct_assembly.details              author_defined_assembly 
_pdbx_struct_assembly.method_details       ? 
_pdbx_struct_assembly.oligomeric_details   monomeric 
_pdbx_struct_assembly.oligomeric_count     1 
# 
_pdbx_struct_assembly_gen.assembly_id       1 
_pdbx_struct_assembly_gen.oper_expression   1 
_pdbx_struct_assembly_gen.asym_id_list      A,B,C,D,E,F 
# 
_pdbx_struct_oper_list.id                   1 
_pdbx_struct_oper_list.type                 'identity operation' 
_pdbx_struct_oper_list.name                 1_555 
_pdbx_struct_oper_list.symmetry_operation   x,y,z 
_pdbx_struct_oper_list.matrix[1][1]         1.0000000000 
_pdbx_struct_oper_list.matrix[1][2]         0.0000000000 
_pdbx_struct_oper_list.matrix[1][3]         0.0000000000 
_pdbx_struct_oper_list.vector[1]            0.0000000000 
_pdbx_struct_oper_list.matrix[2][1]         0.0000000000 
_pdbx_struct_oper_list.matrix[2][2]         1.0000000000 
_pdbx_struct_oper_list.matrix[2][3]         0.0000000000 
_pdbx_struct_oper_list.vector[2]            0.0000000000 
_pdbx_struct_oper_list.matrix[3][1]         0.0000000000 
_pdbx_struct_oper_list.matrix[3][2]         0.0000000000 
_pdbx_struct_oper_list.matrix[3][3]         1.0000000000 
_pdbx_struct_oper_list.vector[3]            0.0000000000 
# 
loop_
_struct_conf.conf_type_id 
_struct_conf.id 
_struct_conf.pdbx_PDB_helix_id 
_struct_conf.beg_label_comp_id 
_struct_conf.beg_label_asym_id 
_struct_conf.beg_label_seq_id 
_struct_conf.pdbx_beg_PDB_ins_code 
_struct_conf.end_label_comp_id 
_struct_conf.end_label_asym_id 
_struct_conf.end_label_seq_id 
_struct_conf.pdbx_end_PDB_ins_code 
_struct_conf.beg_auth_comp_id 
_struct_conf.beg_auth_asym_id 
_struct_conf.beg_auth_seq_id 
_struct_conf.end_auth_comp_id 
_struct_conf.end_auth_asym_id 
_struct_conf.end_auth_seq_id 
_struct_conf.pdbx_PDB_helix_class 
_struct_conf.details 
_struct_conf.pdbx_PDB_helix_length 
HELX_P HELX_P1 1 ASP A 11 ? LEU A 17 ? ASP A 11 LEU A 17 1 ? 7 
HELX_P HELX_P2 2 ASP A 22 ? SER A 26 ? ASP A 22 SER A 26 5 ? 5 
HELX_P HELX_P3 3 GLU A 27 ? ALA A 32 ? GLU A 27 ALA A 32 1 ? 6 
HELX_P HELX_P4 4 PRO A 37 ? GLN A 41 ? PRO A 37 GLN A 41 5 ? 5 
HELX_P HELX_P5 5 HIS A 42 ? CYS A 46 ? HIS A 42 CYS A 46 5 ? 5 
# 
_struct_conf_type.id          HELX_P 
_struct_conf_type.criteria    ? 
_struct_conf_type.reference   ? 
# 
loop_
_struct_conn.id 
_struct_conn.conn_type_id 
_struct_conn.pdbx_leaving_atom_flag 
_struct_conn.pdbx_PDB_id 
_struct_conn.ptnr1_label_asym_id 
_struct_conn.ptnr1_label_comp_id 
_struct_conn.ptnr1_label_seq_id 
_struct_conn.ptnr1_label_atom_id 
_struct_conn.pdbx_ptnr1_label_alt_id 
_struct_conn.pdbx_ptnr1_PDB_ins_code 
_struct_conn.pdbx_ptnr1_standard_comp_id 
_struct_conn.ptnr1_symmetry 
_struct_conn.ptnr2_label_asym_id 
_struct_conn.ptnr2_label_comp_id 
_struct_conn.ptnr2_label_seq_id 
_struct_conn.ptnr2_label_atom_id 
_struct_conn.pdbx_ptnr2_label_alt_id 
_struct_conn.pdbx_ptnr2_PDB_ins_code 
_struct_conn.ptnr1_auth_asym_id 
_struct_conn.ptnr1_auth_comp_id 
_struct_conn.ptnr1_auth_seq_id 
_struct_conn.ptnr2_auth_asym_id 
_struct_conn.ptnr2_auth_comp_id 
_struct_conn.ptnr2_auth_seq_id 
_struct_conn.ptnr2_symmetry 
_struct_conn.pdbx_ptnr3_label_atom_id 
_struct_conn.pdbx_ptnr3_label_seq_id 
_struct_conn.pdbx_ptnr3_label_comp_id 
_struct_conn.pdbx_ptnr3_label_asym_id 
_struct_conn.pdbx_ptnr3_label_alt_id 
_struct_conn.pdbx_ptnr3_PDB_ins_code 
_struct_conn.details 
_struct_conn.pdbx_dist_value 
_struct_conn.pdbx_value_order 
_struct_conn.pdbx_role 
metalc1 metalc ? ? A CYS 43 SG ? ? ? 1_555 E SF4 . FE1 ? ? A CYS 43 A SF4 84 1_555 ? ? ? ? ? ? ? 2.251 ? ? 
metalc2 metalc ? ? A CYS 46 SG ? ? ? 1_555 E SF4 . FE2 ? ? A CYS 46 A SF4 84 1_555 ? ? ? ? ? ? ? 2.274 ? ? 
metalc3 metalc ? ? A CYS 61 SG ? ? ? 1_555 E SF4 . FE3 ? ? A CYS 61 A SF4 84 1_555 ? ? ? ? ? ? ? 2.257 ? ? 
metalc4 metalc ? ? A CYS 75 SG ? ? ? 1_555 E SF4 . FE4 ? ? A CYS 75 A SF4 84 1_555 ? ? ? ? ? ? ? 2.263 ? ? 
# 
_struct_conn_type.id          metalc 
_struct_conn_type.criteria    ? 
_struct_conn_type.reference   ? 
# 
loop_
_pdbx_struct_conn_angle.id 
_pdbx_struct_conn_angle.ptnr1_label_atom_id 
_pdbx_struct_conn_angle.ptnr1_label_alt_id 
_pdbx_struct_conn_angle.ptnr1_label_asym_id 
_pdbx_struct_conn_angle.ptnr1_label_comp_id 
_pdbx_struct_conn_angle.ptnr1_label_seq_id 
_pdbx_struct_conn_angle.ptnr1_auth_atom_id 
_pdbx_struct_conn_angle.ptnr1_auth_asym_id 
_pdbx_struct_conn_angle.ptnr1_auth_comp_id 
_pdbx_struct_conn_angle.ptnr1_auth_seq_id 
_pdbx_struct_conn_angle.ptnr1_PDB_ins_code 
_pdbx_struct_conn_angle.ptnr1_symmetry 
_pdbx_struct_conn_angle.ptnr2_label_atom_id 
_pdbx_struct_conn_angle.ptnr2_label_alt_id 
_pdbx_struct_conn_angle.ptnr2_label_asym_id 
_pdbx_struct_conn_angle.ptnr2_label_comp_id 
_pdbx_struct_conn_angle.ptnr2_label_seq_id 
_pdbx_struct_conn_angle.ptnr2_auth_atom_id 
_pdbx_struct_conn_angle.ptnr2_auth_asym_id 
_pdbx_struct_conn_angle.ptnr2_auth_comp_id 
_pdbx_struct_conn_angle.ptnr2_auth_seq_id 
_pdbx_struct_conn_angle.ptnr2_PDB_ins_code 
_pdbx_struct_conn_angle.ptnr2_symmetry 
_pdbx_struct_conn_angle.ptnr3_label_atom_id 
_pdbx_struct_conn_angle.ptnr3_label_alt_id 
_pdbx_struct_conn_angle.ptnr3_label_asym_id 
_pdbx_struct_conn_angle.ptnr3_label_comp_id 
_pdbx_struct_conn_angle.ptnr3_label_seq_id 
_pdbx_struct_conn_angle.ptnr3_auth_atom_id 
_pdbx_struct_conn_angle.ptnr3_auth_asym_id 
_pdbx_struct_conn_angle.ptnr3_auth_comp_id 
_pdbx_struct_conn_angle.ptnr3_auth_seq_id 
_pdbx_struct_conn_angle.ptnr3_PDB_ins_code 
_pdbx_struct_conn_angle.ptnr3_symmetry 
_pdbx_struct_conn_angle.value 
_pdbx_struct_conn_angle.value_esd 
1  SG ? A CYS 43 ? A CYS 43 ? 1_555 FE1 ? E SF4 . ? A SF4 84 ? 1_555 S2 ? E SF4 . ? A SF4 84 ? 1_555 112.8 ? 
2  SG ? A CYS 43 ? A CYS 43 ? 1_555 FE1 ? E SF4 . ? A SF4 84 ? 1_555 S3 ? E SF4 . ? A SF4 84 ? 1_555 116.0 ? 
3  S2 ? E SF4 .  ? A SF4 84 ? 1_555 FE1 ? E SF4 . ? A SF4 84 ? 1_555 S3 ? E SF4 . ? A SF4 84 ? 1_555 105.4 ? 
4  SG ? A CYS 43 ? A CYS 43 ? 1_555 FE1 ? E SF4 . ? A SF4 84 ? 1_555 S4 ? E SF4 . ? A SF4 84 ? 1_555 112.7 ? 
5  S2 ? E SF4 .  ? A SF4 84 ? 1_555 FE1 ? E SF4 . ? A SF4 84 ? 1_555 S4 ? E SF4 . ? A SF4 84 ? 1_555 104.6 ? 
6  S3 ? E SF4 .  ? A SF4 84 ? 1_555 FE1 ? E SF4 . ? A SF4 84 ? 1_555 S4 ? E SF4 . ? A SF4 84 ? 1_555 104.2 ? 
7  SG ? A CYS 46 ? A CYS 46 ? 1_555 FE2 ? E SF4 . ? A SF4 84 ? 1_555 S1 ? E SF4 . ? A SF4 84 ? 1_555 114.3 ? 
8  SG ? A CYS 46 ? A CYS 46 ? 1_555 FE2 ? E SF4 . ? A SF4 84 ? 1_555 S3 ? E SF4 . ? A SF4 84 ? 1_555 115.4 ? 
9  S1 ? E SF4 .  ? A SF4 84 ? 1_555 FE2 ? E SF4 . ? A SF4 84 ? 1_555 S3 ? E SF4 . ? A SF4 84 ? 1_555 104.6 ? 
10 SG ? A CYS 46 ? A CYS 46 ? 1_555 FE2 ? E SF4 . ? A SF4 84 ? 1_555 S4 ? E SF4 . ? A SF4 84 ? 1_555 112.1 ? 
11 S1 ? E SF4 .  ? A SF4 84 ? 1_555 FE2 ? E SF4 . ? A SF4 84 ? 1_555 S4 ? E SF4 . ? A SF4 84 ? 1_555 105.2 ? 
12 S3 ? E SF4 .  ? A SF4 84 ? 1_555 FE2 ? E SF4 . ? A SF4 84 ? 1_555 S4 ? E SF4 . ? A SF4 84 ? 1_555 104.3 ? 
13 SG ? A CYS 61 ? A CYS 61 ? 1_555 FE3 ? E SF4 . ? A SF4 84 ? 1_555 S1 ? E SF4 . ? A SF4 84 ? 1_555 104.7 ? 
14 SG ? A CYS 61 ? A CYS 61 ? 1_555 FE3 ? E SF4 . ? A SF4 84 ? 1_555 S2 ? E SF4 . ? A SF4 84 ? 1_555 119.0 ? 
15 S1 ? E SF4 .  ? A SF4 84 ? 1_555 FE3 ? E SF4 . ? A SF4 84 ? 1_555 S2 ? E SF4 . ? A SF4 84 ? 1_555 105.4 ? 
16 SG ? A CYS 61 ? A CYS 61 ? 1_555 FE3 ? E SF4 . ? A SF4 84 ? 1_555 S4 ? E SF4 . ? A SF4 84 ? 1_555 117.8 ? 
17 S1 ? E SF4 .  ? A SF4 84 ? 1_555 FE3 ? E SF4 . ? A SF4 84 ? 1_555 S4 ? E SF4 . ? A SF4 84 ? 1_555 104.8 ? 
18 S2 ? E SF4 .  ? A SF4 84 ? 1_555 FE3 ? E SF4 . ? A SF4 84 ? 1_555 S4 ? E SF4 . ? A SF4 84 ? 1_555 103.6 ? 
19 SG ? A CYS 75 ? A CYS 75 ? 1_555 FE4 ? E SF4 . ? A SF4 84 ? 1_555 S1 ? E SF4 . ? A SF4 84 ? 1_555 104.8 ? 
20 SG ? A CYS 75 ? A CYS 75 ? 1_555 FE4 ? E SF4 . ? A SF4 84 ? 1_555 S2 ? E SF4 . ? A SF4 84 ? 1_555 109.3 ? 
21 S1 ? E SF4 .  ? A SF4 84 ? 1_555 FE4 ? E SF4 . ? A SF4 84 ? 1_555 S2 ? E SF4 . ? A SF4 84 ? 1_555 106.4 ? 
22 SG ? A CYS 75 ? A CYS 75 ? 1_555 FE4 ? E SF4 . ? A SF4 84 ? 1_555 S3 ? E SF4 . ? A SF4 84 ? 1_555 126.6 ? 
23 S1 ? E SF4 .  ? A SF4 84 ? 1_555 FE4 ? E SF4 . ? A SF4 84 ? 1_555 S3 ? E SF4 . ? A SF4 84 ? 1_555 103.5 ? 
24 S2 ? E SF4 .  ? A SF4 84 ? 1_555 FE4 ? E SF4 . ? A SF4 84 ? 1_555 S3 ? E SF4 . ? A SF4 84 ? 1_555 104.6 ? 
# 
_struct_sheet.id               A 
_struct_sheet.type             ? 
_struct_sheet.number_strands   3 
_struct_sheet.details          ? 
# 
loop_
_struct_sheet_order.sheet_id 
_struct_sheet_order.range_id_1 
_struct_sheet_order.range_id_2 
_struct_sheet_order.offset 
_struct_sheet_order.sense 
A 1 2 ? anti-parallel 
A 2 3 ? anti-parallel 
# 
loop_
_struct_sheet_range.sheet_id 
_struct_sheet_range.id 
_struct_sheet_range.beg_label_comp_id 
_struct_sheet_range.beg_label_asym_id 
_struct_sheet_range.beg_label_seq_id 
_struct_sheet_range.pdbx_beg_PDB_ins_code 
_struct_sheet_range.end_label_comp_id 
_struct_sheet_range.end_label_asym_id 
_struct_sheet_range.end_label_seq_id 
_struct_sheet_range.pdbx_end_PDB_ins_code 
_struct_sheet_range.beg_auth_comp_id 
_struct_sheet_range.beg_auth_asym_id 
_struct_sheet_range.beg_auth_seq_id 
_struct_sheet_range.end_auth_comp_id 
_struct_sheet_range.end_auth_asym_id 
_struct_sheet_range.end_auth_seq_id 
A 1 MET A 49 ? GLU A 55 ? MET A 49 GLU A 55 
A 2 TRP A 58 ? CYS A 61 ? TRP A 58 CYS A 61 
A 3 ILE A 69 ? ASN A 70 ? ILE A 69 ASN A 70 
# 
loop_
_pdbx_struct_sheet_hbond.sheet_id 
_pdbx_struct_sheet_hbond.range_id_1 
_pdbx_struct_sheet_hbond.range_id_2 
_pdbx_struct_sheet_hbond.range_1_label_atom_id 
_pdbx_struct_sheet_hbond.range_1_label_comp_id 
_pdbx_struct_sheet_hbond.range_1_label_asym_id 
_pdbx_struct_sheet_hbond.range_1_label_seq_id 
_pdbx_struct_sheet_hbond.range_1_PDB_ins_code 
_pdbx_struct_sheet_hbond.range_1_auth_atom_id 
_pdbx_struct_sheet_hbond.range_1_auth_comp_id 
_pdbx_struct_sheet_hbond.range_1_auth_asym_id 
_pdbx_struct_sheet_hbond.range_1_auth_seq_id 
_pdbx_struct_sheet_hbond.range_2_label_atom_id 
_pdbx_struct_sheet_hbond.range_2_label_comp_id 
_pdbx_struct_sheet_hbond.range_2_label_asym_id 
_pdbx_struct_sheet_hbond.range_2_label_seq_id 
_pdbx_struct_sheet_hbond.range_2_PDB_ins_code 
_pdbx_struct_sheet_hbond.range_2_auth_atom_id 
_pdbx_struct_sheet_hbond.range_2_auth_comp_id 
_pdbx_struct_sheet_hbond.range_2_auth_asym_id 
_pdbx_struct_sheet_hbond.range_2_auth_seq_id 
A 1 2 N GLN A 50 ? N GLN A 50 O GLY A 60 ? O GLY A 60 
A 2 3 N LYS A 59 ? N LYS A 59 O ILE A 69 ? O ILE A 69 
# 
loop_
_struct_site.id 
_struct_site.pdbx_evidence_code 
_struct_site.pdbx_auth_asym_id 
_struct_site.pdbx_auth_comp_id 
_struct_site.pdbx_auth_seq_id 
_struct_site.pdbx_auth_ins_code 
_struct_site.pdbx_num_residues 
_struct_site.details 
AC1 Software A SO4 901 ? 11 'BINDING SITE FOR RESIDUE SO4 A 901' 
AC2 Software A SO4 902 ? 6  'BINDING SITE FOR RESIDUE SO4 A 902' 
AC3 Software A SO4 903 ? 6  'BINDING SITE FOR RESIDUE SO4 A 903' 
AC4 Software A SF4 84  ? 7  'BINDING SITE FOR RESIDUE SF4 A 84'  
# 
loop_
_struct_site_gen.id 
_struct_site_gen.site_id 
_struct_site_gen.pdbx_num_res 
_struct_site_gen.label_comp_id 
_struct_site_gen.label_asym_id 
_struct_site_gen.label_seq_id 
_struct_site_gen.pdbx_auth_ins_code 
_struct_site_gen.auth_comp_id 
_struct_site_gen.auth_asym_id 
_struct_site_gen.auth_seq_id 
_struct_site_gen.label_atom_id 
_struct_site_gen.label_alt_id 
_struct_site_gen.symmetry 
_struct_site_gen.details 
1  AC1 11 LYS A 18 ? LYS A 18   . ? 3_545 ? 
2  AC1 11 GLU A 27 ? GLU A 27   . ? 3_545 ? 
3  AC1 11 GLY A 54 ? GLY A 54   . ? 1_555 ? 
4  AC1 11 GLU A 55 ? GLU A 55   . ? 1_555 ? 
5  AC1 11 GLY A 56 ? GLY A 56   . ? 1_555 ? 
6  AC1 11 LYS A 59 ? LYS A 59   . ? 1_555 ? 
7  AC1 11 HOH F .  ? HOH A 6020 . ? 3_545 ? 
8  AC1 11 HOH F .  ? HOH A 6026 . ? 3_545 ? 
9  AC1 11 HOH F .  ? HOH A 6053 . ? 1_555 ? 
10 AC1 11 HOH F .  ? HOH A 6082 . ? 3_545 ? 
11 AC1 11 HOH F .  ? HOH A 6091 . ? 1_555 ? 
12 AC2 6  ALA A 1  ? ALA A 1    . ? 2_455 ? 
13 AC2 6  VAL A 7  ? VAL A 7    . ? 1_555 ? 
14 AC2 6  THR A 8  ? THR A 8    . ? 1_555 ? 
15 AC2 6  ASP A 11 ? ASP A 11   . ? 1_555 ? 
16 AC2 6  LYS A 25 ? LYS A 25   . ? 1_556 ? 
17 AC2 6  LYS A 67 ? LYS A 67   . ? 1_555 ? 
18 AC3 6  GLN A 50 ? GLN A 50   . ? 1_555 ? 
19 AC3 6  ALA A 51 ? ALA A 51   . ? 1_555 ? 
20 AC3 6  ASN A 52 ? ASN A 52   . ? 1_555 ? 
21 AC3 6  HOH F .  ? HOH A 6035 . ? 1_555 ? 
22 AC3 6  HOH F .  ? HOH A 6058 . ? 2_555 ? 
23 AC3 6  HOH F .  ? HOH A 6088 . ? 1_555 ? 
24 AC4 7  TYR A 19 ? TYR A 19   . ? 1_555 ? 
25 AC4 7  CYS A 43 ? CYS A 43   . ? 1_555 ? 
26 AC4 7  CYS A 46 ? CYS A 46   . ? 1_555 ? 
27 AC4 7  MET A 49 ? MET A 49   . ? 1_555 ? 
28 AC4 7  CYS A 61 ? CYS A 61   . ? 1_555 ? 
29 AC4 7  LEU A 63 ? LEU A 63   . ? 1_555 ? 
30 AC4 7  CYS A 75 ? CYS A 75   . ? 1_555 ? 
# 
_pdbx_validate_symm_contact.id                1 
_pdbx_validate_symm_contact.PDB_model_num     1 
_pdbx_validate_symm_contact.auth_atom_id_1    OE2 
_pdbx_validate_symm_contact.auth_asym_id_1    A 
_pdbx_validate_symm_contact.auth_comp_id_1    GLU 
_pdbx_validate_symm_contact.auth_seq_id_1     27 
_pdbx_validate_symm_contact.PDB_ins_code_1    ? 
_pdbx_validate_symm_contact.label_alt_id_1    ? 
_pdbx_validate_symm_contact.site_symmetry_1   1_555 
_pdbx_validate_symm_contact.auth_atom_id_2    O 
_pdbx_validate_symm_contact.auth_asym_id_2    A 
_pdbx_validate_symm_contact.auth_comp_id_2    HOH 
_pdbx_validate_symm_contact.auth_seq_id_2     6090 
_pdbx_validate_symm_contact.PDB_ins_code_2    ? 
_pdbx_validate_symm_contact.label_alt_id_2    ? 
_pdbx_validate_symm_contact.site_symmetry_2   4_455 
_pdbx_validate_symm_contact.dist              2.18 
# 
loop_
_chem_comp_atom.comp_id 
_chem_comp_atom.atom_id 
_chem_comp_atom.type_symbol 
_chem_comp_atom.pdbx_aromatic_flag 
_chem_comp_atom.pdbx_stereo_config 
_chem_comp_atom.pdbx_ordinal 
ALA N    N  N N 1   
ALA CA   C  N S 2   
ALA C    C  N N 3   
ALA O    O  N N 4   
ALA CB   C  N N 5   
ALA OXT  O  N N 6   
ALA H    H  N N 7   
ALA H2   H  N N 8   
ALA HA   H  N N 9   
ALA HB1  H  N N 10  
ALA HB2  H  N N 11  
ALA HB3  H  N N 12  
ALA HXT  H  N N 13  
ARG N    N  N N 14  
ARG CA   C  N S 15  
ARG C    C  N N 16  
ARG O    O  N N 17  
ARG CB   C  N N 18  
ARG CG   C  N N 19  
ARG CD   C  N N 20  
ARG NE   N  N N 21  
ARG CZ   C  N N 22  
ARG NH1  N  N N 23  
ARG NH2  N  N N 24  
ARG OXT  O  N N 25  
ARG H    H  N N 26  
ARG H2   H  N N 27  
ARG HA   H  N N 28  
ARG HB2  H  N N 29  
ARG HB3  H  N N 30  
ARG HG2  H  N N 31  
ARG HG3  H  N N 32  
ARG HD2  H  N N 33  
ARG HD3  H  N N 34  
ARG HE   H  N N 35  
ARG HH11 H  N N 36  
ARG HH12 H  N N 37  
ARG HH21 H  N N 38  
ARG HH22 H  N N 39  
ARG HXT  H  N N 40  
ASN N    N  N N 41  
ASN CA   C  N S 42  
ASN C    C  N N 43  
ASN O    O  N N 44  
ASN CB   C  N N 45  
ASN CG   C  N N 46  
ASN OD1  O  N N 47  
ASN ND2  N  N N 48  
ASN OXT  O  N N 49  
ASN H    H  N N 50  
ASN H2   H  N N 51  
ASN HA   H  N N 52  
ASN HB2  H  N N 53  
ASN HB3  H  N N 54  
ASN HD21 H  N N 55  
ASN HD22 H  N N 56  
ASN HXT  H  N N 57  
ASP N    N  N N 58  
ASP CA   C  N S 59  
ASP C    C  N N 60  
ASP O    O  N N 61  
ASP CB   C  N N 62  
ASP CG   C  N N 63  
ASP OD1  O  N N 64  
ASP OD2  O  N N 65  
ASP OXT  O  N N 66  
ASP H    H  N N 67  
ASP H2   H  N N 68  
ASP HA   H  N N 69  
ASP HB2  H  N N 70  
ASP HB3  H  N N 71  
ASP HD2  H  N N 72  
ASP HXT  H  N N 73  
CYS N    N  N N 74  
CYS CA   C  N R 75  
CYS C    C  N N 76  
CYS O    O  N N 77  
CYS CB   C  N N 78  
CYS SG   S  N N 79  
CYS OXT  O  N N 80  
CYS H    H  N N 81  
CYS H2   H  N N 82  
CYS HA   H  N N 83  
CYS HB2  H  N N 84  
CYS HB3  H  N N 85  
CYS HG   H  N N 86  
CYS HXT  H  N N 87  
GLN N    N  N N 88  
GLN CA   C  N S 89  
GLN C    C  N N 90  
GLN O    O  N N 91  
GLN CB   C  N N 92  
GLN CG   C  N N 93  
GLN CD   C  N N 94  
GLN OE1  O  N N 95  
GLN NE2  N  N N 96  
GLN OXT  O  N N 97  
GLN H    H  N N 98  
GLN H2   H  N N 99  
GLN HA   H  N N 100 
GLN HB2  H  N N 101 
GLN HB3  H  N N 102 
GLN HG2  H  N N 103 
GLN HG3  H  N N 104 
GLN HE21 H  N N 105 
GLN HE22 H  N N 106 
GLN HXT  H  N N 107 
GLU N    N  N N 108 
GLU CA   C  N S 109 
GLU C    C  N N 110 
GLU O    O  N N 111 
GLU CB   C  N N 112 
GLU CG   C  N N 113 
GLU CD   C  N N 114 
GLU OE1  O  N N 115 
GLU OE2  O  N N 116 
GLU OXT  O  N N 117 
GLU H    H  N N 118 
GLU H2   H  N N 119 
GLU HA   H  N N 120 
GLU HB2  H  N N 121 
GLU HB3  H  N N 122 
GLU HG2  H  N N 123 
GLU HG3  H  N N 124 
GLU HE2  H  N N 125 
GLU HXT  H  N N 126 
GLY N    N  N N 127 
GLY CA   C  N N 128 
GLY C    C  N N 129 
GLY O    O  N N 130 
GLY OXT  O  N N 131 
GLY H    H  N N 132 
GLY H2   H  N N 133 
GLY HA2  H  N N 134 
GLY HA3  H  N N 135 
GLY HXT  H  N N 136 
HIS N    N  N N 137 
HIS CA   C  N S 138 
HIS C    C  N N 139 
HIS O    O  N N 140 
HIS CB   C  N N 141 
HIS CG   C  Y N 142 
HIS ND1  N  Y N 143 
HIS CD2  C  Y N 144 
HIS CE1  C  Y N 145 
HIS NE2  N  Y N 146 
HIS OXT  O  N N 147 
HIS H    H  N N 148 
HIS H2   H  N N 149 
HIS HA   H  N N 150 
HIS HB2  H  N N 151 
HIS HB3  H  N N 152 
HIS HD1  H  N N 153 
HIS HD2  H  N N 154 
HIS HE1  H  N N 155 
HIS HE2  H  N N 156 
HIS HXT  H  N N 157 
HOH O    O  N N 158 
HOH H1   H  N N 159 
HOH H2   H  N N 160 
ILE N    N  N N 161 
ILE CA   C  N S 162 
ILE C    C  N N 163 
ILE O    O  N N 164 
ILE CB   C  N S 165 
ILE CG1  C  N N 166 
ILE CG2  C  N N 167 
ILE CD1  C  N N 168 
ILE OXT  O  N N 169 
ILE H    H  N N 170 
ILE H2   H  N N 171 
ILE HA   H  N N 172 
ILE HB   H  N N 173 
ILE HG12 H  N N 174 
ILE HG13 H  N N 175 
ILE HG21 H  N N 176 
ILE HG22 H  N N 177 
ILE HG23 H  N N 178 
ILE HD11 H  N N 179 
ILE HD12 H  N N 180 
ILE HD13 H  N N 181 
ILE HXT  H  N N 182 
LEU N    N  N N 183 
LEU CA   C  N S 184 
LEU C    C  N N 185 
LEU O    O  N N 186 
LEU CB   C  N N 187 
LEU CG   C  N N 188 
LEU CD1  C  N N 189 
LEU CD2  C  N N 190 
LEU OXT  O  N N 191 
LEU H    H  N N 192 
LEU H2   H  N N 193 
LEU HA   H  N N 194 
LEU HB2  H  N N 195 
LEU HB3  H  N N 196 
LEU HG   H  N N 197 
LEU HD11 H  N N 198 
LEU HD12 H  N N 199 
LEU HD13 H  N N 200 
LEU HD21 H  N N 201 
LEU HD22 H  N N 202 
LEU HD23 H  N N 203 
LEU HXT  H  N N 204 
LYS N    N  N N 205 
LYS CA   C  N S 206 
LYS C    C  N N 207 
LYS O    O  N N 208 
LYS CB   C  N N 209 
LYS CG   C  N N 210 
LYS CD   C  N N 211 
LYS CE   C  N N 212 
LYS NZ   N  N N 213 
LYS OXT  O  N N 214 
LYS H    H  N N 215 
LYS H2   H  N N 216 
LYS HA   H  N N 217 
LYS HB2  H  N N 218 
LYS HB3  H  N N 219 
LYS HG2  H  N N 220 
LYS HG3  H  N N 221 
LYS HD2  H  N N 222 
LYS HD3  H  N N 223 
LYS HE2  H  N N 224 
LYS HE3  H  N N 225 
LYS HZ1  H  N N 226 
LYS HZ2  H  N N 227 
LYS HZ3  H  N N 228 
LYS HXT  H  N N 229 
MET N    N  N N 230 
MET CA   C  N S 231 
MET C    C  N N 232 
MET O    O  N N 233 
MET CB   C  N N 234 
MET CG   C  N N 235 
MET SD   S  N N 236 
MET CE   C  N N 237 
MET OXT  O  N N 238 
MET H    H  N N 239 
MET H2   H  N N 240 
MET HA   H  N N 241 
MET HB2  H  N N 242 
MET HB3  H  N N 243 
MET HG2  H  N N 244 
MET HG3  H  N N 245 
MET HE1  H  N N 246 
MET HE2  H  N N 247 
MET HE3  H  N N 248 
MET HXT  H  N N 249 
PHE N    N  N N 250 
PHE CA   C  N S 251 
PHE C    C  N N 252 
PHE O    O  N N 253 
PHE CB   C  N N 254 
PHE CG   C  Y N 255 
PHE CD1  C  Y N 256 
PHE CD2  C  Y N 257 
PHE CE1  C  Y N 258 
PHE CE2  C  Y N 259 
PHE CZ   C  Y N 260 
PHE OXT  O  N N 261 
PHE H    H  N N 262 
PHE H2   H  N N 263 
PHE HA   H  N N 264 
PHE HB2  H  N N 265 
PHE HB3  H  N N 266 
PHE HD1  H  N N 267 
PHE HD2  H  N N 268 
PHE HE1  H  N N 269 
PHE HE2  H  N N 270 
PHE HZ   H  N N 271 
PHE HXT  H  N N 272 
PRO N    N  N N 273 
PRO CA   C  N S 274 
PRO C    C  N N 275 
PRO O    O  N N 276 
PRO CB   C  N N 277 
PRO CG   C  N N 278 
PRO CD   C  N N 279 
PRO OXT  O  N N 280 
PRO H    H  N N 281 
PRO HA   H  N N 282 
PRO HB2  H  N N 283 
PRO HB3  H  N N 284 
PRO HG2  H  N N 285 
PRO HG3  H  N N 286 
PRO HD2  H  N N 287 
PRO HD3  H  N N 288 
PRO HXT  H  N N 289 
SER N    N  N N 290 
SER CA   C  N S 291 
SER C    C  N N 292 
SER O    O  N N 293 
SER CB   C  N N 294 
SER OG   O  N N 295 
SER OXT  O  N N 296 
SER H    H  N N 297 
SER H2   H  N N 298 
SER HA   H  N N 299 
SER HB2  H  N N 300 
SER HB3  H  N N 301 
SER HG   H  N N 302 
SER HXT  H  N N 303 
SF4 FE1  FE N N 304 
SF4 FE2  FE N N 305 
SF4 FE3  FE N N 306 
SF4 FE4  FE N N 307 
SF4 S1   S  N N 308 
SF4 S2   S  N N 309 
SF4 S3   S  N N 310 
SF4 S4   S  N N 311 
SO4 S    S  N N 312 
SO4 O1   O  N N 313 
SO4 O2   O  N N 314 
SO4 O3   O  N N 315 
SO4 O4   O  N N 316 
THR N    N  N N 317 
THR CA   C  N S 318 
THR C    C  N N 319 
THR O    O  N N 320 
THR CB   C  N R 321 
THR OG1  O  N N 322 
THR CG2  C  N N 323 
THR OXT  O  N N 324 
THR H    H  N N 325 
THR H2   H  N N 326 
THR HA   H  N N 327 
THR HB   H  N N 328 
THR HG1  H  N N 329 
THR HG21 H  N N 330 
THR HG22 H  N N 331 
THR HG23 H  N N 332 
THR HXT  H  N N 333 
TRP N    N  N N 334 
TRP CA   C  N S 335 
TRP C    C  N N 336 
TRP O    O  N N 337 
TRP CB   C  N N 338 
TRP CG   C  Y N 339 
TRP CD1  C  Y N 340 
TRP CD2  C  Y N 341 
TRP NE1  N  Y N 342 
TRP CE2  C  Y N 343 
TRP CE3  C  Y N 344 
TRP CZ2  C  Y N 345 
TRP CZ3  C  Y N 346 
TRP CH2  C  Y N 347 
TRP OXT  O  N N 348 
TRP H    H  N N 349 
TRP H2   H  N N 350 
TRP HA   H  N N 351 
TRP HB2  H  N N 352 
TRP HB3  H  N N 353 
TRP HD1  H  N N 354 
TRP HE1  H  N N 355 
TRP HE3  H  N N 356 
TRP HZ2  H  N N 357 
TRP HZ3  H  N N 358 
TRP HH2  H  N N 359 
TRP HXT  H  N N 360 
TYR N    N  N N 361 
TYR CA   C  N S 362 
TYR C    C  N N 363 
TYR O    O  N N 364 
TYR CB   C  N N 365 
TYR CG   C  Y N 366 
TYR CD1  C  Y N 367 
TYR CD2  C  Y N 368 
TYR CE1  C  Y N 369 
TYR CE2  C  Y N 370 
TYR CZ   C  Y N 371 
TYR OH   O  N N 372 
TYR OXT  O  N N 373 
TYR H    H  N N 374 
TYR H2   H  N N 375 
TYR HA   H  N N 376 
TYR HB2  H  N N 377 
TYR HB3  H  N N 378 
TYR HD1  H  N N 379 
TYR HD2  H  N N 380 
TYR HE1  H  N N 381 
TYR HE2  H  N N 382 
TYR HH   H  N N 383 
TYR HXT  H  N N 384 
VAL N    N  N N 385 
VAL CA   C  N S 386 
VAL C    C  N N 387 
VAL O    O  N N 388 
VAL CB   C  N N 389 
VAL CG1  C  N N 390 
VAL CG2  C  N N 391 
VAL OXT  O  N N 392 
VAL H    H  N N 393 
VAL H2   H  N N 394 
VAL HA   H  N N 395 
VAL HB   H  N N 396 
VAL HG11 H  N N 397 
VAL HG12 H  N N 398 
VAL HG13 H  N N 399 
VAL HG21 H  N N 400 
VAL HG22 H  N N 401 
VAL HG23 H  N N 402 
VAL HXT  H  N N 403 
# 
loop_
_chem_comp_bond.comp_id 
_chem_comp_bond.atom_id_1 
_chem_comp_bond.atom_id_2 
_chem_comp_bond.value_order 
_chem_comp_bond.pdbx_aromatic_flag 
_chem_comp_bond.pdbx_stereo_config 
_chem_comp_bond.pdbx_ordinal 
ALA N   CA   sing N N 1   
ALA N   H    sing N N 2   
ALA N   H2   sing N N 3   
ALA CA  C    sing N N 4   
ALA CA  CB   sing N N 5   
ALA CA  HA   sing N N 6   
ALA C   O    doub N N 7   
ALA C   OXT  sing N N 8   
ALA CB  HB1  sing N N 9   
ALA CB  HB2  sing N N 10  
ALA CB  HB3  sing N N 11  
ALA OXT HXT  sing N N 12  
ARG N   CA   sing N N 13  
ARG N   H    sing N N 14  
ARG N   H2   sing N N 15  
ARG CA  C    sing N N 16  
ARG CA  CB   sing N N 17  
ARG CA  HA   sing N N 18  
ARG C   O    doub N N 19  
ARG C   OXT  sing N N 20  
ARG CB  CG   sing N N 21  
ARG CB  HB2  sing N N 22  
ARG CB  HB3  sing N N 23  
ARG CG  CD   sing N N 24  
ARG CG  HG2  sing N N 25  
ARG CG  HG3  sing N N 26  
ARG CD  NE   sing N N 27  
ARG CD  HD2  sing N N 28  
ARG CD  HD3  sing N N 29  
ARG NE  CZ   sing N N 30  
ARG NE  HE   sing N N 31  
ARG CZ  NH1  sing N N 32  
ARG CZ  NH2  doub N N 33  
ARG NH1 HH11 sing N N 34  
ARG NH1 HH12 sing N N 35  
ARG NH2 HH21 sing N N 36  
ARG NH2 HH22 sing N N 37  
ARG OXT HXT  sing N N 38  
ASN N   CA   sing N N 39  
ASN N   H    sing N N 40  
ASN N   H2   sing N N 41  
ASN CA  C    sing N N 42  
ASN CA  CB   sing N N 43  
ASN CA  HA   sing N N 44  
ASN C   O    doub N N 45  
ASN C   OXT  sing N N 46  
ASN CB  CG   sing N N 47  
ASN CB  HB2  sing N N 48  
ASN CB  HB3  sing N N 49  
ASN CG  OD1  doub N N 50  
ASN CG  ND2  sing N N 51  
ASN ND2 HD21 sing N N 52  
ASN ND2 HD22 sing N N 53  
ASN OXT HXT  sing N N 54  
ASP N   CA   sing N N 55  
ASP N   H    sing N N 56  
ASP N   H2   sing N N 57  
ASP CA  C    sing N N 58  
ASP CA  CB   sing N N 59  
ASP CA  HA   sing N N 60  
ASP C   O    doub N N 61  
ASP C   OXT  sing N N 62  
ASP CB  CG   sing N N 63  
ASP CB  HB2  sing N N 64  
ASP CB  HB3  sing N N 65  
ASP CG  OD1  doub N N 66  
ASP CG  OD2  sing N N 67  
ASP OD2 HD2  sing N N 68  
ASP OXT HXT  sing N N 69  
CYS N   CA   sing N N 70  
CYS N   H    sing N N 71  
CYS N   H2   sing N N 72  
CYS CA  C    sing N N 73  
CYS CA  CB   sing N N 74  
CYS CA  HA   sing N N 75  
CYS C   O    doub N N 76  
CYS C   OXT  sing N N 77  
CYS CB  SG   sing N N 78  
CYS CB  HB2  sing N N 79  
CYS CB  HB3  sing N N 80  
CYS SG  HG   sing N N 81  
CYS OXT HXT  sing N N 82  
GLN N   CA   sing N N 83  
GLN N   H    sing N N 84  
GLN N   H2   sing N N 85  
GLN CA  C    sing N N 86  
GLN CA  CB   sing N N 87  
GLN CA  HA   sing N N 88  
GLN C   O    doub N N 89  
GLN C   OXT  sing N N 90  
GLN CB  CG   sing N N 91  
GLN CB  HB2  sing N N 92  
GLN CB  HB3  sing N N 93  
GLN CG  CD   sing N N 94  
GLN CG  HG2  sing N N 95  
GLN CG  HG3  sing N N 96  
GLN CD  OE1  doub N N 97  
GLN CD  NE2  sing N N 98  
GLN NE2 HE21 sing N N 99  
GLN NE2 HE22 sing N N 100 
GLN OXT HXT  sing N N 101 
GLU N   CA   sing N N 102 
GLU N   H    sing N N 103 
GLU N   H2   sing N N 104 
GLU CA  C    sing N N 105 
GLU CA  CB   sing N N 106 
GLU CA  HA   sing N N 107 
GLU C   O    doub N N 108 
GLU C   OXT  sing N N 109 
GLU CB  CG   sing N N 110 
GLU CB  HB2  sing N N 111 
GLU CB  HB3  sing N N 112 
GLU CG  CD   sing N N 113 
GLU CG  HG2  sing N N 114 
GLU CG  HG3  sing N N 115 
GLU CD  OE1  doub N N 116 
GLU CD  OE2  sing N N 117 
GLU OE2 HE2  sing N N 118 
GLU OXT HXT  sing N N 119 
GLY N   CA   sing N N 120 
GLY N   H    sing N N 121 
GLY N   H2   sing N N 122 
GLY CA  C    sing N N 123 
GLY CA  HA2  sing N N 124 
GLY CA  HA3  sing N N 125 
GLY C   O    doub N N 126 
GLY C   OXT  sing N N 127 
GLY OXT HXT  sing N N 128 
HIS N   CA   sing N N 129 
HIS N   H    sing N N 130 
HIS N   H2   sing N N 131 
HIS CA  C    sing N N 132 
HIS CA  CB   sing N N 133 
HIS CA  HA   sing N N 134 
HIS C   O    doub N N 135 
HIS C   OXT  sing N N 136 
HIS CB  CG   sing N N 137 
HIS CB  HB2  sing N N 138 
HIS CB  HB3  sing N N 139 
HIS CG  ND1  sing Y N 140 
HIS CG  CD2  doub Y N 141 
HIS ND1 CE1  doub Y N 142 
HIS ND1 HD1  sing N N 143 
HIS CD2 NE2  sing Y N 144 
HIS CD2 HD2  sing N N 145 
HIS CE1 NE2  sing Y N 146 
HIS CE1 HE1  sing N N 147 
HIS NE2 HE2  sing N N 148 
HIS OXT HXT  sing N N 149 
HOH O   H1   sing N N 150 
HOH O   H2   sing N N 151 
ILE N   CA   sing N N 152 
ILE N   H    sing N N 153 
ILE N   H2   sing N N 154 
ILE CA  C    sing N N 155 
ILE CA  CB   sing N N 156 
ILE CA  HA   sing N N 157 
ILE C   O    doub N N 158 
ILE C   OXT  sing N N 159 
ILE CB  CG1  sing N N 160 
ILE CB  CG2  sing N N 161 
ILE CB  HB   sing N N 162 
ILE CG1 CD1  sing N N 163 
ILE CG1 HG12 sing N N 164 
ILE CG1 HG13 sing N N 165 
ILE CG2 HG21 sing N N 166 
ILE CG2 HG22 sing N N 167 
ILE CG2 HG23 sing N N 168 
ILE CD1 HD11 sing N N 169 
ILE CD1 HD12 sing N N 170 
ILE CD1 HD13 sing N N 171 
ILE OXT HXT  sing N N 172 
LEU N   CA   sing N N 173 
LEU N   H    sing N N 174 
LEU N   H2   sing N N 175 
LEU CA  C    sing N N 176 
LEU CA  CB   sing N N 177 
LEU CA  HA   sing N N 178 
LEU C   O    doub N N 179 
LEU C   OXT  sing N N 180 
LEU CB  CG   sing N N 181 
LEU CB  HB2  sing N N 182 
LEU CB  HB3  sing N N 183 
LEU CG  CD1  sing N N 184 
LEU CG  CD2  sing N N 185 
LEU CG  HG   sing N N 186 
LEU CD1 HD11 sing N N 187 
LEU CD1 HD12 sing N N 188 
LEU CD1 HD13 sing N N 189 
LEU CD2 HD21 sing N N 190 
LEU CD2 HD22 sing N N 191 
LEU CD2 HD23 sing N N 192 
LEU OXT HXT  sing N N 193 
LYS N   CA   sing N N 194 
LYS N   H    sing N N 195 
LYS N   H2   sing N N 196 
LYS CA  C    sing N N 197 
LYS CA  CB   sing N N 198 
LYS CA  HA   sing N N 199 
LYS C   O    doub N N 200 
LYS C   OXT  sing N N 201 
LYS CB  CG   sing N N 202 
LYS CB  HB2  sing N N 203 
LYS CB  HB3  sing N N 204 
LYS CG  CD   sing N N 205 
LYS CG  HG2  sing N N 206 
LYS CG  HG3  sing N N 207 
LYS CD  CE   sing N N 208 
LYS CD  HD2  sing N N 209 
LYS CD  HD3  sing N N 210 
LYS CE  NZ   sing N N 211 
LYS CE  HE2  sing N N 212 
LYS CE  HE3  sing N N 213 
LYS NZ  HZ1  sing N N 214 
LYS NZ  HZ2  sing N N 215 
LYS NZ  HZ3  sing N N 216 
LYS OXT HXT  sing N N 217 
MET N   CA   sing N N 218 
MET N   H    sing N N 219 
MET N   H2   sing N N 220 
MET CA  C    sing N N 221 
MET CA  CB   sing N N 222 
MET CA  HA   sing N N 223 
MET C   O    doub N N 224 
MET C   OXT  sing N N 225 
MET CB  CG   sing N N 226 
MET CB  HB2  sing N N 227 
MET CB  HB3  sing N N 228 
MET CG  SD   sing N N 229 
MET CG  HG2  sing N N 230 
MET CG  HG3  sing N N 231 
MET SD  CE   sing N N 232 
MET CE  HE1  sing N N 233 
MET CE  HE2  sing N N 234 
MET CE  HE3  sing N N 235 
MET OXT HXT  sing N N 236 
PHE N   CA   sing N N 237 
PHE N   H    sing N N 238 
PHE N   H2   sing N N 239 
PHE CA  C    sing N N 240 
PHE CA  CB   sing N N 241 
PHE CA  HA   sing N N 242 
PHE C   O    doub N N 243 
PHE C   OXT  sing N N 244 
PHE CB  CG   sing N N 245 
PHE CB  HB2  sing N N 246 
PHE CB  HB3  sing N N 247 
PHE CG  CD1  doub Y N 248 
PHE CG  CD2  sing Y N 249 
PHE CD1 CE1  sing Y N 250 
PHE CD1 HD1  sing N N 251 
PHE CD2 CE2  doub Y N 252 
PHE CD2 HD2  sing N N 253 
PHE CE1 CZ   doub Y N 254 
PHE CE1 HE1  sing N N 255 
PHE CE2 CZ   sing Y N 256 
PHE CE2 HE2  sing N N 257 
PHE CZ  HZ   sing N N 258 
PHE OXT HXT  sing N N 259 
PRO N   CA   sing N N 260 
PRO N   CD   sing N N 261 
PRO N   H    sing N N 262 
PRO CA  C    sing N N 263 
PRO CA  CB   sing N N 264 
PRO CA  HA   sing N N 265 
PRO C   O    doub N N 266 
PRO C   OXT  sing N N 267 
PRO CB  CG   sing N N 268 
PRO CB  HB2  sing N N 269 
PRO CB  HB3  sing N N 270 
PRO CG  CD   sing N N 271 
PRO CG  HG2  sing N N 272 
PRO CG  HG3  sing N N 273 
PRO CD  HD2  sing N N 274 
PRO CD  HD3  sing N N 275 
PRO OXT HXT  sing N N 276 
SER N   CA   sing N N 277 
SER N   H    sing N N 278 
SER N   H2   sing N N 279 
SER CA  C    sing N N 280 
SER CA  CB   sing N N 281 
SER CA  HA   sing N N 282 
SER C   O    doub N N 283 
SER C   OXT  sing N N 284 
SER CB  OG   sing N N 285 
SER CB  HB2  sing N N 286 
SER CB  HB3  sing N N 287 
SER OG  HG   sing N N 288 
SER OXT HXT  sing N N 289 
SF4 FE1 S2   sing N N 290 
SF4 FE1 S3   sing N N 291 
SF4 FE1 S4   sing N N 292 
SF4 FE2 S1   sing N N 293 
SF4 FE2 S3   sing N N 294 
SF4 FE2 S4   sing N N 295 
SF4 FE3 S1   sing N N 296 
SF4 FE3 S2   sing N N 297 
SF4 FE3 S4   sing N N 298 
SF4 FE4 S1   sing N N 299 
SF4 FE4 S2   sing N N 300 
SF4 FE4 S3   sing N N 301 
SO4 S   O1   doub N N 302 
SO4 S   O2   doub N N 303 
SO4 S   O3   sing N N 304 
SO4 S   O4   sing N N 305 
THR N   CA   sing N N 306 
THR N   H    sing N N 307 
THR N   H2   sing N N 308 
THR CA  C    sing N N 309 
THR CA  CB   sing N N 310 
THR CA  HA   sing N N 311 
THR C   O    doub N N 312 
THR C   OXT  sing N N 313 
THR CB  OG1  sing N N 314 
THR CB  CG2  sing N N 315 
THR CB  HB   sing N N 316 
THR OG1 HG1  sing N N 317 
THR CG2 HG21 sing N N 318 
THR CG2 HG22 sing N N 319 
THR CG2 HG23 sing N N 320 
THR OXT HXT  sing N N 321 
TRP N   CA   sing N N 322 
TRP N   H    sing N N 323 
TRP N   H2   sing N N 324 
TRP CA  C    sing N N 325 
TRP CA  CB   sing N N 326 
TRP CA  HA   sing N N 327 
TRP C   O    doub N N 328 
TRP C   OXT  sing N N 329 
TRP CB  CG   sing N N 330 
TRP CB  HB2  sing N N 331 
TRP CB  HB3  sing N N 332 
TRP CG  CD1  doub Y N 333 
TRP CG  CD2  sing Y N 334 
TRP CD1 NE1  sing Y N 335 
TRP CD1 HD1  sing N N 336 
TRP CD2 CE2  doub Y N 337 
TRP CD2 CE3  sing Y N 338 
TRP NE1 CE2  sing Y N 339 
TRP NE1 HE1  sing N N 340 
TRP CE2 CZ2  sing Y N 341 
TRP CE3 CZ3  doub Y N 342 
TRP CE3 HE3  sing N N 343 
TRP CZ2 CH2  doub Y N 344 
TRP CZ2 HZ2  sing N N 345 
TRP CZ3 CH2  sing Y N 346 
TRP CZ3 HZ3  sing N N 347 
TRP CH2 HH2  sing N N 348 
TRP OXT HXT  sing N N 349 
TYR N   CA   sing N N 350 
TYR N   H    sing N N 351 
TYR N   H2   sing N N 352 
TYR CA  C    sing N N 353 
TYR CA  CB   sing N N 354 
TYR CA  HA   sing N N 355 
TYR C   O    doub N N 356 
TYR C   OXT  sing N N 357 
TYR CB  CG   sing N N 358 
TYR CB  HB2  sing N N 359 
TYR CB  HB3  sing N N 360 
TYR CG  CD1  doub Y N 361 
TYR CG  CD2  sing Y N 362 
TYR CD1 CE1  sing Y N 363 
TYR CD1 HD1  sing N N 364 
TYR CD2 CE2  doub Y N 365 
TYR CD2 HD2  sing N N 366 
TYR CE1 CZ   doub Y N 367 
TYR CE1 HE1  sing N N 368 
TYR CE2 CZ   sing Y N 369 
TYR CE2 HE2  sing N N 370 
TYR CZ  OH   sing N N 371 
TYR OH  HH   sing N N 372 
TYR OXT HXT  sing N N 373 
VAL N   CA   sing N N 374 
VAL N   H    sing N N 375 
VAL N   H2   sing N N 376 
VAL CA  C    sing N N 377 
VAL CA  CB   sing N N 378 
VAL CA  HA   sing N N 379 
VAL C   O    doub N N 380 
VAL C   OXT  sing N N 381 
VAL CB  CG1  sing N N 382 
VAL CB  CG2  sing N N 383 
VAL CB  HB   sing N N 384 
VAL CG1 HG11 sing N N 385 
VAL CG1 HG12 sing N N 386 
VAL CG1 HG13 sing N N 387 
VAL CG2 HG21 sing N N 388 
VAL CG2 HG22 sing N N 389 
VAL CG2 HG23 sing N N 390 
VAL OXT HXT  sing N N 391 
# 
_atom_sites.entry_id                    1IUA 
_atom_sites.fract_transf_matrix[1][1]   -0.01021756 
_atom_sites.fract_transf_matrix[1][2]   -0.01581588 
_atom_sites.fract_transf_matrix[1][3]   0.01208349 
_atom_sites.fract_transf_matrix[2][1]   0.01276650 
_atom_sites.fract_transf_matrix[2][2]   -0.01092112 
_atom_sites.fract_transf_matrix[2][3]   -0.00349937 
_atom_sites.fract_transf_matrix[3][1]   0.02080092 
_atom_sites.fract_transf_matrix[3][2]   0.01316045 
_atom_sites.fract_transf_matrix[3][3]   0.03481434 
_atom_sites.fract_transf_vector[1]      0.021411 
_atom_sites.fract_transf_vector[2]      0.135536 
_atom_sites.fract_transf_vector[3]      0.254451 
# 
loop_
_atom_type.symbol 
C  
FE 
N  
O  
S  
# 
loop_
_atom_site.group_PDB 
_atom_site.id 
_atom_site.type_symbol 
_atom_site.label_atom_id 
_atom_site.label_alt_id 
_atom_site.label_comp_id 
_atom_site.label_asym_id 
_atom_site.label_entity_id 
_atom_site.label_seq_id 
_atom_site.pdbx_PDB_ins_code 
_atom_site.Cartn_x 
_atom_site.Cartn_y 
_atom_site.Cartn_z 
_atom_site.occupancy 
_atom_site.B_iso_or_equiv 
_atom_site.pdbx_formal_charge 
_atom_site.auth_seq_id 
_atom_site.auth_comp_id 
_atom_site.auth_asym_id 
_atom_site.auth_atom_id 
_atom_site.pdbx_PDB_model_num 
ATOM   1   N  N   . ALA A 1 1  ? -7.053  14.489  -5.716  1.00 15.65 ? 1    ALA A N   1 
ATOM   2   C  CA  . ALA A 1 1  ? -6.147  15.288  -4.869  1.00 11.93 ? 1    ALA A CA  1 
ATOM   3   C  C   . ALA A 1 1  ? -5.934  14.462  -3.636  1.00 8.32  ? 1    ALA A C   1 
ATOM   4   O  O   . ALA A 1 1  ? -6.868  14.098  -2.907  1.00 11.16 ? 1    ALA A O   1 
ATOM   5   C  CB  . ALA A 1 1  ? -6.737  16.620  -4.561  1.00 16.29 ? 1    ALA A CB  1 
ATOM   6   N  N   . ALA A 1 2  ? -4.688  14.226  -3.341  1.00 7.73  ? 2    ALA A N   1 
ATOM   7   C  CA  . ALA A 1 2  ? -4.330  13.393  -2.158  1.00 7.63  ? 2    ALA A CA  1 
ATOM   8   C  C   . ALA A 1 2  ? -4.500  14.170  -0.889  1.00 6.44  ? 2    ALA A C   1 
ATOM   9   O  O   . ALA A 1 2  ? -4.389  15.394  -0.837  1.00 8.32  ? 2    ALA A O   1 
ATOM   10  C  CB  . ALA A 1 2  ? -2.878  12.965  -2.346  1.00 9.27  ? 2    ALA A CB  1 
ATOM   11  N  N   . PRO A 1 3  ? -4.697  13.457  0.222   1.00 6.07  ? 3    PRO A N   1 
ATOM   12  C  CA  . PRO A 1 3  ? -4.720  14.098  1.512   1.00 5.92  ? 3    PRO A CA  1 
ATOM   13  C  C   . PRO A 1 3  ? -3.352  14.668  1.844   1.00 5.92  ? 3    PRO A C   1 
ATOM   14  O  O   . PRO A 1 3  ? -2.308  14.278  1.280   1.00 6.86  ? 3    PRO A O   1 
ATOM   15  C  CB  . PRO A 1 3  ? -5.071  12.970  2.498   1.00 5.95  ? 3    PRO A CB  1 
ATOM   16  C  CG  . PRO A 1 3  ? -4.614  11.734  1.774   1.00 6.19  ? 3    PRO A CG  1 
ATOM   17  C  CD  . PRO A 1 3  ? -4.918  12.023  0.311   1.00 5.54  ? 3    PRO A CD  1 
ATOM   18  N  N   . ALA A 1 4  ? -3.347  15.607  2.783   1.00 6.63  ? 4    ALA A N   1 
ATOM   19  C  CA  . ALA A 1 4  ? -2.132  16.329  3.123   1.00 8.86  ? 4    ALA A CA  1 
ATOM   20  C  C   . ALA A 1 4  ? -1.029  15.441  3.643   1.00 8.28  ? 4    ALA A C   1 
ATOM   21  O  O   . ALA A 1 4  ? 0.154   15.809  3.529   1.00 11.01 ? 4    ALA A O   1 
ATOM   22  C  CB  . ALA A 1 4  ? -2.490  17.390  4.170   1.00 13.07 ? 4    ALA A CB  1 
ATOM   23  N  N   . ASN A 1 5  ? -1.391  14.331  4.272   1.00 7.00  ? 5    ASN A N   1 
ATOM   24  C  CA  . ASN A 1 5  ? -0.425  13.384  4.833   1.00 6.94  ? 5    ASN A CA  1 
ATOM   25  C  C   . ASN A 1 5  ? -0.307  12.100  4.033   1.00 5.96  ? 5    ASN A C   1 
ATOM   26  O  O   . ASN A 1 5  ? 0.147   11.067  4.538   1.00 6.29  ? 5    ASN A O   1 
ATOM   27  C  CB  . ASN A 1 5  ? -0.851  13.085  6.248   1.00 7.50  ? 5    ASN A CB  1 
ATOM   28  C  CG  . ASN A 1 5  ? -2.198  12.440  6.367   1.00 7.93  ? 5    ASN A CG  1 
ATOM   29  O  OD1 . ASN A 1 5  ? -2.975  12.398  5.369   1.00 8.80  ? 5    ASN A OD1 1 
ATOM   30  N  ND2 . ASN A 1 5  ? -2.496  11.948  7.505   1.00 13.81 ? 5    ASN A ND2 1 
ATOM   31  N  N   . ALA A 1 6  ? -0.630  12.161  2.737   1.00 5.92  ? 6    ALA A N   1 
ATOM   32  C  CA  . ALA A 1 6  ? -0.405  10.999  1.892   1.00 5.73  ? 6    ALA A CA  1 
ATOM   33  C  C   . ALA A 1 6  ? 1.084   10.659  1.811   1.00 5.85  ? 6    ALA A C   1 
ATOM   34  O  O   . ALA A 1 6  ? 1.916   11.522  1.706   1.00 8.00  ? 6    ALA A O   1 
ATOM   35  C  CB  . ALA A 1 6  ? -0.920  11.269  0.480   1.00 6.62  ? 6    ALA A CB  1 
ATOM   36  N  N   . VAL A 1 7  ? 1.363   9.346   1.767   1.00 5.18  ? 7    VAL A N   1 
ATOM   37  C  CA  . VAL A 1 7  ? 2.733   8.920   1.478   1.00 5.52  ? 7    VAL A CA  1 
ATOM   38  C  C   . VAL A 1 7  ? 3.135   9.406   0.117   1.00 6.39  ? 7    VAL A C   1 
ATOM   39  O  O   . VAL A 1 7  ? 2.401   9.203   -0.847  1.00 8.10  ? 7    VAL A O   1 
ATOM   40  C  CB  . VAL A 1 7  ? 2.846   7.387   1.550   1.00 5.14  ? 7    VAL A CB  1 
ATOM   41  C  CG1 . VAL A 1 7  ? 4.205   6.907   1.148   1.00 6.00  ? 7    VAL A CG1 1 
ATOM   42  C  CG2 . VAL A 1 7  ? 2.484   6.878   2.975   1.00 5.26  ? 7    VAL A CG2 1 
ATOM   43  N  N   . THR A 1 8  ? 4.319   10.030  0.008   1.00 7.15  ? 8    THR A N   1 
ATOM   44  C  CA  . THR A 1 8  ? 4.831   10.487  -1.282  1.00 8.78  ? 8    THR A CA  1 
ATOM   45  C  C   . THR A 1 8  ? 5.806   9.480   -1.850  1.00 9.19  ? 8    THR A C   1 
ATOM   46  O  O   . THR A 1 8  ? 6.482   8.767   -1.114  1.00 8.09  ? 8    THR A O   1 
ATOM   47  C  CB  . THR A 1 8  ? 5.451   11.878  -1.196  1.00 12.31 ? 8    THR A CB  1 
ATOM   48  O  OG1 . THR A 1 8  ? 6.572   11.908  -0.303  1.00 13.39 ? 8    THR A OG1 1 
ATOM   49  C  CG2 . THR A 1 8  ? 4.430   12.862  -0.640  1.00 18.16 ? 8    THR A CG2 1 
ATOM   50  N  N   . ALA A 1 9  ? 5.934   9.416   -3.149  1.00 16.02 ? 9    ALA A N   1 
ATOM   51  C  CA  . ALA A 1 9  ? 6.749   8.413   -3.835  1.00 19.34 ? 9    ALA A CA  1 
ATOM   52  C  C   . ALA A 1 9  ? 8.230   8.532   -3.494  1.00 17.66 ? 9    ALA A C   1 
ATOM   53  O  O   . ALA A 1 9  ? 8.868   7.468   -3.627  1.00 19.16 ? 9    ALA A O   1 
ATOM   54  C  CB  . ALA A 1 9  ? 6.617   8.557   -5.334  1.00 30.79 ? 9    ALA A CB  1 
ATOM   55  N  N   . ASP A 1 10 ? 8.682   9.731   -3.166  1.00 17.56 ? 10   ASP A N   1 
ATOM   56  C  CA  . ASP A 1 10 ? 10.130  9.792   -2.833  1.00 19.86 ? 10   ASP A CA  1 
ATOM   57  C  C   . ASP A 1 10 ? 10.412  9.790   -1.334  1.00 16.43 ? 10   ASP A C   1 
ATOM   58  O  O   . ASP A 1 10 ? 11.557  9.965   -0.955  1.00 22.63 ? 10   ASP A O   1 
ATOM   59  C  CB  . ASP A 1 10 ? 10.859  10.936  -3.540  1.00 26.85 ? 10   ASP A CB  1 
ATOM   60  C  CG  . ASP A 1 10 ? 10.102  12.222  -3.306  1.00 31.05 ? 10   ASP A CG  1 
ATOM   61  O  OD1 . ASP A 1 10 ? 9.195   12.223  -2.465  1.00 53.12 ? 10   ASP A OD1 1 
ATOM   62  O  OD2 . ASP A 1 10 ? 10.431  13.170  -4.007  1.00 38.63 ? 10   ASP A OD2 1 
ATOM   63  N  N   . ASP A 1 11 ? 9.444   9.458   -0.461  1.00 11.02 ? 11   ASP A N   1 
ATOM   64  C  CA  . ASP A 1 11 ? 9.736   9.094   0.900   1.00 10.40 ? 11   ASP A CA  1 
ATOM   65  C  C   . ASP A 1 11 ? 10.719  7.961   0.914   1.00 7.64  ? 11   ASP A C   1 
ATOM   66  O  O   . ASP A 1 11 ? 10.482  6.996   0.116   1.00 7.54  ? 11   ASP A O   1 
ATOM   67  C  CB  . ASP A 1 11 ? 8.386   8.740   1.489   1.00 9.64  ? 11   ASP A CB  1 
ATOM   68  C  CG  . ASP A 1 11 ? 8.267   8.159   2.882   1.00 12.47 ? 11   ASP A CG  1 
ATOM   69  O  OD1 . ASP A 1 11 ? 9.131   7.413   3.291   1.00 16.91 ? 11   ASP A OD1 1 
ATOM   70  O  OD2 . ASP A 1 11 ? 7.291   8.481   3.644   1.00 17.05 ? 11   ASP A OD2 1 
ATOM   71  N  N   A PRO A 1 12 ? 11.769  7.964   1.701   0.45 7.94  ? 12   PRO A N   1 
ATOM   72  N  N   B PRO A 1 12 ? 11.786  7.919   1.713   0.55 7.96  ? 12   PRO A N   1 
ATOM   73  C  CA  A PRO A 1 12 ? 12.722  6.873   1.734   0.45 6.84  ? 12   PRO A CA  1 
ATOM   74  C  CA  B PRO A 1 12 ? 12.735  6.830   1.557   0.55 6.22  ? 12   PRO A CA  1 
ATOM   75  C  C   . PRO A 1 12 ? 12.127  5.465   1.837   1.00 5.61  ? 12   PRO A C   1 
ATOM   76  O  O   . PRO A 1 12 ? 12.603  4.553   1.208   1.00 6.21  ? 12   PRO A O   1 
ATOM   77  C  CB  A PRO A 1 12 ? 13.512  7.261   2.998   0.45 9.26  ? 12   PRO A CB  1 
ATOM   78  C  CB  B PRO A 1 12 ? 13.840  7.182   2.578   0.55 5.50  ? 12   PRO A CB  1 
ATOM   79  C  CG  A PRO A 1 12 ? 13.478  8.761   2.984   0.45 11.54 ? 12   PRO A CG  1 
ATOM   80  C  CG  B PRO A 1 12 ? 13.177  8.079   3.561   0.55 6.85  ? 12   PRO A CG  1 
ATOM   81  C  CD  A PRO A 1 12 ? 12.103  9.139   2.548   0.45 10.48 ? 12   PRO A CD  1 
ATOM   82  C  CD  B PRO A 1 12 ? 12.199  8.899   2.750   0.55 11.39 ? 12   PRO A CD  1 
ATOM   83  N  N   . THR A 1 13 ? 11.106  5.355   2.691   1.00 5.42  ? 13   THR A N   1 
ATOM   84  C  CA  . THR A 1 13 ? 10.450  4.068   2.859   1.00 5.09  ? 13   THR A CA  1 
ATOM   85  C  C   . THR A 1 13 ? 9.607   3.702   1.633   1.00 4.76  ? 13   THR A C   1 
ATOM   86  O  O   . THR A 1 13 ? 9.548   2.558   1.235   1.00 4.99  ? 13   THR A O   1 
ATOM   87  C  CB  . THR A 1 13 ? 9.615   4.042   4.137   1.00 5.41  ? 13   THR A CB  1 
ATOM   88  O  OG1 . THR A 1 13 ? 10.497  4.202   5.244   1.00 6.27  ? 13   THR A OG1 1 
ATOM   89  C  CG2 . THR A 1 13 ? 8.878   2.756   4.348   1.00 6.10  ? 13   THR A CG2 1 
ATOM   90  N  N   . ALA A 1 14 ? 8.949   4.700   1.016   1.00 4.77  ? 14   ALA A N   1 
ATOM   91  C  CA  . ALA A 1 14 ? 8.244   4.438   -0.246  1.00 5.07  ? 14   ALA A CA  1 
ATOM   92  C  C   . ALA A 1 14 ? 9.163   3.966   -1.353  1.00 4.76  ? 14   ALA A C   1 
ATOM   93  O  O   . ALA A 1 14 ? 8.800   3.136   -2.173  1.00 5.67  ? 14   ALA A O   1 
ATOM   94  C  CB  . ALA A 1 14 ? 7.444   5.649   -0.689  1.00 5.91  ? 14   ALA A CB  1 
ATOM   95  N  N   . ILE A 1 15 ? 10.388  4.512   -1.400  1.00 4.79  ? 15   ILE A N   1 
ATOM   96  C  CA  . ILE A 1 15 ? 11.379  4.057   -2.386  1.00 5.72  ? 15   ILE A CA  1 
ATOM   97  C  C   . ILE A 1 15 ? 11.797  2.651   -2.086  1.00 5.53  ? 15   ILE A C   1 
ATOM   98  O  O   . ILE A 1 15 ? 11.753  1.742   -2.919  1.00 7.55  ? 15   ILE A O   1 
ATOM   99  C  CB  . ILE A 1 15 ? 12.545  5.032   -2.428  1.00 6.58  ? 15   ILE A CB  1 
ATOM   100 C  CG1 A ILE A 1 15 ? 12.186  6.448   -2.874  0.46 7.91  ? 15   ILE A CG1 1 
ATOM   101 C  CG1 B ILE A 1 15 ? 12.067  6.248   -3.247  0.54 7.54  ? 15   ILE A CG1 1 
ATOM   102 C  CG2 A ILE A 1 15 ? 13.672  4.477   -3.289  0.46 8.36  ? 15   ILE A CG2 1 
ATOM   103 C  CG2 B ILE A 1 15 ? 13.768  4.428   -3.051  0.54 7.95  ? 15   ILE A CG2 1 
ATOM   104 C  CD1 A ILE A 1 15 ? 11.852  6.519   -4.334  0.46 6.82  ? 15   ILE A CD1 1 
ATOM   105 C  CD1 B ILE A 1 15 ? 12.963  7.442   -3.024  0.54 7.27  ? 15   ILE A CD1 1 
ATOM   106 N  N   . ALA A 1 16 ? 12.161  2.392   -0.816  1.00 5.21  ? 16   ALA A N   1 
ATOM   107 C  CA  . ALA A 1 16 ? 12.654  1.074   -0.464  1.00 6.35  ? 16   ALA A CA  1 
ATOM   108 C  C   . ALA A 1 16 ? 11.617  -0.040  -0.685  1.00 5.78  ? 16   ALA A C   1 
ATOM   109 O  O   . ALA A 1 16 ? 11.957  -1.143  -1.095  1.00 8.50  ? 16   ALA A O   1 
ATOM   110 C  CB  . ALA A 1 16 ? 13.129  1.046   0.969   1.00 9.25  ? 16   ALA A CB  1 
ATOM   111 N  N   . LEU A 1 17 ? 10.361  0.290   -0.370  1.00 4.31  ? 17   LEU A N   1 
ATOM   112 C  CA  . LEU A 1 17 ? 9.255   -0.657  -0.483  1.00 4.18  ? 17   LEU A CA  1 
ATOM   113 C  C   . LEU A 1 17 ? 8.548   -0.568  -1.806  1.00 3.93  ? 17   LEU A C   1 
ATOM   114 O  O   . LEU A 1 17 ? 7.587   -1.310  -2.062  1.00 4.71  ? 17   LEU A O   1 
ATOM   115 C  CB  . LEU A 1 17 ? 8.253   -0.470  0.648   1.00 4.25  ? 17   LEU A CB  1 
ATOM   116 C  CG  . LEU A 1 17 ? 8.793   -0.701  2.048   1.00 4.87  ? 17   LEU A CG  1 
ATOM   117 C  CD1 . LEU A 1 17 ? 7.702   -0.522  3.069   1.00 5.54  ? 17   LEU A CD1 1 
ATOM   118 C  CD2 . LEU A 1 17 ? 9.426   -2.058  2.197   1.00 8.04  ? 17   LEU A CD2 1 
ATOM   119 N  N   . LYS A 1 18 ? 8.966   0.317   -2.715  1.00 4.04  ? 18   LYS A N   1 
ATOM   120 C  CA  . LYS A 1 18 ? 8.309   0.443   -4.006  1.00 4.11  ? 18   LYS A CA  1 
ATOM   121 C  C   . LYS A 1 18 ? 6.803   0.656   -3.832  1.00 4.04  ? 18   LYS A C   1 
ATOM   122 O  O   . LYS A 1 18 ? 5.978   0.064   -4.524  1.00 5.19  ? 18   LYS A O   1 
ATOM   123 C  CB  . LYS A 1 18 ? 8.645   -0.725  -4.929  1.00 4.66  ? 18   LYS A CB  1 
ATOM   124 C  CG  A LYS A 1 18 ? 10.147  -0.850  -5.152  0.62 3.86  ? 18   LYS A CG  1 
ATOM   125 C  CG  B LYS A 1 18 ? 10.067  -0.650  -5.468  0.38 6.26  ? 18   LYS A CG  1 
ATOM   126 C  CD  A LYS A 1 18 ? 10.680  0.252   -6.076  0.62 4.83  ? 18   LYS A CD  1 
ATOM   127 C  CD  B LYS A 1 18 ? 10.350  0.536   -6.394  0.38 11.60 ? 18   LYS A CD  1 
ATOM   128 C  CE  A LYS A 1 18 ? 12.156  0.399   -6.005  0.62 5.06  ? 18   LYS A CE  1 
ATOM   129 C  CE  B LYS A 1 18 ? 11.781  0.694   -6.821  0.38 8.30  ? 18   LYS A CE  1 
ATOM   130 N  NZ  A LYS A 1 18 ? 12.649  1.455   -6.966  0.62 5.80  ? 18   LYS A NZ  1 
ATOM   131 N  NZ  B LYS A 1 18 ? 12.553  1.483   -5.783  0.38 9.35  ? 18   LYS A NZ  1 
ATOM   132 N  N   . TYR A 1 19 ? 6.441   1.571   -2.927  1.00 3.88  ? 19   TYR A N   1 
ATOM   133 C  CA  . TYR A 1 19 ? 5.047   1.950   -2.793  1.00 3.84  ? 19   TYR A CA  1 
ATOM   134 C  C   . TYR A 1 19 ? 4.573   2.772   -3.973  1.00 3.77  ? 19   TYR A C   1 
ATOM   135 O  O   . TYR A 1 19 ? 5.249   3.708   -4.412  1.00 5.08  ? 19   TYR A O   1 
ATOM   136 C  CB  . TYR A 1 19 ? 4.856   2.782   -1.499  1.00 4.28  ? 19   TYR A CB  1 
ATOM   137 C  CG  . TYR A 1 19 ? 3.473   3.418   -1.400  1.00 4.03  ? 19   TYR A CG  1 
ATOM   138 C  CD1 . TYR A 1 19 ? 2.352   2.640   -1.073  1.00 4.53  ? 19   TYR A CD1 1 
ATOM   139 C  CD2 . TYR A 1 19 ? 3.322   4.759   -1.673  1.00 4.79  ? 19   TYR A CD2 1 
ATOM   140 C  CE1 . TYR A 1 19 ? 1.097   3.238   -1.023  1.00 4.84  ? 19   TYR A CE1 1 
ATOM   141 C  CE2 . TYR A 1 19 ? 2.042   5.357   -1.622  1.00 5.21  ? 19   TYR A CE2 1 
ATOM   142 C  CZ  . TYR A 1 19 ? 0.957   4.590   -1.307  1.00 4.87  ? 19   TYR A CZ  1 
ATOM   143 O  OH  . TYR A 1 19 ? -0.311  5.142   -1.209  1.00 5.79  ? 19   TYR A OH  1 
ATOM   144 N  N   . ASN A 1 20 ? 3.356   2.481   -4.430  1.00 4.06  ? 20   ASN A N   1 
ATOM   145 C  CA  . ASN A 1 20 ? 2.652   3.340   -5.371  1.00 4.05  ? 20   ASN A CA  1 
ATOM   146 C  C   . ASN A 1 20 ? 1.220   3.454   -4.867  1.00 3.87  ? 20   ASN A C   1 
ATOM   147 O  O   . ASN A 1 20 ? 0.608   2.471   -4.475  1.00 4.43  ? 20   ASN A O   1 
ATOM   148 C  CB  . ASN A 1 20 ? 2.715   2.757   -6.779  1.00 4.85  ? 20   ASN A CB  1 
ATOM   149 C  CG  . ASN A 1 20 ? 2.445   3.834   -7.822  1.00 5.24  ? 20   ASN A CG  1 
ATOM   150 O  OD1 . ASN A 1 20 ? 1.357   4.372   -7.932  1.00 5.49  ? 20   ASN A OD1 1 
ATOM   151 N  ND2 . ASN A 1 20 ? 3.491   4.100   -8.586  1.00 9.87  ? 20   ASN A ND2 1 
ATOM   152 N  N   . GLN A 1 21 ? 0.632   4.657   -4.976  1.00 4.37  ? 21   GLN A N   1 
ATOM   153 C  CA  . GLN A 1 21 ? -0.756  4.835   -4.625  1.00 4.65  ? 21   GLN A CA  1 
ATOM   154 C  C   . GLN A 1 21 ? -1.713  4.155   -5.583  1.00 4.25  ? 21   GLN A C   1 
ATOM   155 O  O   . GLN A 1 21 ? -2.914  4.026   -5.261  1.00 5.13  ? 21   GLN A O   1 
ATOM   156 C  CB  . GLN A 1 21 ? -1.114  6.302   -4.509  1.00 7.34  ? 21   GLN A CB  1 
ATOM   157 C  CG  . GLN A 1 21 ? -1.068  7.055   -5.772  1.00 9.99  ? 21   GLN A CG  1 
ATOM   158 C  CD  . GLN A 1 21 ? -1.371  8.499   -5.466  1.00 18.06 ? 21   GLN A CD  1 
ATOM   159 O  OE1 . GLN A 1 21 ? -0.843  9.145   -4.556  1.00 21.41 ? 21   GLN A OE1 1 
ATOM   160 N  NE2 . GLN A 1 21 ? -2.331  8.984   -6.178  1.00 25.42 ? 21   GLN A NE2 1 
ATOM   161 N  N   . ASP A 1 22 ? -1.219  3.688   -6.735  1.00 4.14  ? 22   ASP A N   1 
ATOM   162 C  CA  . ASP A 1 22 ? -2.032  3.007   -7.730  1.00 4.23  ? 22   ASP A CA  1 
ATOM   163 C  C   . ASP A 1 22 ? -1.331  1.678   -8.038  1.00 4.13  ? 22   ASP A C   1 
ATOM   164 O  O   . ASP A 1 22 ? -0.284  1.637   -8.681  1.00 4.43  ? 22   ASP A O   1 
ATOM   165 C  CB  . ASP A 1 22 ? -2.175  3.876   -8.968  1.00 5.39  ? 22   ASP A CB  1 
ATOM   166 C  CG  . ASP A 1 22 ? -2.997  3.285   -10.072 1.00 5.78  ? 22   ASP A CG  1 
ATOM   167 O  OD1 . ASP A 1 22 ? -3.311  2.094   -10.014 1.00 6.46  ? 22   ASP A OD1 1 
ATOM   168 O  OD2 . ASP A 1 22 ? -3.319  4.064   -11.022 1.00 7.66  ? 22   ASP A OD2 1 
ATOM   169 N  N   . ALA A 1 23 ? -1.923  0.578   -7.555  1.00 4.07  ? 23   ALA A N   1 
ATOM   170 C  CA  . ALA A 1 23 ? -1.303  -0.729  -7.721  1.00 4.26  ? 23   ALA A CA  1 
ATOM   171 C  C   . ALA A 1 23 ? -1.075  -1.112  -9.158  1.00 3.95  ? 23   ALA A C   1 
ATOM   172 O  O   . ALA A 1 23 ? -0.195  -1.921  -9.467  1.00 4.59  ? 23   ALA A O   1 
ATOM   173 C  CB  . ALA A 1 23 ? -2.153  -1.779  -7.036  1.00 4.37  ? 23   ALA A CB  1 
ATOM   174 N  N   . THR A 1 24 ? -1.891  -0.560  -10.099 1.00 4.20  ? 24   THR A N   1 
ATOM   175 C  CA  . THR A 1 24 ? -1.689  -0.866  -11.502 1.00 4.73  ? 24   THR A CA  1 
ATOM   176 C  C   . THR A 1 24 ? -0.410  -0.263  -12.057 1.00 4.82  ? 24   THR A C   1 
ATOM   177 O  O   . THR A 1 24 ? 0.038   -0.622  -13.150 1.00 6.00  ? 24   THR A O   1 
ATOM   178 C  CB  . THR A 1 24 ? -2.858  -0.366  -12.392 1.00 6.22  ? 24   THR A CB  1 
ATOM   179 O  OG1 . THR A 1 24 ? -2.932  1.032   -12.441 1.00 7.25  ? 24   THR A OG1 1 
ATOM   180 C  CG2 . THR A 1 24 ? -4.156  -0.980  -11.890 1.00 8.01  ? 24   THR A CG2 1 
ATOM   181 N  N   . LYS A 1 25 ? 0.206   0.654   -11.321 1.00 4.28  ? 25   LYS A N   1 
ATOM   182 C  CA  . LYS A 1 25 ? 1.455   1.311   -11.652 1.00 4.65  ? 25   LYS A CA  1 
ATOM   183 C  C   . LYS A 1 25 ? 2.612   0.807   -10.794 1.00 4.53  ? 25   LYS A C   1 
ATOM   184 O  O   . LYS A 1 25 ? 3.651   1.469   -10.696 1.00 7.09  ? 25   LYS A O   1 
ATOM   185 C  CB  . LYS A 1 25 ? 1.335   2.845   -11.472 1.00 5.77  ? 25   LYS A CB  1 
ATOM   186 C  CG  . LYS A 1 25 ? 0.153   3.493   -12.131 1.00 7.21  ? 25   LYS A CG  1 
ATOM   187 C  CD  . LYS A 1 25 ? 0.105   3.290   -13.573 1.00 9.92  ? 25   LYS A CD  1 
ATOM   188 C  CE  . LYS A 1 25 ? -1.065  4.157   -14.152 1.00 12.38 ? 25   LYS A CE  1 
ATOM   189 N  NZ  . LYS A 1 25 ? -2.369  3.612   -13.745 1.00 11.48 ? 25   LYS A NZ  1 
ATOM   190 N  N   . SER A 1 26 ? 2.454   -0.368  -10.162 1.00 4.34  ? 26   SER A N   1 
ATOM   191 C  CA  . SER A 1 26 ? 3.399   -0.859  -9.179  1.00 4.18  ? 26   SER A CA  1 
ATOM   192 C  C   . SER A 1 26 ? 4.178   -2.073  -9.701  1.00 4.30  ? 26   SER A C   1 
ATOM   193 O  O   . SER A 1 26 ? 3.849   -2.646  -10.745 1.00 4.73  ? 26   SER A O   1 
ATOM   194 C  CB  . SER A 1 26 ? 2.684   -1.249  -7.910  1.00 4.61  ? 26   SER A CB  1 
ATOM   195 O  OG  . SER A 1 26 ? 2.057   -2.516  -8.015  1.00 4.80  ? 26   SER A OG  1 
ATOM   196 N  N   . GLU A 1 27 ? 5.170   -2.458  -8.892  1.00 4.34  ? 27   GLU A N   1 
ATOM   197 C  CA  . GLU A 1 27 ? 6.014   -3.638  -9.131  1.00 4.31  ? 27   GLU A CA  1 
ATOM   198 C  C   . GLU A 1 27 ? 5.438   -4.928  -8.545  1.00 3.99  ? 27   GLU A C   1 
ATOM   199 O  O   . GLU A 1 27 ? 6.173   -5.887  -8.342  1.00 4.55  ? 27   GLU A O   1 
ATOM   200 C  CB  . GLU A 1 27 ? 7.423   -3.399  -8.600  1.00 5.09  ? 27   GLU A CB  1 
ATOM   201 C  CG  . GLU A 1 27 ? 8.141   -2.327  -9.393  1.00 5.62  ? 27   GLU A CG  1 
ATOM   202 C  CD  . GLU A 1 27 ? 9.611   -2.201  -9.115  1.00 5.83  ? 27   GLU A CD  1 
ATOM   203 O  OE1 . GLU A 1 27 ? 10.141  -3.106  -8.367  1.00 6.84  ? 27   GLU A OE1 1 
ATOM   204 O  OE2 . GLU A 1 27 ? 10.317  -1.352  -9.674  1.00 9.45  ? 27   GLU A OE2 1 
ATOM   205 N  N   . ARG A 1 28 ? 4.107   -4.996  -8.350  1.00 3.94  ? 28   ARG A N   1 
ATOM   206 C  CA  . ARG A 1 28 ? 3.563   -6.193  -7.741  1.00 3.81  ? 28   ARG A CA  1 
ATOM   207 C  C   . ARG A 1 28 ? 3.845   -7.464  -8.537  1.00 3.82  ? 28   ARG A C   1 
ATOM   208 O  O   . ARG A 1 28 ? 4.089   -8.519  -7.932  1.00 4.33  ? 28   ARG A O   1 
ATOM   209 C  CB  . ARG A 1 28 ? 2.056   -6.009  -7.465  1.00 3.98  ? 28   ARG A CB  1 
ATOM   210 C  CG  . ARG A 1 28 ? 1.197   -5.801  -8.695  1.00 3.83  ? 28   ARG A CG  1 
ATOM   211 C  CD  . ARG A 1 28 ? -0.202  -5.314  -8.290  1.00 4.03  ? 28   ARG A CD  1 
ATOM   212 N  NE  . ARG A 1 28 ? -0.991  -5.150  -9.517  1.00 4.61  ? 28   ARG A NE  1 
ATOM   213 C  CZ  . ARG A 1 28 ? -2.295  -4.945  -9.533  1.00 4.54  ? 28   ARG A CZ  1 
ATOM   214 N  NH1 . ARG A 1 28 ? -2.985  -4.884  -8.411  1.00 5.06  ? 28   ARG A NH1 1 
ATOM   215 N  NH2 . ARG A 1 28 ? -2.889  -4.826  -10.728 1.00 5.25  ? 28   ARG A NH2 1 
ATOM   216 N  N   . VAL A 1 29 ? 3.777   -7.435  -9.870  1.00 4.21  ? 29   VAL A N   1 
ATOM   217 C  CA  . VAL A 1 29 ? 4.097   -8.638  -10.613 1.00 4.41  ? 29   VAL A CA  1 
ATOM   218 C  C   . VAL A 1 29 ? 5.521   -9.085  -10.411 1.00 4.46  ? 29   VAL A C   1 
ATOM   219 O  O   . VAL A 1 29 ? 5.841   -10.242 -10.255 1.00 5.81  ? 29   VAL A O   1 
ATOM   220 C  CB  . VAL A 1 29 ? 3.752   -8.453  -12.116 1.00 5.06  ? 29   VAL A CB  1 
ATOM   221 C  CG1 . VAL A 1 29 ? 4.267   -9.621  -12.960 1.00 6.09  ? 29   VAL A CG1 1 
ATOM   222 C  CG2 . VAL A 1 29 ? 2.247   -8.290  -12.256 1.00 7.70  ? 29   VAL A CG2 1 
ATOM   223 N  N   . ALA A 1 30 ? 6.447   -8.100  -10.416 1.00 4.20  ? 30   ALA A N   1 
ATOM   224 C  CA  . ALA A 1 30 ? 7.868   -8.421  -10.272 1.00 4.71  ? 30   ALA A CA  1 
ATOM   225 C  C   . ALA A 1 30 ? 8.139   -9.068  -8.928  1.00 4.54  ? 30   ALA A C   1 
ATOM   226 O  O   . ALA A 1 30 ? 8.943   -9.988  -8.846  1.00 5.47  ? 30   ALA A O   1 
ATOM   227 C  CB  . ALA A 1 30 ? 8.673   -7.145  -10.408 1.00 4.94  ? 30   ALA A CB  1 
ATOM   228 N  N   . ALA A 1 31 ? 7.522   -8.519  -7.843  1.00 4.62  ? 31   ALA A N   1 
ATOM   229 C  CA  . ALA A 1 31 ? 7.847   -9.003  -6.517  1.00 4.66  ? 31   ALA A CA  1 
ATOM   230 C  C   . ALA A 1 31 ? 7.274   -10.381 -6.226  1.00 4.90  ? 31   ALA A C   1 
ATOM   231 O  O   . ALA A 1 31 ? 7.809   -11.125 -5.389  1.00 5.58  ? 31   ALA A O   1 
ATOM   232 C  CB  . ALA A 1 31 ? 7.332   -8.017  -5.486  1.00 5.23  ? 31   ALA A CB  1 
ATOM   233 N  N   . ALA A 1 32 ? 6.131   -10.719 -6.829  1.00 4.79  ? 32   ALA A N   1 
ATOM   234 C  CA  . ALA A 1 32 ? 5.543   -12.051 -6.690  1.00 5.27  ? 32   ALA A CA  1 
ATOM   235 C  C   . ALA A 1 32 ? 5.358   -12.464 -5.218  1.00 4.81  ? 32   ALA A C   1 
ATOM   236 O  O   . ALA A 1 32 ? 5.605   -13.593 -4.839  1.00 5.39  ? 32   ALA A O   1 
ATOM   237 C  CB  . ALA A 1 32 ? 6.313   -13.103 -7.489  1.00 7.31  ? 32   ALA A CB  1 
ATOM   238 N  N   . ARG A 1 33 ? 4.891   -11.520 -4.402  1.00 5.08  ? 33   ARG A N   1 
ATOM   239 C  CA  . ARG A 1 33 ? 4.727   -11.840 -2.992  1.00 4.78  ? 33   ARG A CA  1 
ATOM   240 C  C   . ARG A 1 33 ? 3.673   -12.933 -2.821  1.00 5.41  ? 33   ARG A C   1 
ATOM   241 O  O   . ARG A 1 33 ? 2.682   -12.985 -3.587  1.00 6.06  ? 33   ARG A O   1 
ATOM   242 C  CB  . ARG A 1 33 ? 4.308   -10.594 -2.188  1.00 4.95  ? 33   ARG A CB  1 
ATOM   243 C  CG  . ARG A 1 33 ? 5.346   -9.496  -2.247  1.00 5.48  ? 33   ARG A CG  1 
ATOM   244 C  CD  . ARG A 1 33 ? 6.783   -9.908  -1.893  1.00 6.04  ? 33   ARG A CD  1 
ATOM   245 N  NE  . ARG A 1 33 ? 6.807   -10.541 -0.584  1.00 6.51  ? 33   ARG A NE  1 
ATOM   246 C  CZ  . ARG A 1 33 ? 7.601   -11.523 -0.175  1.00 6.82  ? 33   ARG A CZ  1 
ATOM   247 N  NH1 . ARG A 1 33 ? 8.521   -12.030 -0.988  1.00 8.12  ? 33   ARG A NH1 1 
ATOM   248 N  NH2 . ARG A 1 33 ? 7.452   -11.991 1.084   1.00 8.95  ? 33   ARG A NH2 1 
ATOM   249 N  N   . PRO A 1 34 ? 3.856   -13.818 -1.864  1.00 6.33  ? 34   PRO A N   1 
ATOM   250 C  CA  . PRO A 1 34 ? 2.944   -14.938 -1.742  1.00 7.09  ? 34   PRO A CA  1 
ATOM   251 C  C   . PRO A 1 34 ? 1.615   -14.516 -1.137  1.00 6.69  ? 34   PRO A C   1 
ATOM   252 O  O   . PRO A 1 34 ? 1.500   -13.559 -0.393  1.00 9.24  ? 34   PRO A O   1 
ATOM   253 C  CB  . PRO A 1 34 ? 3.652   -15.910 -0.808  1.00 8.36  ? 34   PRO A CB  1 
ATOM   254 C  CG  . PRO A 1 34 ? 4.455   -14.963 0.080   1.00 8.41  ? 34   PRO A CG  1 
ATOM   255 C  CD  . PRO A 1 34 ? 4.929   -13.829 -0.829  1.00 6.84  ? 34   PRO A CD  1 
ATOM   256 N  N   . GLY A 1 35 ? 0.574   -15.315 -1.505  1.00 7.62  ? 35   GLY A N   1 
ATOM   257 C  CA  . GLY A 1 35 ? -0.717  -15.133 -0.868  1.00 8.46  ? 35   GLY A CA  1 
ATOM   258 C  C   . GLY A 1 35 ? -1.880  -14.949 -1.822  1.00 7.66  ? 35   GLY A C   1 
ATOM   259 O  O   . GLY A 1 35 ? -3.000  -15.379 -1.572  1.00 8.97  ? 35   GLY A O   1 
ATOM   260 N  N   . LEU A 1 36 ? -1.671  -14.169 -2.859  1.00 6.41  ? 36   LEU A N   1 
ATOM   261 C  CA  . LEU A 1 36 ? -2.583  -14.034 -3.965  1.00 5.73  ? 36   LEU A CA  1 
ATOM   262 C  C   . LEU A 1 36 ? -1.759  -13.883 -5.231  1.00 5.83  ? 36   LEU A C   1 
ATOM   263 O  O   . LEU A 1 36 ? -0.637  -13.319 -5.183  1.00 5.96  ? 36   LEU A O   1 
ATOM   264 C  CB  . LEU A 1 36 ? -3.508  -12.806 -3.881  1.00 6.14  ? 36   LEU A CB  1 
ATOM   265 C  CG  . LEU A 1 36 ? -4.619  -12.887 -2.826  1.00 7.12  ? 36   LEU A CG  1 
ATOM   266 C  CD1 . LEU A 1 36 ? -5.315  -11.548 -2.692  1.00 8.56  ? 36   LEU A CD1 1 
ATOM   267 C  CD2 . LEU A 1 36 ? -5.611  -13.954 -3.162  1.00 9.37  ? 36   LEU A CD2 1 
ATOM   268 N  N   . PRO A 1 37 ? -2.295  -14.251 -6.386  1.00 5.97  ? 37   PRO A N   1 
ATOM   269 C  CA  . PRO A 1 37 ? -1.702  -13.852 -7.649  1.00 6.75  ? 37   PRO A CA  1 
ATOM   270 C  C   . PRO A 1 37 ? -1.405  -12.366 -7.636  1.00 5.15  ? 37   PRO A C   1 
ATOM   271 O  O   . PRO A 1 37 ? -2.208  -11.582 -7.132  1.00 5.25  ? 37   PRO A O   1 
ATOM   272 C  CB  . PRO A 1 37 ? -2.767  -14.246 -8.686  1.00 9.05  ? 37   PRO A CB  1 
ATOM   273 C  CG  . PRO A 1 37 ? -3.451  -15.451 -8.033  1.00 8.40  ? 37   PRO A CG  1 
ATOM   274 C  CD  . PRO A 1 37 ? -3.494  -15.081 -6.585  1.00 7.30  ? 37   PRO A CD  1 
ATOM   275 N  N   A PRO A 1 38 ? -0.287  -11.914 -8.186  0.45 5.07  ? 38   PRO A N   1 
ATOM   276 N  N   B PRO A 1 38 ? -0.244  -11.975 -8.165  0.55 5.30  ? 38   PRO A N   1 
ATOM   277 C  CA  A PRO A 1 38 ? 0.136   -10.551 -7.903  0.45 5.41  ? 38   PRO A CA  1 
ATOM   278 C  CA  B PRO A 1 38 ? 0.172   -10.569 -8.020  0.55 4.58  ? 38   PRO A CA  1 
ATOM   279 C  C   . PRO A 1 38 ? -0.816  -9.515  -8.458  1.00 4.13  ? 38   PRO A C   1 
ATOM   280 O  O   . PRO A 1 38 ? -0.919  -8.460  -7.829  1.00 4.48  ? 38   PRO A O   1 
ATOM   281 C  CB  A PRO A 1 38 ? 1.513   -10.445 -8.539  0.45 6.28  ? 38   PRO A CB  1 
ATOM   282 C  CB  B PRO A 1 38 ? 1.447   -10.549 -8.863  0.55 5.96  ? 38   PRO A CB  1 
ATOM   283 C  CG  A PRO A 1 38 ? 1.542   -11.525 -9.546  0.45 7.94  ? 38   PRO A CG  1 
ATOM   284 C  CG  B PRO A 1 38 ? 2.020   -11.905 -8.596  0.55 8.16  ? 38   PRO A CG  1 
ATOM   285 C  CD  A PRO A 1 38 ? 0.688   -12.645 -9.020  0.45 7.77  ? 38   PRO A CD  1 
ATOM   286 C  CD  B PRO A 1 38 ? 0.844   -12.789 -8.799  0.55 6.74  ? 38   PRO A CD  1 
ATOM   287 N  N   . GLU A 1 39 ? -1.501  -9.759  -9.571  1.00 4.23  ? 39   GLU A N   1 
ATOM   288 C  CA  . GLU A 1 39 ? -2.403  -8.736  -10.097 1.00 4.26  ? 39   GLU A CA  1 
ATOM   289 C  C   . GLU A 1 39 ? -3.588  -8.489  -9.172  1.00 3.92  ? 39   GLU A C   1 
ATOM   290 O  O   . GLU A 1 39 ? -4.291  -7.475  -9.359  1.00 4.65  ? 39   GLU A O   1 
ATOM   291 C  CB  . GLU A 1 39 ? -2.905  -9.067  -11.495 1.00 6.12  ? 39   GLU A CB  1 
ATOM   292 C  CG  . GLU A 1 39 ? -1.839  -9.190  -12.569 1.00 7.75  ? 39   GLU A CG  1 
ATOM   293 C  CD  . GLU A 1 39 ? -1.245  -7.900  -13.011 1.00 8.87  ? 39   GLU A CD  1 
ATOM   294 O  OE1 . GLU A 1 39 ? -1.445  -6.833  -12.448 1.00 11.24 ? 39   GLU A OE1 1 
ATOM   295 O  OE2 . GLU A 1 39 ? -0.497  -7.967  -14.062 1.00 11.30 ? 39   GLU A OE2 1 
ATOM   296 N  N   . GLU A 1 40 ? -3.845  -9.365  -8.208  1.00 3.99  ? 40   GLU A N   1 
ATOM   297 C  CA  . GLU A 1 40 ? -4.902  -9.173  -7.259  1.00 4.09  ? 40   GLU A CA  1 
ATOM   298 C  C   . GLU A 1 40 ? -4.493  -8.353  -6.020  1.00 4.14  ? 40   GLU A C   1 
ATOM   299 O  O   . GLU A 1 40 ? -5.347  -8.001  -5.223  1.00 5.69  ? 40   GLU A O   1 
ATOM   300 C  CB  . GLU A 1 40 ? -5.461  -10.541 -6.761  1.00 4.89  ? 40   GLU A CB  1 
ATOM   301 C  CG  . GLU A 1 40 ? -6.148  -11.316 -7.863  1.00 6.85  ? 40   GLU A CG  1 
ATOM   302 C  CD  . GLU A 1 40 ? -6.664  -12.631 -7.341  1.00 7.84  ? 40   GLU A CD  1 
ATOM   303 O  OE1 . GLU A 1 40 ? -7.571  -12.622 -6.481  1.00 10.32 ? 40   GLU A OE1 1 
ATOM   304 O  OE2 . GLU A 1 40 ? -6.252  -13.649 -7.857  1.00 9.31  ? 40   GLU A OE2 1 
ATOM   305 N  N   . GLN A 1 41 ? -3.205  -8.075  -5.855  1.00 3.53  ? 41   GLN A N   1 
ATOM   306 C  CA  . GLN A 1 41 ? -2.726  -7.479  -4.618  1.00 3.40  ? 41   GLN A CA  1 
ATOM   307 C  C   . GLN A 1 41 ? -2.871  -5.962  -4.629  1.00 3.59  ? 41   GLN A C   1 
ATOM   308 O  O   . GLN A 1 41 ? -2.460  -5.288  -5.594  1.00 4.11  ? 41   GLN A O   1 
ATOM   309 C  CB  . GLN A 1 41 ? -1.229  -7.798  -4.432  1.00 3.42  ? 41   GLN A CB  1 
ATOM   310 C  CG  . GLN A 1 41 ? -0.963  -9.301  -4.303  1.00 3.62  ? 41   GLN A CG  1 
ATOM   311 C  CD  . GLN A 1 41 ? 0.512   -9.599  -4.255  1.00 3.80  ? 41   GLN A CD  1 
ATOM   312 O  OE1 . GLN A 1 41 ? 1.370   -8.727  -4.093  1.00 3.93  ? 41   GLN A OE1 1 
ATOM   313 N  NE2 . GLN A 1 41 ? 0.813   -10.913 -4.406  1.00 4.19  ? 41   GLN A NE2 1 
ATOM   314 N  N   . HIS A 1 42 ? -3.399  -5.421  -3.551  1.00 3.28  ? 42   HIS A N   1 
ATOM   315 C  CA  . HIS A 1 42 ? -3.404  -3.982  -3.321  1.00 3.24  ? 42   HIS A CA  1 
ATOM   316 C  C   . HIS A 1 42 ? -3.608  -3.747  -1.829  1.00 3.14  ? 42   HIS A C   1 
ATOM   317 O  O   . HIS A 1 42 ? -3.828  -4.689  -1.064  1.00 3.53  ? 42   HIS A O   1 
ATOM   318 C  CB  A HIS A 1 42 ? -4.429  -3.221  -4.155  0.38 4.41  ? 42   HIS A CB  1 
ATOM   319 C  CB  B HIS A 1 42 ? -4.412  -3.271  -4.250  0.62 3.37  ? 42   HIS A CB  1 
ATOM   320 C  CG  A HIS A 1 42 ? -5.849  -3.647  -3.975  0.38 5.24  ? 42   HIS A CG  1 
ATOM   321 C  CG  B HIS A 1 42 ? -5.808  -3.796  -4.166  0.62 3.82  ? 42   HIS A CG  1 
ATOM   322 N  ND1 A HIS A 1 42 ? -6.789  -2.804  -3.430  0.38 4.95  ? 42   HIS A ND1 1 
ATOM   323 N  ND1 B HIS A 1 42 ? -6.231  -4.961  -4.780  0.62 7.60  ? 42   HIS A ND1 1 
ATOM   324 C  CD2 A HIS A 1 42 ? -6.523  -4.768  -4.319  0.38 9.06  ? 42   HIS A CD2 1 
ATOM   325 C  CD2 B HIS A 1 42 ? -6.916  -3.263  -3.603  0.62 5.04  ? 42   HIS A CD2 1 
ATOM   326 C  CE1 A HIS A 1 42 ? -7.967  -3.399  -3.418  0.38 8.57  ? 42   HIS A CE1 1 
ATOM   327 C  CE1 B HIS A 1 42 ? -7.526  -5.135  -4.534  0.62 9.20  ? 42   HIS A CE1 1 
ATOM   328 N  NE2 A HIS A 1 42 ? -7.839  -4.610  -3.937  0.38 8.93  ? 42   HIS A NE2 1 
ATOM   329 N  NE2 B HIS A 1 42 ? -7.966  -4.103  -3.826  0.62 5.76  ? 42   HIS A NE2 1 
ATOM   330 N  N   . CYS A 1 43 ? -3.526  -2.468  -1.395  1.00 3.19  ? 43   CYS A N   1 
ATOM   331 C  CA  . CYS A 1 43 ? -3.542  -2.219  0.038   1.00 3.26  ? 43   CYS A CA  1 
ATOM   332 C  C   . CYS A 1 43 ? -4.792  -2.776  0.729   1.00 3.28  ? 43   CYS A C   1 
ATOM   333 O  O   . CYS A 1 43 ? -4.701  -3.238  1.855   1.00 3.86  ? 43   CYS A O   1 
ATOM   334 C  CB  . CYS A 1 43 ? -3.414  -0.726  0.305   1.00 3.39  ? 43   CYS A CB  1 
ATOM   335 S  SG  . CYS A 1 43 ? -1.813  -0.013  -0.208  1.00 3.32  ? 43   CYS A SG  1 
ATOM   336 N  N   . ALA A 1 44 ? -5.961  -2.714  0.047   1.00 3.79  ? 44   ALA A N   1 
ATOM   337 C  CA  . ALA A 1 44 ? -7.169  -3.113  0.729   1.00 4.46  ? 44   ALA A CA  1 
ATOM   338 C  C   . ALA A 1 44 ? -7.181  -4.577  1.151   1.00 4.18  ? 44   ALA A C   1 
ATOM   339 O  O   . ALA A 1 44 ? -7.930  -4.917  2.062   1.00 5.63  ? 44   ALA A O   1 
ATOM   340 C  CB  . ALA A 1 44 ? -8.365  -2.843  -0.182  1.00 6.17  ? 44   ALA A CB  1 
ATOM   341 N  N   . ASN A 1 45 ? -6.397  -5.439  0.490   1.00 3.78  ? 45   ASN A N   1 
ATOM   342 C  CA  . ASN A 1 45 ? -6.338  -6.839  0.908   1.00 3.94  ? 45   ASN A CA  1 
ATOM   343 C  C   . ASN A 1 45 ? -4.989  -7.188  1.576   1.00 3.82  ? 45   ASN A C   1 
ATOM   344 O  O   . ASN A 1 45 ? -4.604  -8.362  1.626   1.00 4.42  ? 45   ASN A O   1 
ATOM   345 C  CB  . ASN A 1 45 ? -6.721  -7.800  -0.205  1.00 4.36  ? 45   ASN A CB  1 
ATOM   346 C  CG  . ASN A 1 45 ? -5.942  -7.696  -1.461  1.00 4.06  ? 45   ASN A CG  1 
ATOM   347 O  OD1 . ASN A 1 45 ? -4.807  -7.219  -1.501  1.00 4.41  ? 45   ASN A OD1 1 
ATOM   348 N  ND2 . ASN A 1 45 ? -6.549  -8.176  -2.551  1.00 5.85  ? 45   ASN A ND2 1 
ATOM   349 N  N   . CYS A 1 46 ? -4.363  -6.170  2.191   1.00 3.64  ? 46   CYS A N   1 
ATOM   350 C  CA  . CYS A 1 46 ? -3.130  -6.321  2.916   1.00 3.56  ? 46   CYS A CA  1 
ATOM   351 C  C   . CYS A 1 46 ? -3.369  -6.234  4.414   1.00 3.61  ? 46   CYS A C   1 
ATOM   352 O  O   . CYS A 1 46 ? -4.121  -5.384  4.919   1.00 4.14  ? 46   CYS A O   1 
ATOM   353 C  CB  . CYS A 1 46 ? -2.202  -5.175  2.509   1.00 3.45  ? 46   CYS A CB  1 
ATOM   354 S  SG  . CYS A 1 46 ? -0.575  -5.227  3.373   1.00 3.39  ? 46   CYS A SG  1 
ATOM   355 N  N   . GLN A 1 47 ? -2.669  -7.087  5.166   1.00 3.67  ? 47   GLN A N   1 
ATOM   356 C  CA  . GLN A 1 47 ? -2.775  -7.139  6.620   1.00 3.87  ? 47   GLN A CA  1 
ATOM   357 C  C   . GLN A 1 47 ? -2.366  -5.836  7.305   1.00 4.13  ? 47   GLN A C   1 
ATOM   358 O  O   . GLN A 1 47 ? -2.822  -5.594  8.426   1.00 5.32  ? 47   GLN A O   1 
ATOM   359 C  CB  . GLN A 1 47 ? -1.859  -8.270  7.106   1.00 4.49  ? 47   GLN A CB  1 
ATOM   360 C  CG  . GLN A 1 47 ? -1.858  -8.544  8.598   1.00 5.51  ? 47   GLN A CG  1 
ATOM   361 C  CD  . GLN A 1 47 ? -3.209  -8.896  9.202   1.00 5.85  ? 47   GLN A CD  1 
ATOM   362 O  OE1 . GLN A 1 47 ? -4.174  -9.113  8.498   1.00 6.64  ? 47   GLN A OE1 1 
ATOM   363 N  NE2 . GLN A 1 47 ? -3.237  -8.988  10.523  1.00 8.46  ? 47   GLN A NE2 1 
ATOM   364 N  N   . PHE A 1 48 ? -1.500  -5.039  6.689   1.00 3.72  ? 48   PHE A N   1 
ATOM   365 C  CA  . PHE A 1 48 ? -1.010  -3.836  7.331   1.00 3.78  ? 48   PHE A CA  1 
ATOM   366 C  C   . PHE A 1 48 ? -1.922  -2.624  7.138   1.00 3.79  ? 48   PHE A C   1 
ATOM   367 O  O   . PHE A 1 48 ? -1.735  -1.604  7.785   1.00 4.51  ? 48   PHE A O   1 
ATOM   368 C  CB  . PHE A 1 48 ? 0.415   -3.492  6.879   1.00 3.61  ? 48   PHE A CB  1 
ATOM   369 C  CG  . PHE A 1 48 ? 1.426   -4.542  7.331   1.00 3.87  ? 48   PHE A CG  1 
ATOM   370 C  CD1 . PHE A 1 48 ? 1.605   -4.818  8.671   1.00 5.07  ? 48   PHE A CD1 1 
ATOM   371 C  CD2 . PHE A 1 48 ? 2.183   -5.227  6.380   1.00 4.88  ? 48   PHE A CD2 1 
ATOM   372 C  CE1 . PHE A 1 48 ? 2.536   -5.722  9.087   1.00 5.90  ? 48   PHE A CE1 1 
ATOM   373 C  CE2 . PHE A 1 48 ? 3.123   -6.140  6.786   1.00 6.39  ? 48   PHE A CE2 1 
ATOM   374 C  CZ  . PHE A 1 48 ? 3.293   -6.409  8.157   1.00 6.30  ? 48   PHE A CZ  1 
ATOM   375 N  N   . MET A 1 49 ? -2.917  -2.735  6.243   1.00 3.75  ? 49   MET A N   1 
ATOM   376 C  CA  . MET A 1 49 ? -3.849  -1.629  6.056   1.00 4.00  ? 49   MET A CA  1 
ATOM   377 C  C   . MET A 1 49 ? -4.696  -1.460  7.323   1.00 4.55  ? 49   MET A C   1 
ATOM   378 O  O   . MET A 1 49 ? -5.134  -2.474  7.905   1.00 6.55  ? 49   MET A O   1 
ATOM   379 C  CB  . MET A 1 49 ? -4.728  -1.826  4.827   1.00 4.60  ? 49   MET A CB  1 
ATOM   380 C  CG  A MET A 1 49 ? -5.656  -0.771  4.320   0.41 5.56  ? 49   MET A CG  1 
ATOM   381 C  CG  B MET A 1 49 ? -5.128  -0.456  4.314   0.59 5.00  ? 49   MET A CG  1 
ATOM   382 S  SD  A MET A 1 49 ? -7.204  -0.656  5.192   0.41 8.73  ? 49   MET A SD  1 
ATOM   383 S  SD  B MET A 1 49 ? -6.519  -0.359  3.220   0.59 8.08  ? 49   MET A SD  1 
ATOM   384 C  CE  A MET A 1 49 ? -8.378  -0.181  3.951   0.41 24.56 ? 49   MET A CE  1 
ATOM   385 C  CE  B MET A 1 49 ? -7.817  -0.356  4.466   0.59 13.91 ? 49   MET A CE  1 
ATOM   386 N  N   . GLN A 1 50 ? -4.917  -0.240  7.743   1.00 4.78  ? 50   GLN A N   1 
ATOM   387 C  CA  . GLN A 1 50 ? -5.694  0.063   8.929   1.00 5.29  ? 50   GLN A CA  1 
ATOM   388 C  C   . GLN A 1 50 ? -7.037  0.629   8.523   1.00 5.50  ? 50   GLN A C   1 
ATOM   389 O  O   . GLN A 1 50 ? -7.172  1.768   8.120   1.00 6.09  ? 50   GLN A O   1 
ATOM   390 C  CB  . GLN A 1 50 ? -4.925  1.062   9.804   1.00 6.29  ? 50   GLN A CB  1 
ATOM   391 C  CG  . GLN A 1 50 ? -3.627  0.496   10.330  1.00 7.10  ? 50   GLN A CG  1 
ATOM   392 C  CD  . GLN A 1 50 ? -2.777  1.559   10.986  1.00 8.82  ? 50   GLN A CD  1 
ATOM   393 O  OE1 . GLN A 1 50 ? -2.515  2.597   10.369  1.00 12.63 ? 50   GLN A OE1 1 
ATOM   394 N  NE2 . GLN A 1 50 ? -2.294  1.358   12.178  1.00 18.95 ? 50   GLN A NE2 1 
ATOM   395 N  N   . ALA A 1 51 ? -8.060  -0.202  8.673   1.00 6.18  ? 51   ALA A N   1 
ATOM   396 C  CA  . ALA A 1 51 ? -9.424  0.135   8.305   1.00 7.37  ? 51   ALA A CA  1 
ATOM   397 C  C   . ALA A 1 51 ? -10.005 1.266   9.147   1.00 6.04  ? 51   ALA A C   1 
ATOM   398 O  O   . ALA A 1 51 ? -10.985 1.863   8.760   1.00 7.52  ? 51   ALA A O   1 
ATOM   399 C  CB  . ALA A 1 51 ? -10.297 -1.077  8.387   1.00 14.41 ? 51   ALA A CB  1 
ATOM   400 N  N   . ASN A 1 52 ? -9.426  1.512   10.292  1.00 5.62  ? 52   ASN A N   1 
ATOM   401 C  CA  . ASN A 1 52 ? -9.914  2.517   11.242  1.00 6.02  ? 52   ASN A CA  1 
ATOM   402 C  C   . ASN A 1 52 ? -9.007  3.712   11.349  1.00 5.36  ? 52   ASN A C   1 
ATOM   403 O  O   . ASN A 1 52 ? -9.084  4.466   12.314  1.00 7.49  ? 52   ASN A O   1 
ATOM   404 C  CB  . ASN A 1 52 ? -10.185 1.888   12.596  1.00 8.29  ? 52   ASN A CB  1 
ATOM   405 C  CG  . ASN A 1 52 ? -11.384 0.950   12.444  1.00 10.33 ? 52   ASN A CG  1 
ATOM   406 O  OD1 . ASN A 1 52 ? -12.539 1.403   12.225  1.00 13.42 ? 52   ASN A OD1 1 
ATOM   407 N  ND2 . ASN A 1 52 ? -11.132 -0.368  12.513  1.00 12.32 ? 52   ASN A ND2 1 
ATOM   408 N  N   . VAL A 1 53 ? -8.192  3.935   10.320  1.00 4.64  ? 53   VAL A N   1 
ATOM   409 C  CA  . VAL A 1 53 ? -7.380  5.131   10.182  1.00 4.39  ? 53   VAL A CA  1 
ATOM   410 C  C   . VAL A 1 53 ? -7.654  5.713   8.821   1.00 4.02  ? 53   VAL A C   1 
ATOM   411 O  O   . VAL A 1 53 ? -7.762  4.963   7.846   1.00 4.70  ? 53   VAL A O   1 
ATOM   412 C  CB  . VAL A 1 53 ? -5.869  4.817   10.356  1.00 5.04  ? 53   VAL A CB  1 
ATOM   413 C  CG1 . VAL A 1 53 ? -4.996  5.997   10.029  1.00 5.73  ? 53   VAL A CG1 1 
ATOM   414 C  CG2 . VAL A 1 53 ? -5.587  4.303   11.773  1.00 6.58  ? 53   VAL A CG2 1 
ATOM   415 N  N   . GLY A 1 54 ? -7.832  7.034   8.707   1.00 4.09  ? 54   GLY A N   1 
ATOM   416 C  CA  . GLY A 1 54 ? -8.173  7.653   7.486   1.00 3.96  ? 54   GLY A CA  1 
ATOM   417 C  C   . GLY A 1 54 ? -9.639  7.501   7.135   1.00 3.96  ? 54   GLY A C   1 
ATOM   418 O  O   . GLY A 1 54 ? -10.457 7.147   7.996   1.00 5.05  ? 54   GLY A O   1 
ATOM   419 N  N   . GLU A 1 55 ? -9.982  7.825   5.897   1.00 4.40  ? 55   GLU A N   1 
ATOM   420 C  CA  . GLU A 1 55 ? -11.379 7.850   5.464   1.00 4.54  ? 55   GLU A CA  1 
ATOM   421 C  C   . GLU A 1 55 ? -11.419 7.553   3.974   1.00 4.44  ? 55   GLU A C   1 
ATOM   422 O  O   . GLU A 1 55 ? -10.558 7.950   3.216   1.00 4.94  ? 55   GLU A O   1 
ATOM   423 C  CB  . GLU A 1 55 ? -11.975 9.245   5.773   1.00 5.49  ? 55   GLU A CB  1 
ATOM   424 C  CG  . GLU A 1 55 ? -13.451 9.379   5.443   1.00 6.30  ? 55   GLU A CG  1 
ATOM   425 C  CD  . GLU A 1 55 ? -13.798 9.587   4.007   1.00 5.82  ? 55   GLU A CD  1 
ATOM   426 O  OE1 . GLU A 1 55 ? -12.989 10.039  3.225   1.00 6.73  ? 55   GLU A OE1 1 
ATOM   427 O  OE2 . GLU A 1 55 ? -14.989 9.273   3.684   1.00 7.48  ? 55   GLU A OE2 1 
ATOM   428 N  N   . GLY A 1 56 ? -12.499 6.893   3.543   1.00 4.91  ? 56   GLY A N   1 
ATOM   429 C  CA  . GLY A 1 56 ? -12.668 6.709   2.097   1.00 5.33  ? 56   GLY A CA  1 
ATOM   430 C  C   . GLY A 1 56 ? -11.569 5.862   1.512   1.00 5.72  ? 56   GLY A C   1 
ATOM   431 O  O   . GLY A 1 56 ? -11.268 4.758   2.006   1.00 6.96  ? 56   GLY A O   1 
ATOM   432 N  N   . ASP A 1 57 ? -10.977 6.363   0.407   1.00 5.51  ? 57   ASP A N   1 
ATOM   433 C  CA  . ASP A 1 57 ? -9.910  5.649   -0.251  1.00 5.94  ? 57   ASP A CA  1 
ATOM   434 C  C   . ASP A 1 57 ? -8.533  5.858   0.398   1.00 4.99  ? 57   ASP A C   1 
ATOM   435 O  O   . ASP A 1 57 ? -7.566  5.268   -0.112  1.00 6.32  ? 57   ASP A O   1 
ATOM   436 C  CB  . ASP A 1 57 ? -9.808  6.061   -1.721  1.00 9.74  ? 57   ASP A CB  1 
ATOM   437 C  CG  . ASP A 1 57 ? -10.904 5.488   -2.569  1.00 15.76 ? 57   ASP A CG  1 
ATOM   438 O  OD1 . ASP A 1 57 ? -11.744 4.705   -2.093  1.00 18.59 ? 57   ASP A OD1 1 
ATOM   439 O  OD2 . ASP A 1 57 ? -10.888 5.906   -3.761  1.00 26.39 ? 57   ASP A OD2 1 
ATOM   440 N  N   . TRP A 1 58 ? -8.443  6.682   1.412   1.00 4.30  ? 58   TRP A N   1 
ATOM   441 C  CA  . TRP A 1 58 ? -7.136  7.048   1.990   1.00 4.30  ? 58   TRP A CA  1 
ATOM   442 C  C   . TRP A 1 58 ? -7.120  6.555   3.430   1.00 4.16  ? 58   TRP A C   1 
ATOM   443 O  O   . TRP A 1 58 ? -7.739  7.152   4.307   1.00 5.03  ? 58   TRP A O   1 
ATOM   444 C  CB  . TRP A 1 58 ? -6.962  8.546   1.879   1.00 4.91  ? 58   TRP A CB  1 
ATOM   445 C  CG  . TRP A 1 58 ? -6.844  9.022   0.466   1.00 5.32  ? 58   TRP A CG  1 
ATOM   446 C  CD1 . TRP A 1 58 ? -7.826  9.587   -0.296  1.00 6.87  ? 58   TRP A CD1 1 
ATOM   447 C  CD2 . TRP A 1 58 ? -5.699  8.983   -0.388  1.00 6.31  ? 58   TRP A CD2 1 
ATOM   448 N  NE1 . TRP A 1 58 ? -7.378  9.926   -1.547  1.00 8.21  ? 58   TRP A NE1 1 
ATOM   449 C  CE2 . TRP A 1 58 ? -6.073  9.563   -1.615  1.00 7.47  ? 58   TRP A CE2 1 
ATOM   450 C  CE3 . TRP A 1 58 ? -4.370  8.557   -0.214  1.00 6.92  ? 58   TRP A CE3 1 
ATOM   451 C  CZ2 . TRP A 1 58 ? -5.199  9.707   -2.710  1.00 9.68  ? 58   TRP A CZ2 1 
ATOM   452 C  CZ3 . TRP A 1 58 ? -3.486  8.698   -1.271  1.00 9.16  ? 58   TRP A CZ3 1 
ATOM   453 C  CH2 . TRP A 1 58 ? -3.942  9.282   -2.479  1.00 10.49 ? 58   TRP A CH2 1 
ATOM   454 N  N   . LYS A 1 59 ? -6.404  5.445   3.636   1.00 4.52  ? 59   LYS A N   1 
ATOM   455 C  CA  . LYS A 1 59 ? -6.455  4.719   4.895   1.00 4.10  ? 59   LYS A CA  1 
ATOM   456 C  C   . LYS A 1 59 ? -5.043  4.575   5.455   1.00 3.94  ? 59   LYS A C   1 
ATOM   457 O  O   . LYS A 1 59 ? -4.029  4.832   4.819   1.00 4.47  ? 59   LYS A O   1 
ATOM   458 C  CB  . LYS A 1 59 ? -7.137  3.375   4.702   1.00 4.78  ? 59   LYS A CB  1 
ATOM   459 C  CG  . LYS A 1 59 ? -8.578  3.492   4.179   1.00 5.70  ? 59   LYS A CG  1 
ATOM   460 C  CD  . LYS A 1 59 ? -9.534  4.211   5.104   1.00 5.68  ? 59   LYS A CD  1 
ATOM   461 C  CE  . LYS A 1 59 ? -9.887  3.390   6.283   1.00 6.31  ? 59   LYS A CE  1 
ATOM   462 N  NZ  . LYS A 1 59 ? -10.765 4.127   7.245   1.00 6.79  ? 59   LYS A NZ  1 
ATOM   463 N  N   . GLY A 1 60 ? -4.967  4.171   6.730   1.00 4.20  ? 60   GLY A N   1 
ATOM   464 C  CA  . GLY A 1 60 ? -3.685  3.980   7.349   1.00 4.38  ? 60   GLY A CA  1 
ATOM   465 C  C   . GLY A 1 60 ? -2.968  2.739   6.863   1.00 3.92  ? 60   GLY A C   1 
ATOM   466 O  O   . GLY A 1 60 ? -3.558  1.783   6.362   1.00 4.28  ? 60   GLY A O   1 
ATOM   467 N  N   . CYS A 1 61 ? -1.651  2.749   7.074   1.00 4.23  ? 61   CYS A N   1 
ATOM   468 C  CA  . CYS A 1 61 ? -0.823  1.581   6.936   1.00 3.87  ? 61   CYS A CA  1 
ATOM   469 C  C   . CYS A 1 61 ? 0.096   1.516   8.134   1.00 3.84  ? 61   CYS A C   1 
ATOM   470 O  O   . CYS A 1 61 ? 0.746   2.518   8.492   1.00 4.06  ? 61   CYS A O   1 
ATOM   471 C  CB  . CYS A 1 61 ? 0.046   1.657   5.667   1.00 4.19  ? 61   CYS A CB  1 
ATOM   472 S  SG  . CYS A 1 61 ? 1.251   0.295   5.580   1.00 3.86  ? 61   CYS A SG  1 
ATOM   473 N  N   . GLN A 1 62 ? 0.178   0.358   8.773   1.00 3.93  ? 62   GLN A N   1 
ATOM   474 C  CA  . GLN A 1 62 ? 0.988   0.228   9.986   1.00 4.39  ? 62   GLN A CA  1 
ATOM   475 C  C   . GLN A 1 62 ? 2.439   0.592   9.695   1.00 4.48  ? 62   GLN A C   1 
ATOM   476 O  O   . GLN A 1 62 ? 3.139   0.987   10.661  1.00 5.92  ? 62   GLN A O   1 
ATOM   477 C  CB  . GLN A 1 62 ? 0.898   -1.213  10.517  1.00 5.44  ? 62   GLN A CB  1 
ATOM   478 C  CG  . GLN A 1 62 ? -0.512  -1.549  10.985  1.00 7.81  ? 62   GLN A CG  1 
ATOM   479 C  CD  . GLN A 1 62 ? -0.660  -2.948  11.539  1.00 9.00  ? 62   GLN A CD  1 
ATOM   480 O  OE1 . GLN A 1 62 ? -1.806  -3.519  11.431  1.00 18.46 ? 62   GLN A OE1 1 
ATOM   481 N  NE2 . GLN A 1 62 ? 0.316   -3.566  11.988  1.00 11.41 ? 62   GLN A NE2 1 
ATOM   482 N  N   . LEU A 1 63 ? 2.927   0.426   8.468   1.00 3.78  ? 63   LEU A N   1 
ATOM   483 C  CA  . LEU A 1 63 ? 4.320   0.680   8.142   1.00 3.98  ? 63   LEU A CA  1 
ATOM   484 C  C   . LEU A 1 63 ? 4.649   2.140   7.883   1.00 3.97  ? 63   LEU A C   1 
ATOM   485 O  O   . LEU A 1 63 ? 5.808   2.522   7.803   1.00 4.68  ? 63   LEU A O   1 
ATOM   486 C  CB  . LEU A 1 63 ? 4.740   -0.145  6.899   1.00 4.14  ? 63   LEU A CB  1 
ATOM   487 C  CG  . LEU A 1 63 ? 4.335   -1.612  6.907   1.00 4.42  ? 63   LEU A CG  1 
ATOM   488 C  CD1 . LEU A 1 63 ? 5.001   -2.306  5.733   1.00 4.96  ? 63   LEU A CD1 1 
ATOM   489 C  CD2 . LEU A 1 63 ? 4.668   -2.327  8.217   1.00 4.99  ? 63   LEU A CD2 1 
ATOM   490 N  N   . PHE A 1 64 ? 3.607   2.980   7.742   1.00 3.85  ? 64   PHE A N   1 
ATOM   491 C  CA  . PHE A 1 64 ? 3.762   4.398   7.439   1.00 4.13  ? 64   PHE A CA  1 
ATOM   492 C  C   . PHE A 1 64 ? 3.051   5.225   8.517   1.00 4.29  ? 64   PHE A C   1 
ATOM   493 O  O   . PHE A 1 64 ? 2.016   5.862   8.261   1.00 4.62  ? 64   PHE A O   1 
ATOM   494 C  CB  . PHE A 1 64 ? 3.235   4.755   6.047   1.00 4.31  ? 64   PHE A CB  1 
ATOM   495 C  CG  . PHE A 1 64 ? 4.031   4.127   4.898   1.00 4.13  ? 64   PHE A CG  1 
ATOM   496 C  CD1 . PHE A 1 64 ? 5.090   4.827   4.367   1.00 4.58  ? 64   PHE A CD1 1 
ATOM   497 C  CD2 . PHE A 1 64 ? 3.655   2.907   4.380   1.00 4.64  ? 64   PHE A CD2 1 
ATOM   498 C  CE1 . PHE A 1 64 ? 5.787   4.294   3.288   1.00 5.22  ? 64   PHE A CE1 1 
ATOM   499 C  CE2 . PHE A 1 64 ? 4.379   2.381   3.308   1.00 5.59  ? 64   PHE A CE2 1 
ATOM   500 C  CZ  . PHE A 1 64 ? 5.416   3.060   2.750   1.00 5.61  ? 64   PHE A CZ  1 
ATOM   501 N  N   . PRO A 1 65 ? 3.556   5.201   9.747   1.00 5.81  ? 65   PRO A N   1 
ATOM   502 C  CA  . PRO A 1 65 ? 2.804   5.806   10.867  1.00 7.21  ? 65   PRO A CA  1 
ATOM   503 C  C   . PRO A 1 65 ? 2.672   7.302   10.654  1.00 6.76  ? 65   PRO A C   1 
ATOM   504 O  O   . PRO A 1 65 ? 3.631   7.964   10.312  1.00 8.79  ? 65   PRO A O   1 
ATOM   505 C  CB  . PRO A 1 65 ? 3.642   5.422   12.100  1.00 9.82  ? 65   PRO A CB  1 
ATOM   506 C  CG  . PRO A 1 65 ? 4.998   5.106   11.562  1.00 10.63 ? 65   PRO A CG  1 
ATOM   507 C  CD  . PRO A 1 65 ? 4.790   4.568   10.191  1.00 6.61  ? 65   PRO A CD  1 
ATOM   508 N  N   . GLY A 1 66 ? 1.455   7.819   10.859  1.00 7.76  ? 66   GLY A N   1 
ATOM   509 C  CA  . GLY A 1 66 ? 1.210   9.266   10.694  1.00 9.01  ? 66   GLY A CA  1 
ATOM   510 C  C   . GLY A 1 66 ? 0.806   9.646   9.300   1.00 7.43  ? 66   GLY A C   1 
ATOM   511 O  O   . GLY A 1 66 ? 0.495   10.808  9.063   1.00 13.07 ? 66   GLY A O   1 
ATOM   512 N  N   . LYS A 1 67 ? 0.774   8.731   8.355   1.00 6.09  ? 67   LYS A N   1 
ATOM   513 C  CA  . LYS A 1 67 ? 0.524   8.989   6.958   1.00 5.06  ? 67   LYS A CA  1 
ATOM   514 C  C   . LYS A 1 67 ? -0.718  8.251   6.480   1.00 4.65  ? 67   LYS A C   1 
ATOM   515 O  O   . LYS A 1 67 ? -1.329  7.531   7.246   1.00 6.80  ? 67   LYS A O   1 
ATOM   516 C  CB  . LYS A 1 67 ? 1.741   8.634   6.110   1.00 6.10  ? 67   LYS A CB  1 
ATOM   517 C  CG  . LYS A 1 67 ? 2.975   9.326   6.748   1.00 10.30 ? 67   LYS A CG  1 
ATOM   518 C  CD  . LYS A 1 67 ? 4.183   9.100   5.948   1.00 9.99  ? 67   LYS A CD  1 
ATOM   519 C  CE  . LYS A 1 67 ? 5.471   9.511   6.616   1.00 11.17 ? 67   LYS A CE  1 
ATOM   520 N  NZ  . LYS A 1 67 ? 5.554   10.929  7.046   1.00 12.38 ? 67   LYS A NZ  1 
ATOM   521 N  N   . LEU A 1 68 ? -1.106  8.471   5.224   1.00 4.27  ? 68   LEU A N   1 
ATOM   522 C  CA  . LEU A 1 68 ? -2.187  7.708   4.607   1.00 4.05  ? 68   LEU A CA  1 
ATOM   523 C  C   . LEU A 1 68 ? -1.677  7.130   3.286   1.00 3.87  ? 68   LEU A C   1 
ATOM   524 O  O   . LEU A 1 68 ? -0.945  7.767   2.529   1.00 4.82  ? 68   LEU A O   1 
ATOM   525 C  CB  . LEU A 1 68 ? -3.422  8.573   4.331   1.00 4.46  ? 68   LEU A CB  1 
ATOM   526 C  CG  . LEU A 1 68 ? -4.136  9.110   5.586   1.00 5.12  ? 68   LEU A CG  1 
ATOM   527 C  CD1 . LEU A 1 68 ? -5.278  10.026  5.171   1.00 5.95  ? 68   LEU A CD1 1 
ATOM   528 C  CD2 . LEU A 1 68 ? -4.651  7.997   6.491   1.00 5.80  ? 68   LEU A CD2 1 
ATOM   529 N  N   . ILE A 1 69 ? -2.125  5.896   3.041   1.00 4.00  ? 69   ILE A N   1 
ATOM   530 C  CA  . ILE A 1 69 ? -1.947  5.247   1.756   1.00 3.61  ? 69   ILE A CA  1 
ATOM   531 C  C   . ILE A 1 69 ? -3.281  5.260   1.025   1.00 3.79  ? 69   ILE A C   1 
ATOM   532 O  O   . ILE A 1 69 ? -4.314  5.608   1.597   1.00 4.83  ? 69   ILE A O   1 
ATOM   533 C  CB  . ILE A 1 69 ? -1.308  3.841   1.901   1.00 4.49  ? 69   ILE A CB  1 
ATOM   534 C  CG1 . ILE A 1 69 ? -2.058  2.877   2.814   1.00 4.93  ? 69   ILE A CG1 1 
ATOM   535 C  CG2 . ILE A 1 69 ? 0.128   4.020   2.382   1.00 6.17  ? 69   ILE A CG2 1 
ATOM   536 C  CD1 . ILE A 1 69 ? -3.450  2.429   2.391   1.00 5.50  ? 69   ILE A CD1 1 
ATOM   537 N  N   . ASN A 1 70 ? -3.275  4.846   -0.243  1.00 4.14  ? 70   ASN A N   1 
ATOM   538 C  CA  . ASN A 1 70 ? -4.512  4.674   -0.977  1.00 4.07  ? 70   ASN A CA  1 
ATOM   539 C  C   . ASN A 1 70 ? -4.889  3.175   -0.969  1.00 3.92  ? 70   ASN A C   1 
ATOM   540 O  O   . ASN A 1 70 ? -4.025  2.326   -1.179  1.00 4.08  ? 70   ASN A O   1 
ATOM   541 C  CB  . ASN A 1 70 ? -4.335  5.137   -2.398  1.00 4.64  ? 70   ASN A CB  1 
ATOM   542 C  CG  . ASN A 1 70 ? -5.658  5.294   -3.135  1.00 5.69  ? 70   ASN A CG  1 
ATOM   543 O  OD1 . ASN A 1 70 ? -6.284  4.311   -3.481  1.00 6.11  ? 70   ASN A OD1 1 
ATOM   544 N  ND2 . ASN A 1 70 ? -6.034  6.556   -3.383  1.00 8.00  ? 70   ASN A ND2 1 
ATOM   545 N  N   . VAL A 1 71 ? -6.173  2.872   -0.718  1.00 4.15  ? 71   VAL A N   1 
ATOM   546 C  CA  . VAL A 1 71 ? -6.634  1.496   -0.692  1.00 4.36  ? 71   VAL A CA  1 
ATOM   547 C  C   . VAL A 1 71 ? -6.351  0.745   -1.988  1.00 3.72  ? 71   VAL A C   1 
ATOM   548 O  O   . VAL A 1 71 ? -6.319  -0.498  -1.983  1.00 4.35  ? 71   VAL A O   1 
ATOM   549 C  CB  . VAL A 1 71 ? -8.157  1.425   -0.348  1.00 6.04  ? 71   VAL A CB  1 
ATOM   550 C  CG1 . VAL A 1 71 ? -8.425  2.036   1.027   1.00 6.72  ? 71   VAL A CG1 1 
ATOM   551 C  CG2 . VAL A 1 71 ? -8.989  2.066   -1.420  1.00 7.13  ? 71   VAL A CG2 1 
ATOM   552 N  N   . ASN A 1 72 ? -6.193  1.485   -3.084  1.00 3.80  ? 72   ASN A N   1 
ATOM   553 C  CA  . ASN A 1 72 ? -5.892  0.927   -4.384  1.00 3.77  ? 72   ASN A CA  1 
ATOM   554 C  C   . ASN A 1 72 ? -4.417  0.863   -4.700  1.00 3.80  ? 72   ASN A C   1 
ATOM   555 O  O   . ASN A 1 72 ? -4.065  0.566   -5.853  1.00 4.42  ? 72   ASN A O   1 
ATOM   556 C  CB  . ASN A 1 72 ? -6.657  1.698   -5.448  1.00 5.95  ? 72   ASN A CB  1 
ATOM   557 C  CG  . ASN A 1 72 ? -8.158  1.611   -5.195  1.00 9.53  ? 72   ASN A CG  1 
ATOM   558 O  OD1 . ASN A 1 72 ? -8.680  0.568   -4.920  1.00 12.55 ? 72   ASN A OD1 1 
ATOM   559 N  ND2 . ASN A 1 72 ? -8.808  2.756   -5.318  1.00 15.40 ? 72   ASN A ND2 1 
ATOM   560 N  N   . GLY A 1 73 ? -3.560  1.108   -3.705  1.00 3.75  ? 73   GLY A N   1 
ATOM   561 C  CA  . GLY A 1 73 ? -2.121  1.146   -3.885  1.00 3.49  ? 73   GLY A CA  1 
ATOM   562 C  C   . GLY A 1 73 ? -1.481  -0.215  -3.613  1.00 3.21  ? 73   GLY A C   1 
ATOM   563 O  O   . GLY A 1 73 ? -2.152  -1.237  -3.521  1.00 3.38  ? 73   GLY A O   1 
ATOM   564 N  N   . TRP A 1 74 ? -0.146  -0.198  -3.520  1.00 3.16  ? 74   TRP A N   1 
ATOM   565 C  CA  . TRP A 1 74 ? 0.600   -1.426  -3.261  1.00 3.13  ? 74   TRP A CA  1 
ATOM   566 C  C   . TRP A 1 74 ? 2.011   -1.039  -2.824  1.00 3.16  ? 74   TRP A C   1 
ATOM   567 O  O   . TRP A 1 74 ? 2.534   -0.028  -3.251  1.00 3.77  ? 74   TRP A O   1 
ATOM   568 C  CB  . TRP A 1 74 ? 0.673   -2.311  -4.542  1.00 3.25  ? 74   TRP A CB  1 
ATOM   569 C  CG  . TRP A 1 74 ? 1.407   -3.595  -4.396  1.00 3.16  ? 74   TRP A CG  1 
ATOM   570 C  CD1 . TRP A 1 74 ? 0.881   -4.801  -4.076  1.00 3.50  ? 74   TRP A CD1 1 
ATOM   571 C  CD2 . TRP A 1 74 ? 2.821   -3.809  -4.573  1.00 3.34  ? 74   TRP A CD2 1 
ATOM   572 N  NE1 . TRP A 1 74 ? 1.872   -5.771  -4.039  1.00 3.84  ? 74   TRP A NE1 1 
ATOM   573 C  CE2 . TRP A 1 74 ? 3.050   -5.177  -4.349  1.00 3.53  ? 74   TRP A CE2 1 
ATOM   574 C  CE3 . TRP A 1 74 ? 3.890   -2.969  -4.911  1.00 3.42  ? 74   TRP A CE3 1 
ATOM   575 C  CZ2 . TRP A 1 74 ? 4.356   -5.721  -4.446  1.00 4.03  ? 74   TRP A CZ2 1 
ATOM   576 C  CZ3 . TRP A 1 74 ? 5.152   -3.514  -5.020  1.00 4.10  ? 74   TRP A CZ3 1 
ATOM   577 C  CH2 . TRP A 1 74 ? 5.383   -4.885  -4.786  1.00 4.46  ? 74   TRP A CH2 1 
ATOM   578 N  N   . CYS A 1 75 ? 2.632   -1.909  -2.028  1.00 3.12  ? 75   CYS A N   1 
ATOM   579 C  CA  . CYS A 1 75 ? 4.072   -1.846  -1.825  1.00 3.21  ? 75   CYS A CA  1 
ATOM   580 C  C   . CYS A 1 75 ? 4.565   -3.277  -1.606  1.00 3.24  ? 75   CYS A C   1 
ATOM   581 O  O   . CYS A 1 75 ? 3.788   -4.213  -1.442  1.00 3.38  ? 75   CYS A O   1 
ATOM   582 C  CB  . CYS A 1 75 ? 4.484   -0.950  -0.630  1.00 3.25  ? 75   CYS A CB  1 
ATOM   583 S  SG  . CYS A 1 75 ? 4.417   -1.740  1.004   1.00 3.33  ? 75   CYS A SG  1 
ATOM   584 N  N   . ALA A 1 76 ? 5.912   -3.414  -1.571  1.00 3.68  ? 76   ALA A N   1 
ATOM   585 C  CA  . ALA A 1 76 ? 6.534   -4.736  -1.559  1.00 3.97  ? 76   ALA A CA  1 
ATOM   586 C  C   . ALA A 1 76 ? 6.380   -5.466  -0.223  1.00 3.89  ? 76   ALA A C   1 
ATOM   587 O  O   . ALA A 1 76 ? 6.683   -6.653  -0.163  1.00 5.08  ? 76   ALA A O   1 
ATOM   588 C  CB  . ALA A 1 76 ? 7.986   -4.626  -1.966  1.00 5.68  ? 76   ALA A CB  1 
ATOM   589 N  N   . SER A 1 77 ? 5.899   -4.769  0.801   1.00 3.73  ? 77   SER A N   1 
ATOM   590 C  CA  . SER A 1 77 ? 5.552   -5.410  2.065   1.00 3.84  ? 77   SER A CA  1 
ATOM   591 C  C   . SER A 1 77 ? 4.126   -5.962  2.067   1.00 3.64  ? 77   SER A C   1 
ATOM   592 O  O   . SER A 1 77 ? 3.687   -6.450  3.096   1.00 4.43  ? 77   SER A O   1 
ATOM   593 C  CB  . SER A 1 77 ? 5.773   -4.487  3.250   1.00 4.81  ? 77   SER A CB  1 
ATOM   594 O  OG  . SER A 1 77 ? 7.141   -4.292  3.552   1.00 10.11 ? 77   SER A OG  1 
ATOM   595 N  N   . TRP A 1 78 ? 3.439   -5.932  0.913   1.00 3.39  ? 78   TRP A N   1 
ATOM   596 C  CA  . TRP A 1 78 ? 2.082   -6.475  0.816   1.00 3.32  ? 78   TRP A CA  1 
ATOM   597 C  C   . TRP A 1 78 ? 2.072   -7.881  1.441   1.00 3.48  ? 78   TRP A C   1 
ATOM   598 O  O   . TRP A 1 78 ? 2.905   -8.749  1.092   1.00 4.12  ? 78   TRP A O   1 
ATOM   599 C  CB  . TRP A 1 78 ? 1.648   -6.559  -0.667  1.00 3.53  ? 78   TRP A CB  1 
ATOM   600 C  CG  . TRP A 1 78 ? 0.235   -7.049  -0.755  1.00 3.37  ? 78   TRP A CG  1 
ATOM   601 C  CD1 . TRP A 1 78 ? -0.886  -6.260  -0.712  1.00 3.35  ? 78   TRP A CD1 1 
ATOM   602 C  CD2 . TRP A 1 78 ? -0.229  -8.415  -0.802  1.00 3.61  ? 78   TRP A CD2 1 
ATOM   603 N  NE1 . TRP A 1 78 ? -2.017  -7.052  -0.724  1.00 3.67  ? 78   TRP A NE1 1 
ATOM   604 C  CE2 . TRP A 1 78 ? -1.637  -8.364  -0.793  1.00 3.65  ? 78   TRP A CE2 1 
ATOM   605 C  CE3 . TRP A 1 78 ? 0.423   -9.657  -0.892  1.00 4.08  ? 78   TRP A CE3 1 
ATOM   606 C  CZ2 . TRP A 1 78 ? -2.414  -9.527  -0.824  1.00 4.15  ? 78   TRP A CZ2 1 
ATOM   607 C  CZ3 . TRP A 1 78 ? -0.347  -10.804 -0.919  1.00 4.69  ? 78   TRP A CZ3 1 
ATOM   608 C  CH2 . TRP A 1 78 ? -1.756  -10.721 -0.915  1.00 4.96  ? 78   TRP A CH2 1 
ATOM   609 N  N   . THR A 1 79 ? 1.121   -8.095  2.318   1.00 3.70  ? 79   THR A N   1 
ATOM   610 C  CA  . THR A 1 79 ? 0.996   -9.301  3.107   1.00 4.50  ? 79   THR A CA  1 
ATOM   611 C  C   . THR A 1 79 ? -0.474  -9.650  3.117   1.00 4.15  ? 79   THR A C   1 
ATOM   612 O  O   . THR A 1 79 ? -1.307  -8.809  3.484   1.00 4.51  ? 79   THR A O   1 
ATOM   613 C  CB  . THR A 1 79 ? 1.497   -9.037  4.557   1.00 5.77  ? 79   THR A CB  1 
ATOM   614 O  OG1 . THR A 1 79 ? 2.882   -8.714  4.513   1.00 7.47  ? 79   THR A OG1 1 
ATOM   615 C  CG2 . THR A 1 79 ? 1.311   -10.219 5.458   1.00 8.77  ? 79   THR A CG2 1 
ATOM   616 N  N   . LEU A 1 80 ? -0.829  -10.867 2.746   1.00 4.74  ? 80   LEU A N   1 
ATOM   617 C  CA  . LEU A 1 80 ? -2.237  -11.223 2.686   1.00 4.88  ? 80   LEU A CA  1 
ATOM   618 C  C   . LEU A 1 80 ? -2.957  -10.916 3.995   1.00 4.50  ? 80   LEU A C   1 
ATOM   619 O  O   . LEU A 1 80 ? -2.534  -11.372 5.061   1.00 5.21  ? 80   LEU A O   1 
ATOM   620 C  CB  . LEU A 1 80 ? -2.386  -12.708 2.377   1.00 5.53  ? 80   LEU A CB  1 
ATOM   621 C  CG  . LEU A 1 80 ? -3.810  -13.215 2.244   1.00 6.57  ? 80   LEU A CG  1 
ATOM   622 C  CD1 . LEU A 1 80 ? -4.489  -12.600 1.039   1.00 10.38 ? 80   LEU A CD1 1 
ATOM   623 C  CD2 . LEU A 1 80 ? -3.811  -14.706 2.013   1.00 9.85  ? 80   LEU A CD2 1 
ATOM   624 N  N   . LYS A 1 81 ? -4.049  -10.190 3.908   1.00 4.82  ? 81   LYS A N   1 
ATOM   625 C  CA  . LYS A 1 81 ? -4.873  -9.843  5.057   1.00 4.70  ? 81   LYS A CA  1 
ATOM   626 C  C   . LYS A 1 81 ? -5.485  -11.104 5.679   1.00 4.90  ? 81   LYS A C   1 
ATOM   627 O  O   . LYS A 1 81 ? -6.048  -11.937 4.961   1.00 5.70  ? 81   LYS A O   1 
ATOM   628 C  CB  . LYS A 1 81 ? -5.941  -8.851  4.620   1.00 5.17  ? 81   LYS A CB  1 
ATOM   629 C  CG  . LYS A 1 81 ? -6.898  -8.431  5.715   1.00 5.45  ? 81   LYS A CG  1 
ATOM   630 C  CD  . LYS A 1 81 ? -7.892  -7.383  5.229   1.00 6.79  ? 81   LYS A CD  1 
ATOM   631 C  CE  . LYS A 1 81 ? -8.905  -7.014  6.261   1.00 8.79  ? 81   LYS A CE  1 
ATOM   632 N  NZ  . LYS A 1 81 ? -8.258  -6.396  7.421   1.00 10.25 ? 81   LYS A NZ  1 
ATOM   633 N  N   . ALA A 1 82 ? -5.434  -11.172 7.007   1.00 4.74  ? 82   ALA A N   1 
ATOM   634 C  CA  . ALA A 1 82 ? -6.027  -12.300 7.703   1.00 5.48  ? 82   ALA A CA  1 
ATOM   635 C  C   . ALA A 1 82 ? -7.570  -12.230 7.709   1.00 5.33  ? 82   ALA A C   1 
ATOM   636 O  O   . ALA A 1 82 ? -8.243  -13.219 7.455   1.00 6.08  ? 82   ALA A O   1 
ATOM   637 C  CB  . ALA A 1 82 ? -5.516  -12.358 9.130   1.00 6.84  ? 82   ALA A CB  1 
ATOM   638 N  N   . GLY A 1 83 ? -8.136  -11.081 8.012   1.00 5.52  ? 83   GLY A N   1 
ATOM   639 C  CA  . GLY A 1 83 ? -9.575  -11.025 8.120   1.00 6.02  ? 83   GLY A CA  1 
ATOM   640 C  C   . GLY A 1 83 ? -10.288 -11.176 6.785   1.00 5.02  ? 83   GLY A C   1 
ATOM   641 O  O   . GLY A 1 83 ? -11.479 -11.566 6.779   1.00 5.33  ? 83   GLY A O   1 
ATOM   642 O  OXT . GLY A 1 83 ? -9.616  -10.889 5.719   1.00 5.51  ? 83   GLY A OXT 1 
HETATM 643 S  S   . SO4 B 2 .  ? -14.328 5.346   6.428   1.00 7.13  ? 901  SO4 A S   1 
HETATM 644 O  O1  . SO4 B 2 .  ? -15.441 4.515   6.834   1.00 8.86  ? 901  SO4 A O1  1 
HETATM 645 O  O2  . SO4 B 2 .  ? -14.725 6.198   5.325   1.00 8.77  ? 901  SO4 A O2  1 
HETATM 646 O  O3  . SO4 B 2 .  ? -13.199 4.548   5.988   1.00 8.88  ? 901  SO4 A O3  1 
HETATM 647 O  O4  . SO4 B 2 .  ? -13.990 6.143   7.597   1.00 8.76  ? 901  SO4 A O4  1 
HETATM 648 S  S   . SO4 C 2 .  ? 6.108   11.653  3.148   1.00 12.77 ? 902  SO4 A S   1 
HETATM 649 O  O1  . SO4 C 2 .  ? 5.864   12.702  2.225   1.00 16.98 ? 902  SO4 A O1  1 
HETATM 650 O  O2  . SO4 C 2 .  ? 5.714   10.360  2.698   1.00 11.51 ? 902  SO4 A O2  1 
HETATM 651 O  O3  . SO4 C 2 .  ? 7.481   11.654  3.455   1.00 23.26 ? 902  SO4 A O3  1 
HETATM 652 O  O4  . SO4 C 2 .  ? 5.385   11.977  4.370   1.00 22.46 ? 902  SO4 A O4  1 
HETATM 653 S  S   . SO4 D 2 .  ? -7.545  -1.495  11.878  1.00 14.38 ? 903  SO4 A S   1 
HETATM 654 O  O1  . SO4 D 2 .  ? -7.724  -2.272  10.595  1.00 19.86 ? 903  SO4 A O1  1 
HETATM 655 O  O2  . SO4 D 2 .  ? -8.637  -1.710  12.845  1.00 19.14 ? 903  SO4 A O2  1 
HETATM 656 O  O3  . SO4 D 2 .  ? -6.207  -1.926  12.401  1.00 23.95 ? 903  SO4 A O3  1 
HETATM 657 O  O4  . SO4 D 2 .  ? -7.480  -0.008  11.647  1.00 14.45 ? 903  SO4 A O4  1 
HETATM 658 FE FE1 . SF4 E 3 .  ? -0.328  -0.976  1.184   1.00 3.03  ? 84   SF4 A FE1 1 
HETATM 659 FE FE2 . SF4 E 3 .  ? 0.225   -3.202  2.716   1.00 3.10  ? 84   SF4 A FE2 1 
HETATM 660 FE FE3 . SF4 E 3 .  ? 0.845   -0.733  3.612   1.00 3.11  ? 84   SF4 A FE3 1 
HETATM 661 FE FE4 . SF4 E 3 .  ? 2.217   -1.801  1.534   1.00 3.04  ? 84   SF4 A FE4 1 
HETATM 662 S  S1  . SF4 E 3 .  ? 2.154   -2.631  3.662   1.00 3.34  ? 84   SF4 A S1  1 
HETATM 663 S  S2  . SF4 E 3 .  ? 1.404   0.344   1.649   1.00 3.23  ? 84   SF4 A S2  1 
HETATM 664 S  S3  . SF4 E 3 .  ? 0.597   -2.973  0.459   1.00 3.17  ? 84   SF4 A S3  1 
HETATM 665 S  S4  . SF4 E 3 .  ? -1.234  -1.483  3.231   1.00 3.24  ? 84   SF4 A S4  1 
HETATM 666 O  O   . HOH F 4 .  ? 3.840   -9.049  -5.240  1.00 4.64  ? 6001 HOH A O   1 
HETATM 667 O  O   . HOH F 4 .  ? 5.781   1.460   11.502  1.00 5.48  ? 6002 HOH A O   1 
HETATM 668 O  O   . HOH F 4 .  ? 5.895   -0.417  -7.176  1.00 6.43  ? 6003 HOH A O   1 
HETATM 669 O  O   . HOH F 4 .  ? 9.614   -10.982 -3.310  1.00 7.43  ? 6004 HOH A O   1 
HETATM 670 O  O   . HOH F 4 .  ? -0.705  5.138   8.432   1.00 8.50  ? 6005 HOH A O   1 
HETATM 671 O  O   . HOH F 4 .  ? 5.632   -8.769  1.252   1.00 8.23  ? 6006 HOH A O   1 
HETATM 672 O  O   . HOH F 4 .  ? 3.144   -5.119  -11.604 1.00 10.89 ? 6007 HOH A O   1 
HETATM 673 O  O   . HOH F 4 .  ? -5.973  -4.846  6.892   1.00 9.19  ? 6008 HOH A O   1 
HETATM 674 O  O   . HOH F 4 .  ? -2.122  -12.146 7.685   1.00 9.55  ? 6009 HOH A O   1 
HETATM 675 O  O   . HOH F 4 .  ? -15.775 9.558   1.217   1.00 10.22 ? 6010 HOH A O   1 
HETATM 676 O  O   . HOH F 4 .  ? 11.447  3.873   -6.235  1.00 10.44 ? 6011 HOH A O   1 
HETATM 677 O  O   . HOH F 4 .  ? -11.630 8.948   -0.575  1.00 12.60 ? 6012 HOH A O   1 
HETATM 678 O  O   . HOH F 4 .  ? -4.076  -17.924 -1.558  1.00 10.78 ? 6013 HOH A O   1 
HETATM 679 O  O   . HOH F 4 .  ? 2.425   6.862   -5.502  1.00 11.07 ? 6014 HOH A O   1 
HETATM 680 O  O   . HOH F 4 .  ? -6.997  -8.601  9.054   1.00 12.31 ? 6015 HOH A O   1 
HETATM 681 O  O   . HOH F 4 .  ? 1.139   -17.670 -2.855  1.00 13.15 ? 6016 HOH A O   1 
HETATM 682 O  O   . HOH F 4 .  ? -10.878 10.609  1.418   1.00 13.05 ? 6017 HOH A O   1 
HETATM 683 O  O   . HOH F 4 .  ? 8.621   -12.255 -10.501 1.00 11.38 ? 6018 HOH A O   1 
HETATM 684 O  O   . HOH F 4 .  ? -7.232  -15.026 5.781   1.00 13.33 ? 6019 HOH A O   1 
HETATM 685 O  O   . HOH F 4 .  ? 12.801  -0.270  -9.285  1.00 11.13 ? 6020 HOH A O   1 
HETATM 686 O  O   . HOH F 4 .  ? 1.443   -12.583 2.046   1.00 14.07 ? 6021 HOH A O   1 
HETATM 687 O  O   . HOH F 4 .  ? -5.008  4.793   -6.911  1.00 18.41 ? 6022 HOH A O   1 
HETATM 688 O  O   . HOH F 4 .  ? 9.171   -7.828  -0.120  1.00 17.46 ? 6023 HOH A O   1 
HETATM 689 O  O   . HOH F 4 .  ? -1.530  -12.146 -11.203 1.00 10.76 ? 6024 HOH A O   1 
HETATM 690 O  O   . HOH F 4 .  ? 0.317   -4.822  -12.068 1.00 14.04 ? 6025 HOH A O   1 
HETATM 691 O  O   . HOH F 4 .  ? 13.583  -1.591  -3.485  1.00 18.50 ? 6026 HOH A O   1 
HETATM 692 O  O   . HOH F 4 .  ? 1.902   -14.249 -5.876  1.00 15.06 ? 6027 HOH A O   1 
HETATM 693 O  O   . HOH F 4 .  ? -8.939  -9.879  -2.814  1.00 18.98 ? 6028 HOH A O   1 
HETATM 694 O  O   . HOH F 4 .  ? -1.129  -8.261  12.341  1.00 16.53 ? 6029 HOH A O   1 
HETATM 695 O  O   . HOH F 4 .  ? 2.605   -1.983  -13.211 1.00 14.85 ? 6030 HOH A O   1 
HETATM 696 O  O   . HOH F 4 .  ? -3.435  -14.751 7.625   1.00 16.98 ? 6031 HOH A O   1 
HETATM 697 O  O   . HOH F 4 .  ? 3.506   -11.512 1.242   1.00 18.82 ? 6032 HOH A O   1 
HETATM 698 O  O   . HOH F 4 .  ? 13.973  10.481  -5.428  1.00 42.11 ? 6033 HOH A O   1 
HETATM 699 O  O   . HOH F 4 .  ? -1.497  -17.186 -4.374  1.00 24.44 ? 6034 HOH A O   1 
HETATM 700 O  O   . HOH F 4 .  ? -4.477  -3.042  10.376  1.00 15.10 ? 6035 HOH A O   1 
HETATM 701 O  O   . HOH F 4 .  ? -10.710 -3.803  -3.169  1.00 24.59 ? 6036 HOH A O   1 
HETATM 702 O  O   . HOH F 4 .  ? 0.784   6.573   -9.475  1.00 23.22 ? 6037 HOH A O   1 
HETATM 703 O  O   . HOH F 4 .  ? -11.275 0.690   3.834   1.00 26.18 ? 6038 HOH A O   1 
HETATM 704 O  O   . HOH F 4 .  ? -10.146 -7.659  -3.319  1.00 49.88 ? 6039 HOH A O   1 
HETATM 705 O  O   . HOH F 4 .  ? 2.208   8.941   -3.618  1.00 31.85 ? 6040 HOH A O   1 
HETATM 706 O  O   . HOH F 4 .  ? -8.689  7.128   -4.687  1.00 21.01 ? 6041 HOH A O   1 
HETATM 707 O  O   . HOH F 4 .  ? -4.889  -5.171  11.671  1.00 61.68 ? 6042 HOH A O   1 
HETATM 708 O  O   . HOH F 4 .  ? -2.508  8.455   9.855   1.00 22.17 ? 6043 HOH A O   1 
HETATM 709 O  O   . HOH F 4 .  ? 9.535   -11.794 -12.562 1.00 20.55 ? 6044 HOH A O   1 
HETATM 710 O  O   . HOH F 4 .  ? 3.340   -0.882  13.384  1.00 19.76 ? 6045 HOH A O   1 
HETATM 711 O  O   . HOH F 4 .  ? -3.032  17.303  -2.031  1.00 23.82 ? 6046 HOH A O   1 
HETATM 712 O  O   . HOH F 4 .  ? 1.511   3.072   12.069  1.00 23.38 ? 6047 HOH A O   1 
HETATM 713 O  O   . HOH F 4 .  ? -8.807  -10.501 -5.871  1.00 15.30 ? 6048 HOH A O   1 
HETATM 714 O  O   . HOH F 4 .  ? -10.919 -5.462  -5.298  1.00 38.19 ? 6049 HOH A O   1 
HETATM 715 O  O   . HOH F 4 .  ? -8.521  -3.706  6.309   1.00 20.11 ? 6050 HOH A O   1 
HETATM 716 O  O   . HOH F 4 .  ? 4.741   7.458   8.365   1.00 34.04 ? 6051 HOH A O   1 
HETATM 717 O  O   . HOH F 4 .  ? -10.830 -8.068  9.482   1.00 29.44 ? 6052 HOH A O   1 
HETATM 718 O  O   . HOH F 4 .  ? -12.971 3.249   3.507   1.00 20.92 ? 6053 HOH A O   1 
HETATM 719 O  O   . HOH F 4 .  ? -7.717  5.178   -6.349  1.00 25.75 ? 6054 HOH A O   1 
HETATM 720 O  O   . HOH F 4 .  ? 7.954   1.610   -7.412  1.00 70.96 ? 6055 HOH A O   1 
HETATM 721 O  O   . HOH F 4 .  ? 15.012  11.285  -8.133  1.00 31.39 ? 6056 HOH A O   1 
HETATM 722 O  O   . HOH F 4 .  ? 5.002   -9.726  4.533   1.00 33.38 ? 6057 HOH A O   1 
HETATM 723 O  O   . HOH F 4 .  ? -10.938 -0.832  2.147   1.00 34.00 ? 6058 HOH A O   1 
HETATM 724 O  O   . HOH F 4 .  ? -0.988  6.392   11.669  1.00 29.66 ? 6059 HOH A O   1 
HETATM 725 O  O   . HOH F 4 .  ? 9.834   16.570  -3.597  1.00 37.43 ? 6060 HOH A O   1 
HETATM 726 O  O   . HOH F 4 .  ? 1.081   -1.568  13.283  1.00 50.02 ? 6061 HOH A O   1 
HETATM 727 O  O   . HOH F 4 .  ? 2.510   -15.803 -7.949  1.00 35.67 ? 6062 HOH A O   1 
HETATM 728 O  O   . HOH F 4 .  ? -5.851  -6.197  9.128   1.00 43.63 ? 6063 HOH A O   1 
HETATM 729 O  O   . HOH F 4 .  ? -11.478 4.143   -5.590  1.00 34.82 ? 6064 HOH A O   1 
HETATM 730 O  O   . HOH F 4 .  ? 3.707   -1.570  10.926  1.00 63.12 ? 6065 HOH A O   1 
HETATM 731 O  O   . HOH F 4 .  ? 0.690   -11.668 -12.388 1.00 29.48 ? 6066 HOH A O   1 
HETATM 732 O  O   . HOH F 4 .  ? 3.675   10.744  -4.549  1.00 38.76 ? 6067 HOH A O   1 
HETATM 733 O  O   . HOH F 4 .  ? 0.352   -11.237 -14.613 1.00 44.99 ? 6068 HOH A O   1 
HETATM 734 O  O   . HOH F 4 .  ? -5.650  11.847  -6.114  1.00 29.66 ? 6069 HOH A O   1 
HETATM 735 O  O   . HOH F 4 .  ? 14.084  12.843  -3.262  1.00 33.54 ? 6070 HOH A O   1 
HETATM 736 O  O   . HOH F 4 .  ? 7.972   15.812  5.792   1.00 44.91 ? 6071 HOH A O   1 
HETATM 737 O  O   . HOH F 4 .  ? 1.782   14.278  1.902   1.00 30.10 ? 6072 HOH A O   1 
HETATM 738 O  O   . HOH F 4 .  ? -0.189  15.008  -0.407  1.00 28.67 ? 6073 HOH A O   1 
HETATM 739 O  O   . HOH F 4 .  ? -12.790 0.740   6.569   1.00 27.10 ? 6074 HOH A O   1 
HETATM 740 O  O   . HOH F 4 .  ? -3.962  7.733   -7.593  1.00 51.75 ? 6075 HOH A O   1 
HETATM 741 O  O   . HOH F 4 .  ? -3.335  6.842   -10.701 1.00 38.45 ? 6076 HOH A O   1 
HETATM 742 O  O   . HOH F 4 .  ? 5.314   6.176   -4.686  1.00 39.23 ? 6077 HOH A O   1 
HETATM 743 O  O   . HOH F 4 .  ? -5.388  -9.930  12.481  1.00 42.00 ? 6078 HOH A O   1 
HETATM 744 O  O   . HOH F 4 .  ? 9.460   -5.662  2.705   1.00 30.79 ? 6079 HOH A O   1 
HETATM 745 O  O   A HOH F 4 .  ? 0.588   -5.614  -14.621 0.45 7.57  ? 6080 HOH A O   1 
HETATM 746 O  O   B HOH F 4 .  ? 0.998   -6.803  -15.360 0.55 13.42 ? 6080 HOH A O   1 
HETATM 747 O  O   A HOH F 4 .  ? 0.018   8.008   -1.386  0.52 6.65  ? 6081 HOH A O   1 
HETATM 748 O  O   B HOH F 4 .  ? -0.388  7.576   -0.457  0.48 7.42  ? 6081 HOH A O   1 
HETATM 749 O  O   A HOH F 4 .  ? 15.236  0.853   -6.419  0.40 6.52  ? 6082 HOH A O   1 
HETATM 750 O  O   B HOH F 4 .  ? 15.186  2.011   -6.090  0.60 14.69 ? 6082 HOH A O   1 
HETATM 751 O  O   A HOH F 4 .  ? 6.441   4.448   -6.653  0.32 6.77  ? 6083 HOH A O   1 
HETATM 752 O  O   B HOH F 4 .  ? 7.240   3.654   -6.629  0.68 22.12 ? 6083 HOH A O   1 
HETATM 753 O  O   A HOH F 4 .  ? 8.889   4.286   -5.204  0.64 16.96 ? 6084 HOH A O   1 
HETATM 754 O  O   B HOH F 4 .  ? 9.058   5.318   -5.638  0.36 9.49  ? 6084 HOH A O   1 
HETATM 755 O  O   A HOH F 4 .  ? 4.292   10.648  9.675   0.54 18.09 ? 6085 HOH A O   1 
HETATM 756 O  O   B HOH F 4 .  ? 5.502   9.864   10.290  0.46 16.51 ? 6085 HOH A O   1 
HETATM 757 O  O   A HOH F 4 .  ? -0.783  4.366   10.598  0.55 13.70 ? 6086 HOH A O   1 
HETATM 758 O  O   B HOH F 4 .  ? -0.479  3.875   11.266  0.45 19.13 ? 6086 HOH A O   1 
HETATM 759 O  O   . HOH F 4 .  ? 5.190   -12.720 -10.989 1.00 25.32 ? 6087 HOH A O   1 
HETATM 760 O  O   . HOH F 4 .  ? -7.476  -4.768  9.935   1.00 24.17 ? 6088 HOH A O   1 
HETATM 761 O  O   . HOH F 4 .  ? -2.541  12.260  -6.032  1.00 36.40 ? 6089 HOH A O   1 
HETATM 762 O  O   . HOH F 4 .  ? -7.167  -12.651 1.006   1.00 56.88 ? 6090 HOH A O   1 
HETATM 763 O  O   . HOH F 4 .  ? -13.017 4.305   8.863   1.00 37.14 ? 6091 HOH A O   1 
HETATM 764 O  O   . HOH F 4 .  ? -13.878 2.359   9.643   1.00 59.34 ? 6092 HOH A O   1 
HETATM 765 O  O   . HOH F 4 .  ? -9.118  -3.618  4.077   1.00 33.46 ? 6093 HOH A O   1 
# 
loop_
_atom_site_anisotrop.id 
_atom_site_anisotrop.type_symbol 
_atom_site_anisotrop.pdbx_label_atom_id 
_atom_site_anisotrop.pdbx_label_alt_id 
_atom_site_anisotrop.pdbx_label_comp_id 
_atom_site_anisotrop.pdbx_label_asym_id 
_atom_site_anisotrop.pdbx_label_seq_id 
_atom_site_anisotrop.pdbx_PDB_ins_code 
_atom_site_anisotrop.U[1][1] 
_atom_site_anisotrop.U[2][2] 
_atom_site_anisotrop.U[3][3] 
_atom_site_anisotrop.U[1][2] 
_atom_site_anisotrop.U[1][3] 
_atom_site_anisotrop.U[2][3] 
_atom_site_anisotrop.pdbx_auth_seq_id 
_atom_site_anisotrop.pdbx_auth_comp_id 
_atom_site_anisotrop.pdbx_auth_asym_id 
_atom_site_anisotrop.pdbx_auth_atom_id 
1   N  N   . ALA A 1  ? 0.2546 0.2537 0.0862 0.0056  -0.0264 0.0322  1    ALA A N   
2   C  CA  . ALA A 1  ? 0.2042 0.1599 0.0892 0.0628  -0.0039 0.0231  1    ALA A CA  
3   C  C   . ALA A 1  ? 0.1158 0.1178 0.0824 0.0318  0.0068  0.0043  1    ALA A C   
4   O  O   . ALA A 1  ? 0.1051 0.1934 0.1258 0.0330  -0.0034 0.0426  1    ALA A O   
5   C  CB  . ALA A 1  ? 0.3368 0.1773 0.1049 0.1144  0.0532  0.0532  1    ALA A CB  
6   N  N   . ALA A 2  ? 0.1129 0.1052 0.0757 0.0191  0.0152  0.0133  2    ALA A N   
7   C  CA  . ALA A 2  ? 0.1116 0.0966 0.0816 0.0222  0.0064  0.0050  2    ALA A CA  
8   C  C   . ALA A 2  ? 0.0928 0.0750 0.0771 0.0195  0.0028  0.0094  2    ALA A C   
9   O  O   . ALA A 2  ? 0.1377 0.0776 0.1006 0.0214  0.0246  0.0080  2    ALA A O   
10  C  CB  . ALA A 2  ? 0.0955 0.1455 0.1113 0.0294  0.0070  -0.0100 2    ALA A CB  
11  N  N   . PRO A 3  ? 0.0827 0.0740 0.0739 0.0160  0.0039  0.0032  3    PRO A N   
12  C  CA  . PRO A 3  ? 0.0707 0.0682 0.0862 0.0118  0.0007  -0.0149 3    PRO A CA  
13  C  C   . PRO A 3  ? 0.0732 0.0522 0.0993 0.0139  0.0114  -0.0042 3    PRO A C   
14  O  O   . PRO A 3  ? 0.0743 0.0777 0.1087 0.0131  0.0175  -0.0065 3    PRO A O   
15  C  CB  . PRO A 3  ? 0.0689 0.0804 0.0767 -0.0044 0.0039  -0.0184 3    PRO A CB  
16  C  CG  . PRO A 3  ? 0.0925 0.0677 0.0751 0.0054  -0.0123 -0.0030 3    PRO A CG  
17  C  CD  . PRO A 3  ? 0.0799 0.0712 0.0596 0.0125  -0.0107 -0.0140 3    PRO A CD  
18  N  N   . ALA A 4  ? 0.0724 0.0659 0.1135 0.0042  0.0016  -0.0252 4    ALA A N   
19  C  CA  . ALA A 4  ? 0.0772 0.0595 0.2001 0.0017  -0.0031 -0.0230 4    ALA A CA  
20  C  C   . ALA A 4  ? 0.0766 0.0622 0.1756 -0.0054 -0.0101 -0.0200 4    ALA A C   
21  O  O   . ALA A 4  ? 0.0729 0.1285 0.2171 -0.0021 -0.0007 0.0094  4    ALA A O   
22  C  CB  . ALA A 4  ? 0.1127 0.0975 0.2862 0.0259  -0.0711 -0.1040 4    ALA A CB  
23  N  N   . ASN A 5  ? 0.0757 0.0680 0.1225 0.0070  -0.0159 -0.0279 5    ASN A N   
24  C  CA  . ASN A 5  ? 0.0760 0.0773 0.1106 -0.0031 -0.0111 -0.0309 5    ASN A CA  
25  C  C   . ASN A 5  ? 0.0723 0.0622 0.0918 0.0035  -0.0077 -0.0097 5    ASN A C   
26  O  O   . ASN A 5  ? 0.0745 0.0770 0.0876 0.0038  -0.0141 -0.0206 5    ASN A O   
27  C  CB  . ASN A 5  ? 0.0890 0.0834 0.1127 0.0004  0.0046  -0.0323 5    ASN A CB  
28  C  CG  . ASN A 5  ? 0.0896 0.1033 0.1084 -0.0066 0.0066  -0.0471 5    ASN A CG  
29  O  OD1 . ASN A 5  ? 0.0850 0.0995 0.1498 0.0042  -0.0139 -0.0004 5    ASN A OD1 
30  N  ND2 . ASN A 5  ? 0.2114 0.2158 0.0977 -0.1222 0.0090  -0.0532 5    ASN A ND2 
31  N  N   . ALA A 6  ? 0.0775 0.0620 0.0853 0.0133  -0.0078 -0.0108 6    ALA A N   
32  C  CA  . ALA A 6  ? 0.0632 0.0584 0.0961 0.0101  -0.0152 -0.0193 6    ALA A CA  
33  C  C   . ALA A 6  ? 0.0672 0.0617 0.0935 0.0121  -0.0039 -0.0070 6    ALA A C   
34  O  O   . ALA A 6  ? 0.0777 0.0639 0.1625 -0.0039 0.0074  -0.0085 6    ALA A O   
35  C  CB  . ALA A 6  ? 0.0853 0.0855 0.0808 0.0287  -0.0041 -0.0105 6    ALA A CB  
36  N  N   . VAL A 7  ? 0.0586 0.0574 0.0808 0.0113  -0.0119 -0.0067 7    VAL A N   
37  C  CA  . VAL A 7  ? 0.0564 0.0802 0.0729 0.0117  -0.0065 -0.0063 7    VAL A CA  
38  C  C   . VAL A 7  ? 0.0818 0.0844 0.0765 0.0160  -0.0115 0.0024  7    VAL A C   
39  O  O   . VAL A 7  ? 0.1002 0.1291 0.0783 0.0080  -0.0178 -0.0078 7    VAL A O   
40  C  CB  . VAL A 7  ? 0.0686 0.0739 0.0527 0.0119  -0.0149 -0.0127 7    VAL A CB  
41  C  CG1 . VAL A 7  ? 0.0722 0.0824 0.0734 0.0217  -0.0079 -0.0099 7    VAL A CG1 
42  C  CG2 . VAL A 7  ? 0.0662 0.0660 0.0675 0.0114  -0.0115 -0.0076 7    VAL A CG2 
43  N  N   . THR A 8  ? 0.0732 0.1172 0.0813 0.0057  -0.0071 0.0155  8    THR A N   
44  C  CA  . THR A 8  ? 0.0928 0.1407 0.1001 0.0025  -0.0024 0.0389  8    THR A CA  
45  C  C   . THR A 8  ? 0.0661 0.2026 0.0804 0.0101  -0.0120 0.0155  8    THR A C   
46  O  O   . THR A 8  ? 0.0838 0.1404 0.0832 0.0051  0.0081  0.0119  8    THR A O   
47  C  CB  . THR A 8  ? 0.1049 0.1488 0.2142 -0.0196 -0.0010 0.0659  8    THR A CB  
48  O  OG1 . THR A 8  ? 0.1483 0.1773 0.1831 -0.0621 -0.0120 0.0131  8    THR A OG1 
49  C  CG2 . THR A 8  ? 0.2376 0.1397 0.3127 0.0414  0.0595  0.0762  8    THR A CG2 
50  N  N   . ALA A 9  ? 0.1174 0.4032 0.0880 0.0947  -0.0183 0.0147  9    ALA A N   
51  C  CA  . ALA A 9  ? 0.1592 0.4827 0.0929 0.1513  0.0122  0.0137  9    ALA A CA  
52  C  C   . ALA A 9  ? 0.1587 0.3946 0.1177 0.1355  0.0430  0.0423  9    ALA A C   
53  O  O   . ALA A 9  ? 0.1604 0.3595 0.2080 0.1362  0.0795  0.1379  9    ALA A O   
54  C  CB  . ALA A 9  ? 0.2715 0.7991 0.0995 0.3228  0.0012  -0.0072 9    ALA A CB  
55  N  N   . ASP A 10 ? 0.1837 0.3572 0.1264 0.1111  0.0393  0.1311  10   ASP A N   
56  C  CA  . ASP A 10 ? 0.1695 0.3204 0.2647 0.0747  0.0622  0.2071  10   ASP A CA  
57  C  C   . ASP A 10 ? 0.1097 0.2184 0.2960 -0.0187 -0.0153 0.1766  10   ASP A C   
58  O  O   . ASP A 10 ? 0.1389 0.2115 0.5095 -0.0698 -0.0631 0.1881  10   ASP A O   
59  C  CB  . ASP A 10 ? 0.3505 0.3339 0.3357 0.0108  0.1398  0.1928  10   ASP A CB  
60  C  CG  . ASP A 10 ? 0.5468 0.2747 0.3583 -0.0273 0.2444  0.0745  10   ASP A CG  
61  O  OD1 . ASP A 10 ? 0.8319 0.7735 0.4127 0.0323  0.4247  -0.1715 10   ASP A OD1 
62  O  OD2 . ASP A 10 ? 0.8685 0.2153 0.3841 -0.1772 -0.0467 0.0919  10   ASP A OD2 
63  N  N   . ASP A 11 ? 0.1123 0.1220 0.1843 0.0044  -0.0284 0.0698  11   ASP A N   
64  C  CA  . ASP A 11 ? 0.1410 0.0784 0.1760 -0.0160 -0.0671 0.0066  11   ASP A CA  
65  C  C   . ASP A 11 ? 0.1130 0.0724 0.1047 -0.0244 -0.0371 0.0271  11   ASP A C   
66  O  O   . ASP A 11 ? 0.1151 0.0767 0.0948 -0.0318 -0.0423 0.0134  11   ASP A O   
67  C  CB  . ASP A 11 ? 0.1652 0.1036 0.0974 0.0261  -0.0312 -0.0034 11   ASP A CB  
68  C  CG  . ASP A 11 ? 0.2794 0.1177 0.0770 0.0884  -0.0178 -0.0243 11   ASP A CG  
69  O  OD1 . ASP A 11 ? 0.3330 0.2054 0.1040 0.1715  0.0137  0.0288  11   ASP A OD1 
70  O  OD2 . ASP A 11 ? 0.3507 0.2096 0.0876 0.1700  0.0079  0.0036  11   ASP A OD2 
71  N  N   A PRO A 12 ? 0.0929 0.0746 0.1342 -0.0580 -0.0386 0.0056  12   PRO A N   
72  N  N   B PRO A 12 ? 0.1267 0.0846 0.0912 -0.0150 -0.0452 -0.0059 12   PRO A N   
73  C  CA  A PRO A 12 ? 0.1042 0.0899 0.0659 -0.0369 -0.0284 0.0094  12   PRO A CA  
74  C  CA  B PRO A 12 ? 0.0788 0.0966 0.0610 -0.0281 -0.0115 -0.0035 12   PRO A CA  
75  C  C   . PRO A 12 ? 0.0716 0.0897 0.0518 -0.0244 -0.0147 0.0016  12   PRO A C   
76  O  O   . PRO A 12 ? 0.0695 0.1078 0.0585 -0.0242 -0.0055 -0.0195 12   PRO A O   
77  C  CB  A PRO A 12 ? 0.1169 0.1277 0.1073 -0.0340 -0.0538 -0.0260 12   PRO A CB  
78  C  CB  B PRO A 12 ? 0.0718 0.0791 0.0580 -0.0337 -0.0098 0.0026  12   PRO A CB  
79  C  CG  A PRO A 12 ? 0.1563 0.1335 0.1487 -0.0698 -0.0687 -0.0410 12   PRO A CG  
80  C  CG  B PRO A 12 ? 0.0987 0.0905 0.0710 -0.0277 -0.0152 -0.0106 12   PRO A CG  
81  C  CD  A PRO A 12 ? 0.1962 0.0790 0.1227 -0.0346 -0.0612 -0.0015 12   PRO A CD  
82  C  CD  B PRO A 12 ? 0.1664 0.0920 0.1742 0.0182  -0.0917 -0.0476 12   PRO A CD  
83  N  N   . THR A 13 ? 0.0829 0.0668 0.0561 -0.0205 -0.0099 -0.0129 13   THR A N   
84  C  CA  . THR A 13 ? 0.0713 0.0693 0.0531 -0.0137 0.0012  -0.0128 13   THR A CA  
85  C  C   . THR A 13 ? 0.0602 0.0681 0.0524 -0.0088 0.0038  -0.0117 13   THR A C   
86  O  O   . THR A 13 ? 0.0768 0.0606 0.0522 -0.0150 -0.0011 -0.0079 13   THR A O   
87  C  CB  . THR A 13 ? 0.0768 0.0714 0.0574 -0.0150 -0.0018 -0.0139 13   THR A CB  
88  O  OG1 . THR A 13 ? 0.0933 0.0898 0.0550 -0.0148 -0.0110 -0.0081 13   THR A OG1 
89  C  CG2 . THR A 13 ? 0.0702 0.0894 0.0720 -0.0225 0.0012  -0.0075 13   THR A CG2 
90  N  N   . ALA A 14 ? 0.0561 0.0620 0.0631 -0.0134 0.0021  -0.0127 14   ALA A N   
91  C  CA  . ALA A 14 ? 0.0582 0.0749 0.0593 -0.0126 -0.0046 -0.0103 14   ALA A CA  
92  C  C   . ALA A 14 ? 0.0531 0.0656 0.0621 -0.0094 -0.0113 -0.0096 14   ALA A C   
93  O  O   . ALA A 14 ? 0.0516 0.0880 0.0758 -0.0147 -0.0094 -0.0280 14   ALA A O   
94  C  CB  . ALA A 14 ? 0.0638 0.0644 0.0965 -0.0077 -0.0095 -0.0010 14   ALA A CB  
95  N  N   . ILE A 15 ? 0.0550 0.0720 0.0550 -0.0207 -0.0106 -0.0002 15   ILE A N   
96  C  CA  . ILE A 15 ? 0.0552 0.1118 0.0502 -0.0107 -0.0113 -0.0058 15   ILE A CA  
97  C  C   . ILE A 15 ? 0.0405 0.1046 0.0649 -0.0062 -0.0027 -0.0100 15   ILE A C   
98  O  O   . ILE A 15 ? 0.0774 0.1313 0.0783 -0.0019 0.0093  -0.0427 15   ILE A O   
99  C  CB  . ILE A 15 ? 0.0693 0.1237 0.0570 -0.0277 -0.0081 0.0132  15   ILE A CB  
100 C  CG1 A ILE A 15 ? 0.1243 0.1348 0.0415 -0.0412 -0.0188 0.0277  15   ILE A CG1 
101 C  CG1 B ILE A 15 ? 0.0690 0.1313 0.0862 -0.0290 -0.0150 0.0262  15   ILE A CG1 
102 C  CG2 A ILE A 15 ? 0.0486 0.2335 0.0353 -0.0074 -0.0134 0.0182  15   ILE A CG2 
103 C  CG2 B ILE A 15 ? 0.0558 0.1598 0.0865 -0.0124 -0.0042 0.0612  15   ILE A CG2 
104 C  CD1 A ILE A 15 ? 0.0888 0.1374 0.0331 -0.0227 -0.0131 0.0047  15   ILE A CD1 
105 C  CD1 B ILE A 15 ? 0.0906 0.1283 0.0572 -0.0353 0.0028  0.0091  15   ILE A CD1 
106 N  N   . ALA A 16 ? 0.0457 0.0884 0.0640 -0.0155 -0.0089 -0.0086 16   ALA A N   
107 C  CA  . ALA A 16 ? 0.0420 0.0797 0.1197 -0.0178 -0.0163 -0.0034 16   ALA A CA  
108 C  C   . ALA A 16 ? 0.0380 0.0760 0.1055 -0.0065 -0.0174 -0.0111 16   ALA A C   
109 O  O   . ALA A 16 ? 0.0516 0.0723 0.1992 0.0018  0.0115  -0.0298 16   ALA A O   
110 C  CB  . ALA A 16 ? 0.0992 0.0900 0.1624 -0.0192 -0.0916 0.0127  16   ALA A CB  
111 N  N   . LEU A 17 ? 0.0443 0.0639 0.0557 -0.0073 -0.0115 -0.0123 17   LEU A N   
112 C  CA  . LEU A 17 ? 0.0391 0.0640 0.0559 -0.0031 -0.0169 -0.0130 17   LEU A CA  
113 C  C   . LEU A 17 ? 0.0395 0.0616 0.0484 -0.0047 -0.0050 -0.0166 17   LEU A C   
114 O  O   . LEU A 17 ? 0.0470 0.0712 0.0607 -0.0153 -0.0079 -0.0198 17   LEU A O   
115 C  CB  . LEU A 17 ? 0.0497 0.0647 0.0469 -0.0085 -0.0126 -0.0039 17   LEU A CB  
116 C  CG  . LEU A 17 ? 0.0618 0.0726 0.0505 -0.0190 -0.0146 0.0039  17   LEU A CG  
117 C  CD1 . LEU A 17 ? 0.0668 0.0969 0.0469 -0.0170 -0.0177 -0.0055 17   LEU A CD1 
118 C  CD2 . LEU A 17 ? 0.1151 0.1065 0.0839 0.0323  0.0006  0.0314  17   LEU A CD2 
119 N  N   . LYS A 18 ? 0.0400 0.0693 0.0442 -0.0082 -0.0082 -0.0120 18   LYS A N   
120 C  CA  . LYS A 18 ? 0.0410 0.0722 0.0431 -0.0061 -0.0024 -0.0146 18   LYS A CA  
121 C  C   . LYS A 18 ? 0.0396 0.0671 0.0467 -0.0075 -0.0078 -0.0121 18   LYS A C   
122 O  O   . LYS A 18 ? 0.0473 0.0929 0.0571 -0.0066 -0.0129 -0.0386 18   LYS A O   
123 C  CB  . LYS A 18 ? 0.0512 0.0765 0.0492 -0.0099 -0.0022 -0.0203 18   LYS A CB  
124 C  CG  A LYS A 18 ? 0.0480 0.0568 0.0419 0.0047  -0.0075 -0.0079 18   LYS A CG  
125 C  CG  B LYS A 18 ? 0.0794 0.1183 0.0402 0.0020  0.0232  -0.0175 18   LYS A CG  
126 C  CD  A LYS A 18 ? 0.0580 0.0658 0.0597 0.0050  0.0020  -0.0034 18   LYS A CD  
127 C  CD  B LYS A 18 ? 0.1052 0.1687 0.1668 -0.0349 0.0298  0.0471  18   LYS A CD  
128 C  CE  A LYS A 18 ? 0.0599 0.0689 0.0634 0.0000  0.0078  0.0045  18   LYS A CE  
129 C  CE  B LYS A 18 ? 0.0897 0.1551 0.0706 -0.0195 0.0096  0.0056  18   LYS A CE  
130 N  NZ  A LYS A 18 ? 0.0746 0.0836 0.0622 -0.0163 0.0037  0.0103  18   LYS A NZ  
131 N  NZ  B LYS A 18 ? 0.1401 0.1443 0.0708 -0.0352 0.0048  0.0089  18   LYS A NZ  
132 N  N   . TYR A 19 ? 0.0426 0.0586 0.0462 -0.0023 -0.0074 -0.0097 19   TYR A N   
133 C  CA  . TYR A 19 ? 0.0413 0.0559 0.0485 -0.0014 -0.0079 -0.0079 19   TYR A CA  
134 C  C   . TYR A 19 ? 0.0451 0.0574 0.0406 -0.0083 -0.0097 -0.0035 19   TYR A C   
135 O  O   . TYR A 19 ? 0.0582 0.0697 0.0649 -0.0132 -0.0091 0.0051  19   TYR A O   
136 C  CB  . TYR A 19 ? 0.0433 0.0700 0.0493 0.0025  -0.0165 -0.0181 19   TYR A CB  
137 C  CG  . TYR A 19 ? 0.0463 0.0663 0.0405 0.0041  -0.0081 -0.0161 19   TYR A CG  
138 C  CD1 . TYR A 19 ? 0.0506 0.0652 0.0562 0.0090  -0.0078 -0.0125 19   TYR A CD1 
139 C  CD2 . TYR A 19 ? 0.0580 0.0680 0.0561 0.0045  -0.0086 -0.0135 19   TYR A CD2 
140 C  CE1 . TYR A 19 ? 0.0508 0.0844 0.0487 0.0116  0.0031  -0.0110 19   TYR A CE1 
141 C  CE2 . TYR A 19 ? 0.0695 0.0671 0.0612 0.0166  -0.0040 -0.0167 19   TYR A CE2 
142 C  CZ  . TYR A 19 ? 0.0605 0.0839 0.0407 0.0238  -0.0039 -0.0122 19   TYR A CZ  
143 O  OH  . TYR A 19 ? 0.0614 0.0963 0.0623 0.0316  -0.0087 -0.0139 19   TYR A OH  
144 N  N   . ASN A 20 ? 0.0483 0.0540 0.0519 -0.0076 -0.0162 0.0032  20   ASN A N   
145 C  CA  . ASN A 20 ? 0.0584 0.0525 0.0430 -0.0031 -0.0169 -0.0035 20   ASN A CA  
146 C  C   . ASN A 20 ? 0.0578 0.0533 0.0358 -0.0024 -0.0161 -0.0025 20   ASN A C   
147 O  O   . ASN A 20 ? 0.0520 0.0608 0.0556 -0.0014 -0.0126 0.0096  20   ASN A O   
148 C  CB  . ASN A 20 ? 0.0708 0.0710 0.0425 0.0010  -0.0075 -0.0073 20   ASN A CB  
149 C  CG  . ASN A 20 ? 0.0709 0.0828 0.0454 -0.0145 -0.0119 -0.0005 20   ASN A CG  
150 O  OD1 . ASN A 20 ? 0.0699 0.0883 0.0504 -0.0057 -0.0101 0.0062  20   ASN A OD1 
151 N  ND2 . ASN A 20 ? 0.0814 0.2244 0.0691 0.0197  0.0129  0.0589  20   ASN A ND2 
152 N  N   . GLN A 21 ? 0.0614 0.0571 0.0477 -0.0019 -0.0146 -0.0049 21   GLN A N   
153 C  CA  . GLN A 21 ? 0.0599 0.0616 0.0552 0.0012  -0.0121 -0.0168 21   GLN A CA  
154 C  C   . GLN A 21 ? 0.0544 0.0558 0.0513 0.0112  -0.0071 -0.0039 21   GLN A C   
155 O  O   . GLN A 21 ? 0.0629 0.0754 0.0566 0.0111  -0.0057 -0.0111 21   GLN A O   
156 C  CB  . GLN A 21 ? 0.0864 0.0640 0.1285 -0.0039 0.0000  -0.0350 21   GLN A CB  
157 C  CG  . GLN A 21 ? 0.1299 0.0952 0.1546 0.0297  0.0136  0.0116  21   GLN A CG  
158 C  CD  . GLN A 21 ? 0.3028 0.0890 0.2942 0.0362  0.0782  0.0347  21   GLN A CD  
159 O  OE1 . GLN A 21 ? 0.2553 0.1118 0.4464 -0.0199 0.1595  -0.0947 21   GLN A OE1 
160 N  NE2 . GLN A 21 ? 0.4451 0.1821 0.3387 0.1852  0.0857  0.1053  21   GLN A NE2 
161 N  N   . ASP A 22 ? 0.0534 0.0616 0.0425 0.0038  -0.0123 -0.0080 22   ASP A N   
162 C  CA  . ASP A 22 ? 0.0468 0.0705 0.0434 -0.0004 -0.0148 -0.0070 22   ASP A CA  
163 C  C   . ASP A 22 ? 0.0524 0.0704 0.0341 -0.0041 -0.0103 -0.0125 22   ASP A C   
164 O  O   . ASP A 22 ? 0.0449 0.0782 0.0452 -0.0059 -0.0020 -0.0123 22   ASP A O   
165 C  CB  . ASP A 22 ? 0.0608 0.0994 0.0446 0.0078  -0.0165 -0.0010 22   ASP A CB  
166 C  CG  . ASP A 22 ? 0.0644 0.1010 0.0543 0.0031  -0.0203 -0.0055 22   ASP A CG  
167 O  OD1 . ASP A 22 ? 0.0687 0.1101 0.0666 0.0060  -0.0226 -0.0157 22   ASP A OD1 
168 O  OD2 . ASP A 22 ? 0.0924 0.1331 0.0655 0.0123  -0.0405 0.0013  22   ASP A OD2 
169 N  N   . ALA A 23 ? 0.0482 0.0698 0.0366 -0.0010 -0.0033 -0.0094 23   ALA A N   
170 C  CA  . ALA A 23 ? 0.0544 0.0707 0.0368 0.0027  -0.0100 -0.0156 23   ALA A CA  
171 C  C   . ALA A 23 ? 0.0469 0.0676 0.0357 -0.0054 -0.0020 -0.0134 23   ALA A C   
172 O  O   . ALA A 23 ? 0.0551 0.0708 0.0484 -0.0015 0.0017  -0.0115 23   ALA A O   
173 C  CB  . ALA A 23 ? 0.0535 0.0737 0.0387 0.0011  -0.0043 -0.0110 23   ALA A CB  
174 N  N   . THR A 24 ? 0.0477 0.0723 0.0398 -0.0026 -0.0076 -0.0097 24   THR A N   
175 C  CA  . THR A 24 ? 0.0573 0.0871 0.0353 -0.0124 -0.0118 -0.0165 24   THR A CA  
176 C  C   . THR A 24 ? 0.0670 0.0876 0.0285 -0.0052 -0.0099 0.0021  24   THR A C   
177 O  O   . THR A 24 ? 0.0902 0.0942 0.0436 -0.0140 0.0045  -0.0197 24   THR A O   
178 C  CB  . THR A 24 ? 0.0645 0.1234 0.0483 0.0073  -0.0216 -0.0280 24   THR A CB  
179 O  OG1 . THR A 24 ? 0.0934 0.1268 0.0553 0.0168  -0.0279 -0.0030 24   THR A OG1 
180 C  CG2 . THR A 24 ? 0.0623 0.1407 0.1012 -0.0153 -0.0348 -0.0383 24   THR A CG2 
181 N  N   . LYS A 25 ? 0.0574 0.0700 0.0352 -0.0028 -0.0058 -0.0021 25   LYS A N   
182 C  CA  . LYS A 25 ? 0.0575 0.0780 0.0411 -0.0003 -0.0025 0.0104  25   LYS A CA  
183 C  C   . LYS A 25 ? 0.0599 0.0655 0.0466 -0.0041 0.0032  0.0072  25   LYS A C   
184 O  O   . LYS A 25 ? 0.0635 0.0789 0.1268 -0.0136 -0.0236 0.0315  25   LYS A O   
185 C  CB  . LYS A 25 ? 0.0685 0.0765 0.0741 0.0014  0.0052  0.0041  25   LYS A CB  
186 C  CG  . LYS A 25 ? 0.0886 0.0859 0.0995 0.0054  -0.0099 0.0138  25   LYS A CG  
187 C  CD  . LYS A 25 ? 0.1149 0.1647 0.0973 -0.0107 -0.0190 -0.0099 25   LYS A CD  
188 C  CE  . LYS A 25 ? 0.1475 0.1980 0.1249 -0.0263 -0.0522 0.0576  25   LYS A CE  
189 N  NZ  . LYS A 25 ? 0.1121 0.2236 0.1003 0.0283  -0.0191 0.0216  25   LYS A NZ  
190 N  N   . SER A 26 ? 0.0622 0.0603 0.0425 -0.0060 -0.0160 0.0059  26   SER A N   
191 C  CA  . SER A 26 ? 0.0531 0.0668 0.0389 -0.0019 -0.0130 -0.0029 26   SER A CA  
192 C  C   . SER A 26 ? 0.0550 0.0650 0.0434 -0.0061 -0.0124 -0.0043 26   SER A C   
193 O  O   . SER A 26 ? 0.0690 0.0773 0.0332 -0.0068 -0.0134 -0.0069 26   SER A O   
194 C  CB  . SER A 26 ? 0.0560 0.0726 0.0464 0.0025  -0.0044 0.0078  26   SER A CB  
195 O  OG  . SER A 26 ? 0.0629 0.0663 0.0533 -0.0012 -0.0009 0.0042  26   SER A OG  
196 N  N   . GLU A 27 ? 0.0580 0.0683 0.0386 0.0064  -0.0127 -0.0108 27   GLU A N   
197 C  CA  . GLU A 27 ? 0.0514 0.0673 0.0453 0.0020  -0.0069 -0.0114 27   GLU A CA  
198 C  C   . GLU A 27 ? 0.0511 0.0598 0.0409 0.0018  -0.0090 -0.0127 27   GLU A C   
199 O  O   . GLU A 27 ? 0.0421 0.0714 0.0593 0.0093  -0.0070 -0.0155 27   GLU A O   
200 C  CB  . GLU A 27 ? 0.0552 0.0753 0.0629 0.0025  -0.0073 -0.0090 27   GLU A CB  
201 C  CG  . GLU A 27 ? 0.0674 0.0775 0.0687 -0.0033 -0.0028 0.0013  27   GLU A CG  
202 C  CD  . GLU A 27 ? 0.0719 0.0736 0.0761 -0.0148 -0.0057 -0.0026 27   GLU A CD  
203 O  OE1 . GLU A 27 ? 0.0665 0.0953 0.0982 -0.0102 -0.0169 0.0144  27   GLU A OE1 
204 O  OE2 . GLU A 27 ? 0.0880 0.1097 0.1615 -0.0358 -0.0172 0.0360  27   GLU A OE2 
205 N  N   . ARG A 28 ? 0.0464 0.0587 0.0447 0.0039  -0.0105 -0.0103 28   ARG A N   
206 C  CA  . ARG A 28 ? 0.0391 0.0654 0.0402 0.0057  -0.0079 -0.0096 28   ARG A CA  
207 C  C   . ARG A 28 ? 0.0372 0.0624 0.0457 0.0026  -0.0078 -0.0072 28   ARG A C   
208 O  O   . ARG A 28 ? 0.0486 0.0708 0.0452 0.0091  -0.0051 -0.0019 28   ARG A O   
209 C  CB  . ARG A 28 ? 0.0404 0.0702 0.0405 0.0037  -0.0022 -0.0012 28   ARG A CB  
210 C  CG  . ARG A 28 ? 0.0377 0.0678 0.0401 0.0056  -0.0059 -0.0044 28   ARG A CG  
211 C  CD  . ARG A 28 ? 0.0393 0.0555 0.0582 0.0039  -0.0107 -0.0026 28   ARG A CD  
212 N  NE  . ARG A 28 ? 0.0396 0.0780 0.0576 0.0053  -0.0113 0.0057  28   ARG A NE  
213 C  CZ  . ARG A 28 ? 0.0427 0.0599 0.0696 0.0042  -0.0132 -0.0038 28   ARG A CZ  
214 N  NH1 . ARG A 28 ? 0.0401 0.0825 0.0697 0.0035  -0.0113 -0.0250 28   ARG A NH1 
215 N  NH2 . ARG A 28 ? 0.0438 0.0970 0.0585 0.0006  -0.0200 -0.0052 28   ARG A NH2 
216 N  N   . VAL A 29 ? 0.0399 0.0762 0.0439 0.0068  -0.0088 -0.0100 29   VAL A N   
217 C  CA  . VAL A 29 ? 0.0505 0.0713 0.0459 0.0026  -0.0051 -0.0094 29   VAL A CA  
218 C  C   . VAL A 29 ? 0.0498 0.0711 0.0485 0.0013  -0.0004 -0.0110 29   VAL A C   
219 O  O   . VAL A 29 ? 0.0604 0.0661 0.0943 0.0101  -0.0061 -0.0173 29   VAL A O   
220 C  CB  . VAL A 29 ? 0.0644 0.0780 0.0501 0.0021  -0.0124 -0.0152 29   VAL A CB  
221 C  CG1 . VAL A 29 ? 0.0939 0.0873 0.0500 0.0053  -0.0011 -0.0192 29   VAL A CG1 
222 C  CG2 . VAL A 29 ? 0.0736 0.1409 0.0781 0.0250  -0.0384 -0.0305 29   VAL A CG2 
223 N  N   . ALA A 30 ? 0.0432 0.0664 0.0498 0.0057  -0.0040 -0.0080 30   ALA A N   
224 C  CA  . ALA A 30 ? 0.0438 0.0692 0.0660 0.0105  0.0040  -0.0060 30   ALA A CA  
225 C  C   . ALA A 30 ? 0.0395 0.0695 0.0634 0.0058  -0.0018 -0.0010 30   ALA A C   
226 O  O   . ALA A 30 ? 0.0576 0.0725 0.0776 0.0178  0.0039  0.0014  30   ALA A O   
227 C  CB  . ALA A 30 ? 0.0471 0.0758 0.0649 0.0014  -0.0035 -0.0017 30   ALA A CB  
228 N  N   . ALA A 31 ? 0.0425 0.0729 0.0600 0.0124  -0.0040 0.0027  31   ALA A N   
229 C  CA  . ALA A 31 ? 0.0436 0.0792 0.0544 0.0037  -0.0129 -0.0057 31   ALA A CA  
230 C  C   . ALA A 31 ? 0.0471 0.0728 0.0662 0.0098  -0.0062 0.0057  31   ALA A C   
231 O  O   . ALA A 31 ? 0.0560 0.0838 0.0722 0.0074  -0.0203 0.0078  31   ALA A O   
232 C  CB  . ALA A 31 ? 0.0541 0.0760 0.0685 0.0034  -0.0096 -0.0088 31   ALA A CB  
233 N  N   . ALA A 32 ? 0.0481 0.0746 0.0593 0.0045  -0.0071 0.0035  32   ALA A N   
234 C  CA  . ALA A 32 ? 0.0689 0.0653 0.0662 0.0044  -0.0201 -0.0050 32   ALA A CA  
235 C  C   . ALA A 32 ? 0.0493 0.0737 0.0599 0.0047  -0.0064 -0.0045 32   ALA A C   
236 O  O   . ALA A 32 ? 0.0700 0.0681 0.0665 0.0119  -0.0044 -0.0002 32   ALA A O   
237 C  CB  . ALA A 32 ? 0.1174 0.0891 0.0714 -0.0014 -0.0027 -0.0284 32   ALA A CB  
238 N  N   . ARG A 33 ? 0.0642 0.0647 0.0641 0.0138  -0.0063 0.0057  33   ARG A N   
239 C  CA  . ARG A 33 ? 0.0566 0.0664 0.0584 0.0147  -0.0056 -0.0009 33   ARG A CA  
240 C  C   . ARG A 33 ? 0.0632 0.0658 0.0766 0.0176  0.0019  0.0070  33   ARG A C   
241 O  O   . ARG A 33 ? 0.0583 0.0713 0.1006 0.0057  -0.0078 0.0044  33   ARG A O   
242 C  CB  . ARG A 33 ? 0.0568 0.0713 0.0599 0.0077  -0.0060 -0.0025 33   ARG A CB  
243 C  CG  . ARG A 33 ? 0.0712 0.0711 0.0660 0.0006  -0.0050 -0.0042 33   ARG A CG  
244 C  CD  . ARG A 33 ? 0.0703 0.0918 0.0675 0.0064  -0.0080 -0.0005 33   ARG A CD  
245 N  NE  . ARG A 33 ? 0.0860 0.0856 0.0757 0.0117  -0.0099 0.0023  33   ARG A NE  
246 C  CZ  . ARG A 33 ? 0.0861 0.1008 0.0723 0.0238  -0.0046 0.0003  33   ARG A CZ  
247 N  NH1 . ARG A 33 ? 0.1279 0.1006 0.0801 0.0469  -0.0121 -0.0102 33   ARG A NH1 
248 N  NH2 . ARG A 33 ? 0.1313 0.1270 0.0817 0.0504  0.0062  0.0254  33   ARG A NH2 
249 N  N   . PRO A 34 ? 0.0797 0.0778 0.0831 0.0106  -0.0024 0.0145  34   PRO A N   
250 C  CA  . PRO A 34 ? 0.0860 0.0700 0.1135 0.0099  0.0169  0.0165  34   PRO A CA  
251 C  C   . PRO A 34 ? 0.0803 0.0778 0.0962 0.0159  0.0107  0.0305  34   PRO A C   
252 O  O   . PRO A 34 ? 0.1052 0.1067 0.1391 0.0372  0.0159  0.0085  34   PRO A O   
253 C  CB  . PRO A 34 ? 0.1005 0.0783 0.1388 0.0237  0.0237  0.0298  34   PRO A CB  
254 C  CG  . PRO A 34 ? 0.1148 0.0941 0.1105 0.0301  0.0035  0.0339  34   PRO A CG  
255 C  CD  . PRO A 34 ? 0.0732 0.0893 0.0972 0.0213  -0.0064 0.0207  34   PRO A CD  
256 N  N   . GLY A 35 ? 0.0835 0.0982 0.1080 0.0039  0.0217  0.0361  35   GLY A N   
257 C  CA  . GLY A 35 ? 0.0689 0.1377 0.1147 0.0211  0.0168  0.0750  35   GLY A CA  
258 C  C   . GLY A 35 ? 0.0915 0.0951 0.1043 -0.0167 -0.0008 0.0393  35   GLY A C   
259 O  O   . GLY A 35 ? 0.0900 0.1105 0.1405 -0.0189 0.0052  0.0329  35   GLY A O   
260 N  N   . LEU A 36 ? 0.0865 0.0650 0.0922 -0.0100 -0.0225 0.0246  36   LEU A N   
261 C  CA  . LEU A 36 ? 0.0789 0.0582 0.0803 -0.0028 -0.0157 0.0020  36   LEU A CA  
262 C  C   . LEU A 36 ? 0.0717 0.0594 0.0904 -0.0056 -0.0135 -0.0012 36   LEU A C   
263 O  O   . LEU A 36 ? 0.0728 0.0586 0.0948 -0.0069 -0.0142 0.0010  36   LEU A O   
264 C  CB  . LEU A 36 ? 0.0792 0.0688 0.0852 0.0045  -0.0152 0.0034  36   LEU A CB  
265 C  CG  . LEU A 36 ? 0.0843 0.1064 0.0797 0.0051  -0.0101 -0.0197 36   LEU A CG  
266 C  CD1 . LEU A 36 ? 0.1086 0.1389 0.0778 0.0414  -0.0219 -0.0244 36   LEU A CD1 
267 C  CD2 . LEU A 36 ? 0.0816 0.1517 0.1227 -0.0146 -0.0053 -0.0239 36   LEU A CD2 
268 N  N   . PRO A 37 ? 0.0744 0.0664 0.0860 -0.0079 -0.0072 -0.0115 37   PRO A N   
269 C  CA  . PRO A 37 ? 0.0867 0.0802 0.0896 -0.0052 0.0062  -0.0213 37   PRO A CA  
270 C  C   . PRO A 37 ? 0.0571 0.0767 0.0619 0.0046  -0.0098 -0.0059 37   PRO A C   
271 O  O   . PRO A 37 ? 0.0614 0.0756 0.0626 0.0067  -0.0021 -0.0019 37   PRO A O   
272 C  CB  . PRO A 37 ? 0.1283 0.1284 0.0873 -0.0461 0.0094  -0.0456 37   PRO A CB  
273 C  CG  . PRO A 37 ? 0.1042 0.1081 0.1070 -0.0176 -0.0012 -0.0342 37   PRO A CG  
274 C  CD  . PRO A 37 ? 0.0908 0.0912 0.0952 -0.0201 -0.0213 -0.0048 37   PRO A CD  
275 N  N   A PRO A 38 ? 0.0530 0.0742 0.0656 0.0149  -0.0111 0.0102  38   PRO A N   
276 N  N   B PRO A 38 ? 0.0611 0.0703 0.0700 0.0037  -0.0042 -0.0321 38   PRO A N   
277 C  CA  A PRO A 38 ? 0.0265 0.0914 0.0876 0.0101  -0.0151 -0.0153 38   PRO A CA  
278 C  CA  B PRO A 38 ? 0.0758 0.0651 0.0332 0.0085  -0.0076 -0.0037 38   PRO A CA  
279 C  C   . PRO A 38 ? 0.0436 0.0670 0.0461 -0.0035 -0.0055 -0.0104 38   PRO A C   
280 O  O   . PRO A 38 ? 0.0499 0.0713 0.0491 -0.0026 -0.0109 -0.0107 38   PRO A O   
281 C  CB  A PRO A 38 ? 0.0387 0.1108 0.0889 -0.0009 -0.0096 -0.0036 38   PRO A CB  
282 C  CB  B PRO A 38 ? 0.0457 0.0950 0.0860 0.0009  -0.0111 -0.0144 38   PRO A CB  
283 C  CG  A PRO A 38 ? 0.0649 0.1269 0.1097 0.0102  0.0238  -0.0170 38   PRO A CG  
284 C  CG  B PRO A 38 ? 0.0616 0.1177 0.1306 0.0203  0.0105  0.0068  38   PRO A CG  
285 C  CD  A PRO A 38 ? 0.0691 0.1081 0.1179 0.0010  0.0144  -0.0349 38   PRO A CD  
286 C  CD  B PRO A 38 ? 0.0741 0.0720 0.1098 0.0289  0.0108  -0.0034 38   PRO A CD  
287 N  N   . GLU A 39 ? 0.0510 0.0628 0.0469 0.0053  -0.0109 -0.0120 39   GLU A N   
288 C  CA  . GLU A 39 ? 0.0530 0.0638 0.0447 0.0024  -0.0075 -0.0055 39   GLU A CA  
289 C  C   . GLU A 39 ? 0.0491 0.0616 0.0382 0.0034  -0.0151 -0.0122 39   GLU A C   
290 O  O   . GLU A 39 ? 0.0590 0.0632 0.0545 0.0020  -0.0097 -0.0145 39   GLU A O   
291 C  CB  . GLU A 39 ? 0.0624 0.1236 0.0468 0.0301  -0.0141 -0.0259 39   GLU A CB  
292 C  CG  . GLU A 39 ? 0.0828 0.1748 0.0369 0.0454  -0.0090 -0.0104 39   GLU A CG  
293 C  CD  . GLU A 39 ? 0.0678 0.2098 0.0593 0.0471  0.0011  0.0300  39   GLU A CD  
294 O  OE1 . GLU A 39 ? 0.1290 0.1768 0.1212 0.0419  0.0603  0.0559  39   GLU A OE1 
295 O  OE2 . GLU A 39 ? 0.0731 0.3024 0.0539 0.0405  0.0038  0.0271  39   GLU A OE2 
296 N  N   . GLU A 40 ? 0.0459 0.0633 0.0426 -0.0028 -0.0101 -0.0119 40   GLU A N   
297 C  CA  . GLU A 40 ? 0.0398 0.0697 0.0458 -0.0034 -0.0113 -0.0066 40   GLU A CA  
298 C  C   . GLU A 40 ? 0.0423 0.0720 0.0432 0.0047  -0.0122 -0.0120 40   GLU A C   
299 O  O   . GLU A 40 ? 0.0409 0.1191 0.0561 0.0048  -0.0070 -0.0327 40   GLU A O   
300 C  CB  . GLU A 40 ? 0.0561 0.0782 0.0514 -0.0156 -0.0173 -0.0060 40   GLU A CB  
301 C  CG  . GLU A 40 ? 0.1004 0.0989 0.0608 -0.0442 -0.0178 -0.0066 40   GLU A CG  
302 C  CD  . GLU A 40 ? 0.0781 0.0963 0.1234 -0.0306 -0.0232 -0.0119 40   GLU A CD  
303 O  OE1 . GLU A 40 ? 0.1185 0.1210 0.1525 -0.0299 0.0177  0.0143  40   GLU A OE1 
304 O  OE2 . GLU A 40 ? 0.1241 0.1000 0.1296 0.0026  -0.0344 -0.0005 40   GLU A OE2 
305 N  N   . GLN A 41 ? 0.0417 0.0564 0.0359 -0.0030 -0.0050 -0.0143 41   GLN A N   
306 C  CA  . GLN A 41 ? 0.0433 0.0460 0.0400 -0.0027 -0.0116 -0.0116 41   GLN A CA  
307 C  C   . GLN A 41 ? 0.0440 0.0517 0.0409 0.0032  -0.0113 -0.0094 41   GLN A C   
308 O  O   . GLN A 41 ? 0.0541 0.0545 0.0474 -0.0001 0.0035  -0.0041 41   GLN A O   
309 C  CB  . GLN A 41 ? 0.0368 0.0513 0.0420 -0.0012 -0.0073 -0.0079 41   GLN A CB  
310 C  CG  . GLN A 41 ? 0.0456 0.0530 0.0390 -0.0038 -0.0050 -0.0081 41   GLN A CG  
311 C  CD  . GLN A 41 ? 0.0470 0.0518 0.0455 0.0004  -0.0048 -0.0053 41   GLN A CD  
312 O  OE1 . GLN A 41 ? 0.0446 0.0519 0.0527 -0.0020 -0.0103 -0.0043 41   GLN A OE1 
313 N  NE2 . GLN A 41 ? 0.0483 0.0511 0.0597 0.0048  -0.0090 -0.0059 41   GLN A NE2 
314 N  N   . HIS A 42 ? 0.0425 0.0434 0.0389 -0.0036 -0.0050 -0.0041 42   HIS A N   
315 C  CA  . HIS A 42 ? 0.0393 0.0470 0.0368 -0.0005 -0.0082 -0.0065 42   HIS A CA  
316 C  C   . HIS A 42 ? 0.0341 0.0464 0.0390 0.0008  -0.0036 -0.0052 42   HIS A C   
317 O  O   . HIS A 42 ? 0.0449 0.0479 0.0414 0.0014  -0.0027 0.0002  42   HIS A O   
318 C  CB  A HIS A 42 ? 0.0690 0.0599 0.0387 0.0156  -0.0080 -0.0095 42   HIS A CB  
319 C  CB  B HIS A 42 ? 0.0384 0.0512 0.0386 -0.0065 -0.0056 -0.0020 42   HIS A CB  
320 C  CG  A HIS A 42 ? 0.0544 0.0902 0.0544 0.0157  -0.0386 -0.0149 42   HIS A CG  
321 C  CG  B HIS A 42 ? 0.0321 0.0554 0.0576 0.0014  -0.0100 -0.0066 42   HIS A CG  
322 N  ND1 A HIS A 42 ? 0.0611 0.0851 0.0418 0.0026  -0.0222 -0.0104 42   HIS A ND1 
323 N  ND1 B HIS A 42 ? 0.0353 0.0857 0.1676 -0.0074 -0.0096 -0.0606 42   HIS A ND1 
324 C  CD2 A HIS A 42 ? 0.0693 0.0823 0.1928 0.0065  0.0181  -0.0401 42   HIS A CD2 
325 C  CD2 B HIS A 42 ? 0.0396 0.0980 0.0540 -0.0016 -0.0008 -0.0243 42   HIS A CD2 
326 C  CE1 A HIS A 42 ? 0.0637 0.1112 0.1508 -0.0100 0.0035  -0.0808 42   HIS A CE1 
327 C  CE1 B HIS A 42 ? 0.0289 0.1227 0.1981 -0.0043 -0.0330 -0.0759 42   HIS A CE1 
328 N  NE2 A HIS A 42 ? 0.0600 0.1099 0.1694 0.0070  -0.0005 -0.0752 42   HIS A NE2 
329 N  NE2 B HIS A 42 ? 0.0370 0.1035 0.0784 -0.0038 -0.0149 -0.0156 42   HIS A NE2 
330 N  N   . CYS A 43 ? 0.0392 0.0425 0.0393 -0.0019 -0.0047 -0.0064 43   CYS A N   
331 C  CA  . CYS A 43 ? 0.0367 0.0485 0.0388 -0.0018 -0.0063 -0.0035 43   CYS A CA  
332 C  C   . CYS A 43 ? 0.0351 0.0505 0.0391 -0.0038 -0.0059 -0.0077 43   CYS A C   
333 O  O   . CYS A 43 ? 0.0488 0.0574 0.0403 -0.0058 -0.0009 -0.0075 43   CYS A O   
334 C  CB  . CYS A 43 ? 0.0421 0.0443 0.0423 -0.0007 -0.0088 -0.0103 43   CYS A CB  
335 S  SG  . CYS A 43 ? 0.0396 0.0477 0.0386 -0.0003 -0.0103 -0.0040 43   CYS A SG  
336 N  N   . ALA A 44 ? 0.0352 0.0591 0.0497 -0.0009 -0.0031 -0.0014 44   ALA A N   
337 C  CA  . ALA A 44 ? 0.0352 0.0655 0.0687 -0.0075 -0.0003 -0.0082 44   ALA A CA  
338 C  C   . ALA A 44 ? 0.0415 0.0699 0.0473 -0.0068 -0.0047 -0.0120 44   ALA A C   
339 O  O   . ALA A 44 ? 0.0575 0.0836 0.0727 -0.0115 0.0183  -0.0095 44   ALA A O   
340 C  CB  . ALA A 44 ? 0.0377 0.0963 0.1003 -0.0035 -0.0091 0.0120  44   ALA A CB  
341 N  N   . ASN A 45 ? 0.0436 0.0584 0.0417 -0.0085 -0.0052 -0.0048 45   ASN A N   
342 C  CA  . ASN A 45 ? 0.0437 0.0603 0.0456 -0.0104 -0.0035 -0.0060 45   ASN A CA  
343 C  C   . ASN A 45 ? 0.0524 0.0558 0.0372 -0.0125 -0.0026 -0.0026 45   ASN A C   
344 O  O   . ASN A 45 ? 0.0651 0.0513 0.0516 -0.0071 -0.0118 -0.0072 45   ASN A O   
345 C  CB  . ASN A 45 ? 0.0522 0.0593 0.0542 -0.0156 -0.0089 -0.0014 45   ASN A CB  
346 C  CG  . ASN A 45 ? 0.0449 0.0590 0.0503 -0.0055 -0.0112 -0.0146 45   ASN A CG  
347 O  OD1 . ASN A 45 ? 0.0481 0.0711 0.0483 -0.0176 -0.0093 -0.0041 45   ASN A OD1 
348 N  ND2 . ASN A 45 ? 0.0570 0.1124 0.0531 -0.0293 -0.0073 -0.0183 45   ASN A ND2 
349 N  N   . CYS A 46 ? 0.0469 0.0459 0.0456 -0.0106 -0.0109 -0.0046 46   CYS A N   
350 C  CA  . CYS A 46 ? 0.0445 0.0511 0.0396 -0.0030 -0.0053 -0.0057 46   CYS A CA  
351 C  C   . CYS A 46 ? 0.0459 0.0490 0.0421 -0.0062 -0.0067 -0.0019 46   CYS A C   
352 O  O   . CYS A 46 ? 0.0521 0.0588 0.0463 0.0045  -0.0043 -0.0057 46   CYS A O   
353 C  CB  . CYS A 46 ? 0.0405 0.0535 0.0372 -0.0121 -0.0066 -0.0032 46   CYS A CB  
354 S  SG  . CYS A 46 ? 0.0418 0.0486 0.0385 -0.0028 -0.0047 -0.0028 46   CYS A SG  
355 N  N   . GLN A 47 ? 0.0530 0.0507 0.0360 -0.0023 -0.0045 -0.0023 47   GLN A N   
356 C  CA  . GLN A 47 ? 0.0546 0.0558 0.0366 -0.0059 -0.0077 -0.0030 47   GLN A CA  
357 C  C   . GLN A 47 ? 0.0574 0.0558 0.0439 -0.0072 -0.0009 -0.0090 47   GLN A C   
358 O  O   . GLN A 47 ? 0.0816 0.0726 0.0481 -0.0208 0.0093  -0.0162 47   GLN A O   
359 C  CB  . GLN A 47 ? 0.0640 0.0574 0.0494 0.0013  -0.0117 0.0029  47   GLN A CB  
360 C  CG  . GLN A 47 ? 0.0760 0.0758 0.0576 0.0004  -0.0214 0.0026  47   GLN A CG  
361 C  CD  . GLN A 47 ? 0.0969 0.0753 0.0502 -0.0220 -0.0108 0.0094  47   GLN A CD  
362 O  OE1 . GLN A 47 ? 0.0967 0.0981 0.0575 -0.0314 -0.0150 0.0005  47   GLN A OE1 
363 N  NE2 . GLN A 47 ? 0.1123 0.1544 0.0549 -0.0455 -0.0138 0.0199  47   GLN A NE2 
364 N  N   . PHE A 48 ? 0.0455 0.0538 0.0422 -0.0057 -0.0027 -0.0068 48   PHE A N   
365 C  CA  . PHE A 48 ? 0.0483 0.0558 0.0395 -0.0074 -0.0019 -0.0086 48   PHE A CA  
366 C  C   . PHE A 48 ? 0.0462 0.0565 0.0411 0.0009  0.0012  -0.0107 48   PHE A C   
367 O  O   . PHE A 48 ? 0.0616 0.0612 0.0486 -0.0033 -0.0010 -0.0184 48   PHE A O   
368 C  CB  . PHE A 48 ? 0.0483 0.0490 0.0398 -0.0073 -0.0047 -0.0008 48   PHE A CB  
369 C  CG  . PHE A 48 ? 0.0525 0.0530 0.0416 -0.0101 -0.0093 0.0000  48   PHE A CG  
370 C  CD1 . PHE A 48 ? 0.0829 0.0604 0.0493 -0.0053 -0.0208 -0.0021 48   PHE A CD1 
371 C  CD2 . PHE A 48 ? 0.0632 0.0636 0.0585 0.0048  -0.0022 0.0007  48   PHE A CD2 
372 C  CE1 . PHE A 48 ? 0.0874 0.0629 0.0740 -0.0098 -0.0276 0.0120  48   PHE A CE1 
373 C  CE2 . PHE A 48 ? 0.0787 0.0698 0.0943 0.0168  0.0010  0.0055  48   PHE A CE2 
374 C  CZ  . PHE A 48 ? 0.0748 0.0641 0.1002 0.0094  -0.0267 0.0183  48   PHE A CZ  
375 N  N   . MET A 49 ? 0.0449 0.0552 0.0422 -0.0017 -0.0067 -0.0177 49   MET A N   
376 C  CA  . MET A 49 ? 0.0499 0.0547 0.0473 0.0029  0.0061  -0.0080 49   MET A CA  
377 C  C   . MET A 49 ? 0.0600 0.0618 0.0510 0.0038  0.0053  -0.0119 49   MET A C   
378 O  O   . MET A 49 ? 0.1118 0.0606 0.0767 -0.0035 0.0439  -0.0129 49   MET A O   
379 C  CB  . MET A 49 ? 0.0485 0.0718 0.0545 0.0055  -0.0021 -0.0067 49   MET A CB  
380 C  CG  A MET A 49 ? 0.0714 0.0822 0.0577 -0.0015 -0.0097 -0.0030 49   MET A CG  
381 C  CG  B MET A 49 ? 0.0626 0.0686 0.0586 -0.0058 -0.0098 0.0025  49   MET A CG  
382 S  SD  A MET A 49 ? 0.0720 0.1572 0.1022 0.0128  0.0013  -0.0488 49   MET A SD  
383 S  SD  B MET A 49 ? 0.1162 0.0789 0.1121 0.0377  -0.0761 -0.0444 49   MET A SD  
384 C  CE  A MET A 49 ? 0.0799 0.5730 0.2803 -0.0183 -0.0754 0.1065  49   MET A CE  
385 C  CE  B MET A 49 ? 0.0530 0.1837 0.2918 0.0097  -0.0269 0.1154  49   MET A CE  
386 N  N   . GLN A 50 ? 0.0673 0.0609 0.0535 0.0075  0.0068  -0.0168 50   GLN A N   
387 C  CA  . GLN A 50 ? 0.0780 0.0609 0.0620 0.0056  0.0115  -0.0115 50   GLN A CA  
388 C  C   . GLN A 50 ? 0.0734 0.0653 0.0703 0.0028  0.0206  -0.0195 50   GLN A C   
389 O  O   . GLN A 50 ? 0.0834 0.0706 0.0776 0.0217  0.0256  -0.0032 50   GLN A O   
390 C  CB  . GLN A 50 ? 0.0897 0.0885 0.0606 0.0097  0.0053  -0.0251 50   GLN A CB  
391 C  CG  . GLN A 50 ? 0.0886 0.1182 0.0626 0.0117  -0.0034 -0.0224 50   GLN A CG  
392 C  CD  . GLN A 50 ? 0.0996 0.1571 0.0785 -0.0035 0.0013  -0.0402 50   GLN A CD  
393 O  OE1 . GLN A 50 ? 0.1354 0.1911 0.1535 -0.0596 -0.0170 -0.0075 50   GLN A OE1 
394 N  NE2 . GLN A 50 ? 0.3209 0.2674 0.1318 -0.1149 -0.1189 -0.0007 50   GLN A NE2 
395 N  N   . ALA A 51 ? 0.0764 0.0707 0.0875 0.0035  0.0111  -0.0192 51   ALA A N   
396 C  CA  . ALA A 51 ? 0.0775 0.0936 0.1089 0.0054  0.0013  -0.0480 51   ALA A CA  
397 C  C   . ALA A 51 ? 0.0697 0.0862 0.0736 0.0107  0.0075  -0.0192 51   ALA A C   
398 O  O   . ALA A 51 ? 0.0698 0.1247 0.0913 0.0159  0.0041  -0.0178 51   ALA A O   
399 C  CB  . ALA A 51 ? 0.1021 0.1386 0.3070 -0.0337 0.0387  -0.1212 51   ALA A CB  
400 N  N   . ASN A 52 ? 0.0745 0.0712 0.0679 0.0074  0.0168  -0.0064 52   ASN A N   
401 C  CA  . ASN A 52 ? 0.0816 0.0788 0.0682 0.0111  0.0279  -0.0079 52   ASN A CA  
402 C  C   . ASN A 52 ? 0.0852 0.0723 0.0461 0.0143  0.0125  -0.0070 52   ASN A C   
403 O  O   . ASN A 52 ? 0.1399 0.0853 0.0595 -0.0007 0.0298  -0.0177 52   ASN A O   
404 C  CB  . ASN A 52 ? 0.1324 0.0990 0.0834 0.0032  0.0553  -0.0042 52   ASN A CB  
405 C  CG  . ASN A 52 ? 0.1465 0.1230 0.1229 -0.0055 0.0615  0.0213  52   ASN A CG  
406 O  OD1 . ASN A 52 ? 0.1318 0.1931 0.1850 -0.0038 0.0587  0.0013  52   ASN A OD1 
407 N  ND2 . ASN A 52 ? 0.2165 0.1120 0.1397 -0.0168 0.0772  0.0103  52   ASN A ND2 
408 N  N   . VAL A 53 ? 0.0658 0.0662 0.0441 0.0061  0.0038  -0.0111 53   VAL A N   
409 C  CA  . VAL A 53 ? 0.0700 0.0597 0.0372 0.0124  0.0049  -0.0119 53   VAL A CA  
410 C  C   . VAL A 53 ? 0.0566 0.0533 0.0428 0.0080  -0.0034 -0.0148 53   VAL A C   
411 O  O   . VAL A 53 ? 0.0803 0.0574 0.0408 0.0065  0.0030  -0.0149 53   VAL A O   
412 C  CB  . VAL A 53 ? 0.0684 0.0698 0.0534 0.0124  -0.0085 -0.0192 53   VAL A CB  
413 C  CG1 . VAL A 53 ? 0.0675 0.0705 0.0796 0.0076  -0.0120 -0.0178 53   VAL A CG1 
414 C  CG2 . VAL A 53 ? 0.0945 0.0833 0.0723 0.0189  -0.0172 -0.0087 53   VAL A CG2 
415 N  N   . GLY A 54 ? 0.0606 0.0546 0.0400 0.0086  -0.0037 -0.0151 54   GLY A N   
416 C  CA  . GLY A 54 ? 0.0540 0.0574 0.0392 0.0066  -0.0047 -0.0092 54   GLY A CA  
417 C  C   . GLY A 54 ? 0.0556 0.0523 0.0428 0.0058  0.0011  -0.0118 54   GLY A C   
418 O  O   . GLY A 54 ? 0.0557 0.0815 0.0548 -0.0004 -0.0042 -0.0094 54   GLY A O   
419 N  N   . GLU A 55 ? 0.0504 0.0652 0.0514 0.0059  -0.0017 -0.0149 55   GLU A N   
420 C  CA  . GLU A 55 ? 0.0526 0.0660 0.0539 0.0152  -0.0039 -0.0139 55   GLU A CA  
421 C  C   . GLU A 55 ? 0.0512 0.0618 0.0558 0.0178  -0.0094 -0.0056 55   GLU A C   
422 O  O   . GLU A 55 ? 0.0531 0.0827 0.0519 0.0159  -0.0068 -0.0138 55   GLU A O   
423 C  CB  . GLU A 55 ? 0.0604 0.0744 0.0739 0.0159  -0.0019 -0.0230 55   GLU A CB  
424 C  CG  . GLU A 55 ? 0.0637 0.0923 0.0834 0.0255  0.0016  -0.0230 55   GLU A CG  
425 C  CD  . GLU A 55 ? 0.0665 0.0610 0.0935 0.0191  -0.0105 -0.0039 55   GLU A CD  
426 O  OE1 . GLU A 55 ? 0.0689 0.0896 0.0971 0.0265  -0.0037 0.0037  55   GLU A OE1 
427 O  OE2 . GLU A 55 ? 0.0635 0.1008 0.1199 0.0051  -0.0111 -0.0020 55   GLU A OE2 
428 N  N   . GLY A 56 ? 0.0629 0.0694 0.0542 0.0086  -0.0072 -0.0082 56   GLY A N   
429 C  CA  . GLY A 56 ? 0.0587 0.0886 0.0553 0.0135  -0.0087 -0.0145 56   GLY A CA  
430 C  C   . GLY A 56 ? 0.0612 0.0885 0.0676 0.0195  -0.0184 -0.0236 56   GLY A C   
431 O  O   . GLY A 56 ? 0.0974 0.0908 0.0761 0.0227  -0.0205 -0.0232 56   GLY A O   
432 N  N   . ASP A 57 ? 0.0562 0.0935 0.0595 0.0209  -0.0135 -0.0226 57   ASP A N   
433 C  CA  . ASP A 57 ? 0.0583 0.1057 0.0615 0.0272  -0.0203 -0.0373 57   ASP A CA  
434 C  C   . ASP A 57 ? 0.0572 0.0782 0.0543 0.0176  -0.0100 -0.0213 57   ASP A C   
435 O  O   . ASP A 57 ? 0.0618 0.0933 0.0849 0.0250  -0.0110 -0.0447 57   ASP A O   
436 C  CB  . ASP A 57 ? 0.1018 0.2114 0.0567 0.0637  -0.0212 -0.0497 57   ASP A CB  
437 C  CG  . ASP A 57 ? 0.1111 0.3923 0.0955 0.0813  -0.0580 -0.1023 57   ASP A CG  
438 O  OD1 . ASP A 57 ? 0.1412 0.3711 0.1942 0.0105  -0.0877 -0.1562 57   ASP A OD1 
439 O  OD2 . ASP A 57 ? 0.2148 0.7041 0.0838 0.0615  -0.0710 -0.0790 57   ASP A OD2 
440 N  N   . TRP A 58 ? 0.0470 0.0744 0.0422 0.0146  -0.0103 -0.0160 58   TRP A N   
441 C  CA  . TRP A 58 ? 0.0477 0.0689 0.0468 0.0161  -0.0112 -0.0127 58   TRP A CA  
442 C  C   . TRP A 58 ? 0.0478 0.0669 0.0433 0.0145  -0.0075 -0.0177 58   TRP A C   
443 O  O   . TRP A 58 ? 0.0601 0.0826 0.0485 0.0285  -0.0036 -0.0119 58   TRP A O   
444 C  CB  . TRP A 58 ? 0.0629 0.0663 0.0574 0.0103  -0.0118 -0.0153 58   TRP A CB  
445 C  CG  . TRP A 58 ? 0.0806 0.0595 0.0619 0.0117  -0.0082 -0.0137 58   TRP A CG  
446 C  CD1 . TRP A 58 ? 0.0954 0.0993 0.0664 0.0183  -0.0274 -0.0056 58   TRP A CD1 
447 C  CD2 . TRP A 58 ? 0.1015 0.0646 0.0738 0.0124  0.0083  -0.0165 58   TRP A CD2 
448 N  NE1 . TRP A 58 ? 0.1455 0.0960 0.0704 0.0005  -0.0248 0.0011  58   TRP A NE1 
449 C  CE2 . TRP A 58 ? 0.1438 0.0783 0.0617 -0.0026 0.0037  -0.0095 58   TRP A CE2 
450 C  CE3 . TRP A 58 ? 0.0906 0.0601 0.1124 0.0080  0.0177  -0.0172 58   TRP A CE3 
451 C  CZ2 . TRP A 58 ? 0.1874 0.1010 0.0794 -0.0371 0.0276  -0.0248 58   TRP A CZ2 
452 C  CZ3 . TRP A 58 ? 0.1216 0.0728 0.1535 -0.0084 0.0523  -0.0370 58   TRP A CZ3 
453 C  CH2 . TRP A 58 ? 0.1846 0.0833 0.1306 -0.0132 0.0759  -0.0215 58   TRP A CH2 
454 N  N   . LYS A 59 ? 0.0595 0.0771 0.0350 0.0238  -0.0052 -0.0169 59   LYS A N   
455 C  CA  . LYS A 59 ? 0.0485 0.0635 0.0437 0.0139  -0.0065 -0.0140 59   LYS A CA  
456 C  C   . LYS A 59 ? 0.0514 0.0573 0.0410 0.0117  -0.0052 -0.0151 59   LYS A C   
457 O  O   . LYS A 59 ? 0.0479 0.0730 0.0489 0.0006  -0.0047 -0.0117 59   LYS A O   
458 C  CB  . LYS A 59 ? 0.0536 0.0695 0.0585 0.0065  -0.0084 -0.0250 59   LYS A CB  
459 C  CG  . LYS A 59 ? 0.0585 0.0932 0.0650 0.0013  -0.0133 -0.0301 59   LYS A CG  
460 C  CD  . LYS A 59 ? 0.0548 0.0793 0.0819 0.0031  0.0001  -0.0198 59   LYS A CD  
461 C  CE  . LYS A 59 ? 0.0720 0.0896 0.0783 0.0048  -0.0033 -0.0194 59   LYS A CE  
462 N  NZ  . LYS A 59 ? 0.0821 0.1017 0.0740 0.0089  0.0067  -0.0141 59   LYS A NZ  
463 N  N   . GLY A 60 ? 0.0449 0.0730 0.0416 0.0134  -0.0018 -0.0103 60   GLY A N   
464 C  CA  . GLY A 60 ? 0.0467 0.0753 0.0445 0.0062  -0.0082 -0.0215 60   GLY A CA  
465 C  C   . GLY A 60 ? 0.0431 0.0611 0.0448 0.0027  -0.0055 -0.0037 60   GLY A C   
466 O  O   . GLY A 60 ? 0.0373 0.0676 0.0578 0.0024  -0.0079 -0.0146 60   GLY A O   
467 N  N   . CYS A 61 ? 0.0426 0.0535 0.0644 0.0040  -0.0103 -0.0177 61   CYS A N   
468 C  CA  . CYS A 61 ? 0.0407 0.0550 0.0511 0.0043  -0.0124 -0.0093 61   CYS A CA  
469 C  C   . CYS A 61 ? 0.0450 0.0556 0.0453 0.0006  -0.0057 -0.0142 61   CYS A C   
470 O  O   . CYS A 61 ? 0.0463 0.0534 0.0547 0.0017  -0.0117 -0.0175 61   CYS A O   
471 C  CB  . CYS A 61 ? 0.0491 0.0652 0.0450 0.0111  -0.0146 -0.0059 61   CYS A CB  
472 S  SG  . CYS A 61 ? 0.0467 0.0610 0.0389 0.0079  -0.0158 -0.0161 61   CYS A SG  
473 N  N   . GLN A 62 ? 0.0471 0.0559 0.0463 -0.0054 -0.0050 -0.0082 62   GLN A N   
474 C  CA  . GLN A 62 ? 0.0553 0.0746 0.0369 -0.0063 -0.0064 -0.0097 62   GLN A CA  
475 C  C   . GLN A 62 ? 0.0505 0.0756 0.0443 -0.0061 -0.0064 -0.0063 62   GLN A C   
476 O  O   . GLN A 62 ? 0.0632 0.1278 0.0340 -0.0135 -0.0187 -0.0186 62   GLN A O   
477 C  CB  . GLN A 62 ? 0.0713 0.0824 0.0531 0.0046  -0.0120 0.0040  62   GLN A CB  
478 C  CG  . GLN A 62 ? 0.0889 0.1073 0.1005 0.0142  0.0080  0.0113  62   GLN A CG  
479 C  CD  . GLN A 62 ? 0.0956 0.1382 0.1082 -0.0070 -0.0070 0.0412  62   GLN A CD  
480 O  OE1 . GLN A 62 ? 0.1091 0.2368 0.3554 -0.0454 0.0118  0.1110  62   GLN A OE1 
481 N  NE2 . GLN A 62 ? 0.1163 0.1565 0.1608 0.0144  -0.0021 0.0826  62   GLN A NE2 
482 N  N   . LEU A 63 ? 0.0454 0.0607 0.0374 0.0029  -0.0120 -0.0078 63   LEU A N   
483 C  CA  . LEU A 63 ? 0.0409 0.0626 0.0478 0.0045  -0.0133 -0.0078 63   LEU A CA  
484 C  C   . LEU A 63 ? 0.0416 0.0645 0.0447 0.0047  -0.0156 -0.0100 63   LEU A C   
485 O  O   . LEU A 63 ? 0.0448 0.0652 0.0678 0.0016  -0.0218 -0.0037 63   LEU A O   
486 C  CB  . LEU A 63 ? 0.0440 0.0683 0.0450 -0.0003 -0.0129 -0.0068 63   LEU A CB  
487 C  CG  . LEU A 63 ? 0.0493 0.0731 0.0457 0.0037  -0.0147 -0.0127 63   LEU A CG  
488 C  CD1 . LEU A 63 ? 0.0541 0.0810 0.0532 0.0076  -0.0160 -0.0214 63   LEU A CD1 
489 C  CD2 . LEU A 63 ? 0.0619 0.0724 0.0552 0.0054  -0.0164 -0.0136 63   LEU A CD2 
490 N  N   . PHE A 64 ? 0.0449 0.0558 0.0457 0.0000  -0.0187 -0.0053 64   PHE A N   
491 C  CA  . PHE A 64 ? 0.0479 0.0645 0.0446 -0.0005 -0.0153 -0.0053 64   PHE A CA  
492 C  C   . PHE A 64 ? 0.0619 0.0573 0.0438 -0.0030 -0.0151 -0.0106 64   PHE A C   
493 O  O   . PHE A 64 ? 0.0589 0.0644 0.0524 0.0034  -0.0164 -0.0151 64   PHE A O   
494 C  CB  . PHE A 64 ? 0.0522 0.0641 0.0473 0.0073  -0.0165 -0.0062 64   PHE A CB  
495 C  CG  . PHE A 64 ? 0.0519 0.0625 0.0427 -0.0006 -0.0147 -0.0038 64   PHE A CG  
496 C  CD1 . PHE A 64 ? 0.0498 0.0723 0.0518 -0.0022 -0.0175 0.0021  64   PHE A CD1 
497 C  CD2 . PHE A 64 ? 0.0598 0.0644 0.0520 0.0002  -0.0147 -0.0071 64   PHE A CD2 
498 C  CE1 . PHE A 64 ? 0.0562 0.0813 0.0608 0.0008  -0.0084 0.0107  64   PHE A CE1 
499 C  CE2 . PHE A 64 ? 0.0673 0.0764 0.0686 0.0025  -0.0104 -0.0248 64   PHE A CE2 
500 C  CZ  . PHE A 64 ? 0.0667 0.0926 0.0540 0.0115  -0.0080 -0.0106 64   PHE A CZ  
501 N  N   . PRO A 65 ? 0.0987 0.0797 0.0424 0.0205  -0.0187 -0.0126 65   PRO A N   
502 C  CA  . PRO A 65 ? 0.1224 0.1054 0.0463 0.0365  -0.0222 -0.0172 65   PRO A CA  
503 C  C   . PRO A 65 ? 0.1032 0.1002 0.0534 0.0316  -0.0381 -0.0270 65   PRO A C   
504 O  O   . PRO A 65 ? 0.1195 0.1059 0.1085 0.0120  -0.0519 -0.0248 65   PRO A O   
505 C  CB  . PRO A 65 ? 0.1855 0.1498 0.0378 0.0696  -0.0278 -0.0162 65   PRO A CB  
506 C  CG  . PRO A 65 ? 0.1556 0.1881 0.0601 0.0757  -0.0594 -0.0453 65   PRO A CG  
507 C  CD  . PRO A 65 ? 0.0980 0.1006 0.0526 0.0220  -0.0345 -0.0161 65   PRO A CD  
508 N  N   . GLY A 66 ? 0.1201 0.1160 0.0586 0.0416  -0.0322 -0.0331 66   GLY A N   
509 C  CA  . GLY A 66 ? 0.1644 0.1115 0.0666 0.0615  -0.0475 -0.0404 66   GLY A CA  
510 C  C   . GLY A 66 ? 0.1123 0.1027 0.0675 0.0343  -0.0430 -0.0313 66   GLY A C   
511 O  O   . GLY A 66 ? 0.2899 0.1196 0.0871 0.0962  -0.0901 -0.0481 66   GLY A O   
512 N  N   . LYS A 67 ? 0.0888 0.0906 0.0521 0.0101  -0.0369 -0.0161 67   LYS A N   
513 C  CA  . LYS A 67 ? 0.0719 0.0755 0.0448 0.0005  -0.0227 -0.0163 67   LYS A CA  
514 C  C   . LYS A 67 ? 0.0578 0.0691 0.0499 0.0043  -0.0151 -0.0098 67   LYS A C   
515 O  O   . LYS A 67 ? 0.0798 0.1137 0.0647 -0.0050 -0.0220 0.0103  67   LYS A O   
516 C  CB  . LYS A 67 ? 0.0625 0.1035 0.0657 0.0020  -0.0235 -0.0099 67   LYS A CB  
517 C  CG  . LYS A 67 ? 0.0735 0.2257 0.0922 -0.0169 -0.0241 -0.0181 67   LYS A CG  
518 C  CD  . LYS A 67 ? 0.0764 0.1915 0.1117 0.0104  -0.0116 -0.0120 67   LYS A CD  
519 C  CE  . LYS A 67 ? 0.0986 0.2129 0.1132 -0.0394 -0.0268 -0.0038 67   LYS A CE  
520 N  NZ  . LYS A 67 ? 0.0971 0.2269 0.1463 0.0282  -0.0437 -0.0394 67   LYS A NZ  
521 N  N   . LEU A 68 ? 0.0554 0.0636 0.0435 -0.0007 -0.0132 -0.0118 68   LEU A N   
522 C  CA  . LEU A 68 ? 0.0473 0.0666 0.0403 0.0015  -0.0107 -0.0164 68   LEU A CA  
523 C  C   . LEU A 68 ? 0.0520 0.0501 0.0450 0.0098  -0.0104 -0.0168 68   LEU A C   
524 O  O   . LEU A 68 ? 0.0651 0.0609 0.0572 0.0035  0.0098  -0.0149 68   LEU A O   
525 C  CB  . LEU A 68 ? 0.0492 0.0698 0.0504 0.0100  -0.0043 -0.0177 68   LEU A CB  
526 C  CG  . LEU A 68 ? 0.0662 0.0748 0.0536 0.0156  -0.0069 -0.0247 68   LEU A CG  
527 C  CD1 . LEU A 68 ? 0.0807 0.0883 0.0570 0.0311  -0.0010 -0.0224 68   LEU A CD1 
528 C  CD2 . LEU A 68 ? 0.0664 0.0831 0.0710 0.0126  0.0019  -0.0211 68   LEU A CD2 
529 N  N   . ILE A 69 ? 0.0475 0.0632 0.0415 0.0058  -0.0064 -0.0167 69   ILE A N   
530 C  CA  . ILE A 69 ? 0.0439 0.0541 0.0391 0.0001  -0.0001 -0.0162 69   ILE A CA  
531 C  C   . ILE A 69 ? 0.0513 0.0565 0.0362 0.0107  -0.0060 -0.0090 69   ILE A C   
532 O  O   . ILE A 69 ? 0.0540 0.0906 0.0390 0.0239  -0.0073 -0.0176 69   ILE A O   
533 C  CB  . ILE A 69 ? 0.0563 0.0730 0.0411 0.0212  -0.0147 -0.0177 69   ILE A CB  
534 C  CG1 . ILE A 69 ? 0.0880 0.0600 0.0394 0.0171  -0.0161 -0.0112 69   ILE A CG1 
535 C  CG2 . ILE A 69 ? 0.0582 0.1118 0.0645 0.0342  -0.0265 -0.0439 69   ILE A CG2 
536 C  CD1 . ILE A 69 ? 0.0869 0.0662 0.0561 0.0032  -0.0053 -0.0093 69   ILE A CD1 
537 N  N   . ASN A 70 ? 0.0452 0.0699 0.0422 0.0084  -0.0072 -0.0226 70   ASN A N   
538 C  CA  . ASN A 70 ? 0.0536 0.0614 0.0398 0.0100  -0.0120 -0.0169 70   ASN A CA  
539 C  C   . ASN A 70 ? 0.0491 0.0637 0.0360 0.0099  -0.0175 -0.0159 70   ASN A C   
540 O  O   . ASN A 70 ? 0.0503 0.0599 0.0449 0.0134  -0.0109 -0.0199 70   ASN A O   
541 C  CB  . ASN A 70 ? 0.0672 0.0648 0.0444 0.0045  -0.0132 -0.0105 70   ASN A CB  
542 C  CG  . ASN A 70 ? 0.0920 0.0732 0.0508 0.0195  -0.0345 -0.0114 70   ASN A CG  
543 O  OD1 . ASN A 70 ? 0.0891 0.0741 0.0689 0.0116  -0.0420 -0.0150 70   ASN A OD1 
544 N  ND2 . ASN A 70 ? 0.1330 0.0760 0.0950 0.0231  -0.0598 -0.0136 70   ASN A ND2 
545 N  N   . VAL A 71 ? 0.0475 0.0656 0.0448 0.0114  -0.0082 -0.0216 71   VAL A N   
546 C  CA  . VAL A 71 ? 0.0536 0.0729 0.0390 0.0042  -0.0053 -0.0127 71   VAL A CA  
547 C  C   . VAL A 71 ? 0.0377 0.0614 0.0420 0.0093  -0.0060 -0.0125 71   VAL A C   
548 O  O   . VAL A 71 ? 0.0516 0.0640 0.0495 0.0033  -0.0078 -0.0114 71   VAL A O   
549 C  CB  . VAL A 71 ? 0.0618 0.1009 0.0668 -0.0012 0.0162  -0.0276 71   VAL A CB  
550 C  CG1 . VAL A 71 ? 0.0881 0.1049 0.0623 0.0036  0.0219  -0.0229 71   VAL A CG1 
551 C  CG2 . VAL A 71 ? 0.0411 0.1370 0.0929 0.0130  -0.0092 -0.0645 71   VAL A CG2 
552 N  N   . ASN A 72 ? 0.0428 0.0655 0.0362 0.0096  -0.0112 -0.0141 72   ASN A N   
553 C  CA  . ASN A 72 ? 0.0411 0.0636 0.0386 0.0081  -0.0134 -0.0158 72   ASN A CA  
554 C  C   . ASN A 72 ? 0.0442 0.0579 0.0421 0.0032  -0.0095 -0.0127 72   ASN A C   
555 O  O   . ASN A 72 ? 0.0514 0.0791 0.0375 -0.0025 -0.0014 -0.0169 72   ASN A O   
556 C  CB  . ASN A 72 ? 0.0749 0.1173 0.0339 0.0432  -0.0225 -0.0216 72   ASN A CB  
557 C  CG  . ASN A 72 ? 0.0670 0.2338 0.0613 0.0639  -0.0373 -0.0703 72   ASN A CG  
558 O  OD1 . ASN A 72 ? 0.0560 0.2766 0.1443 -0.0160 0.0038  -0.1346 72   ASN A OD1 
559 N  ND2 . ASN A 72 ? 0.1502 0.3404 0.0943 0.1736  -0.0248 -0.0290 72   ASN A ND2 
560 N  N   . GLY A 73 ? 0.0420 0.0619 0.0387 0.0083  -0.0132 -0.0122 73   GLY A N   
561 C  CA  . GLY A 73 ? 0.0393 0.0502 0.0431 0.0063  -0.0008 -0.0005 73   GLY A CA  
562 C  C   . GLY A 73 ? 0.0398 0.0458 0.0362 -0.0002 -0.0034 -0.0061 73   GLY A C   
563 O  O   . GLY A 73 ? 0.0354 0.0525 0.0404 -0.0025 -0.0065 -0.0076 73   GLY A O   
564 N  N   . TRP A 74 ? 0.0375 0.0418 0.0409 -0.0013 -0.0102 -0.0065 74   TRP A N   
565 C  CA  . TRP A 74 ? 0.0373 0.0434 0.0381 0.0014  -0.0079 -0.0019 74   TRP A CA  
566 C  C   . TRP A 74 ? 0.0397 0.0450 0.0352 -0.0006 -0.0076 -0.0077 74   TRP A C   
567 O  O   . TRP A 74 ? 0.0421 0.0507 0.0506 -0.0082 -0.0126 0.0054  74   TRP A O   
568 C  CB  . TRP A 74 ? 0.0437 0.0450 0.0349 -0.0012 -0.0124 -0.0035 74   TRP A CB  
569 C  CG  . TRP A 74 ? 0.0446 0.0463 0.0292 -0.0007 -0.0077 -0.0083 74   TRP A CG  
570 C  CD1 . TRP A 74 ? 0.0441 0.0522 0.0366 -0.0041 -0.0077 -0.0105 74   TRP A CD1 
571 C  CD2 . TRP A 74 ? 0.0418 0.0545 0.0304 0.0054  -0.0071 -0.0040 74   TRP A CD2 
572 N  NE1 . TRP A 74 ? 0.0505 0.0483 0.0469 -0.0014 -0.0070 -0.0055 74   TRP A NE1 
573 C  CE2 . TRP A 74 ? 0.0484 0.0514 0.0345 0.0053  -0.0049 -0.0113 74   TRP A CE2 
574 C  CE3 . TRP A 74 ? 0.0447 0.0534 0.0317 0.0000  -0.0030 -0.0063 74   TRP A CE3 
575 C  CZ2 . TRP A 74 ? 0.0494 0.0626 0.0410 0.0107  -0.0084 -0.0121 74   TRP A CZ2 
576 C  CZ3 . TRP A 74 ? 0.0446 0.0728 0.0383 0.0030  -0.0024 -0.0154 74   TRP A CZ3 
577 C  CH2 . TRP A 74 ? 0.0474 0.0775 0.0446 0.0074  -0.0062 -0.0164 74   TRP A CH2 
578 N  N   . CYS A 75 ? 0.0342 0.0479 0.0363 -0.0003 -0.0054 -0.0018 75   CYS A N   
579 C  CA  . CYS A 75 ? 0.0368 0.0487 0.0365 0.0005  -0.0089 -0.0049 75   CYS A CA  
580 C  C   . CYS A 75 ? 0.0402 0.0517 0.0313 0.0039  -0.0073 -0.0069 75   CYS A C   
581 O  O   . CYS A 75 ? 0.0428 0.0498 0.0360 -0.0011 -0.0052 -0.0013 75   CYS A O   
582 C  CB  . CYS A 75 ? 0.0368 0.0473 0.0393 -0.0018 -0.0061 -0.0074 75   CYS A CB  
583 S  SG  . CYS A 75 ? 0.0354 0.0575 0.0337 0.0006  -0.0075 -0.0055 75   CYS A SG  
584 N  N   . ALA A 76 ? 0.0346 0.0533 0.0522 0.0032  -0.0050 -0.0048 76   ALA A N   
585 C  CA  . ALA A 76 ? 0.0502 0.0588 0.0416 0.0125  -0.0055 -0.0049 76   ALA A CA  
586 C  C   . ALA A 76 ? 0.0408 0.0586 0.0485 0.0111  -0.0053 -0.0003 76   ALA A C   
587 O  O   . ALA A 76 ? 0.0660 0.0670 0.0599 0.0175  -0.0036 0.0017  76   ALA A O   
588 C  CB  . ALA A 76 ? 0.0510 0.0835 0.0814 0.0227  0.0152  0.0178  76   ALA A CB  
589 N  N   . SER A 77 ? 0.0431 0.0582 0.0404 0.0032  -0.0092 -0.0009 77   SER A N   
590 C  CA  . SER A 77 ? 0.0454 0.0582 0.0424 0.0044  -0.0083 -0.0003 77   SER A CA  
591 C  C   . SER A 77 ? 0.0469 0.0575 0.0336 0.0038  -0.0138 -0.0076 77   SER A C   
592 O  O   . SER A 77 ? 0.0580 0.0689 0.0413 -0.0046 -0.0070 -0.0007 77   SER A O   
593 C  CB  . SER A 77 ? 0.0627 0.0744 0.0455 -0.0111 -0.0137 -0.0004 77   SER A CB  
594 O  OG  . SER A 77 ? 0.1010 0.1529 0.1301 -0.0414 -0.0597 -0.0047 77   SER A OG  
595 N  N   . TRP A 78 ? 0.0391 0.0538 0.0361 0.0046  -0.0062 -0.0014 78   TRP A N   
596 C  CA  . TRP A 78 ? 0.0400 0.0503 0.0356 0.0036  -0.0096 -0.0049 78   TRP A CA  
597 C  C   . TRP A 78 ? 0.0466 0.0513 0.0343 0.0053  -0.0087 -0.0024 78   TRP A C   
598 O  O   . TRP A 78 ? 0.0610 0.0531 0.0426 0.0102  -0.0002 -0.0052 78   TRP A O   
599 C  CB  . TRP A 78 ? 0.0432 0.0584 0.0324 0.0025  -0.0073 0.0002  78   TRP A CB  
600 C  CG  . TRP A 78 ? 0.0448 0.0460 0.0373 0.0032  -0.0049 -0.0033 78   TRP A CG  
601 C  CD1 . TRP A 78 ? 0.0397 0.0456 0.0420 -0.0038 -0.0101 -0.0100 78   TRP A CD1 
602 C  CD2 . TRP A 78 ? 0.0472 0.0474 0.0424 -0.0030 -0.0074 -0.0061 78   TRP A CD2 
603 N  NE1 . TRP A 78 ? 0.0424 0.0527 0.0445 0.0005  -0.0100 -0.0074 78   TRP A NE1 
604 C  CE2 . TRP A 78 ? 0.0492 0.0510 0.0385 -0.0068 -0.0040 -0.0070 78   TRP A CE2 
605 C  CE3 . TRP A 78 ? 0.0577 0.0500 0.0470 0.0020  -0.0070 -0.0040 78   TRP A CE3 
606 C  CZ2 . TRP A 78 ? 0.0531 0.0572 0.0473 -0.0131 -0.0012 -0.0057 78   TRP A CZ2 
607 C  CZ3 . TRP A 78 ? 0.0763 0.0454 0.0567 -0.0022 -0.0023 -0.0012 78   TRP A CZ3 
608 C  CH2 . TRP A 78 ? 0.0710 0.0566 0.0607 -0.0134 0.0018  -0.0056 78   TRP A CH2 
609 N  N   . THR A 79 ? 0.0455 0.0502 0.0449 0.0011  -0.0044 -0.0002 79   THR A N   
610 C  CA  . THR A 79 ? 0.0582 0.0565 0.0562 0.0045  0.0009  0.0119  79   THR A CA  
611 C  C   . THR A 79 ? 0.0673 0.0419 0.0486 -0.0024 0.0066  -0.0006 79   THR A C   
612 O  O   . THR A 79 ? 0.0555 0.0525 0.0632 -0.0010 -0.0011 -0.0067 79   THR A O   
613 C  CB  . THR A 79 ? 0.0772 0.0747 0.0675 -0.0041 -0.0196 0.0161  79   THR A CB  
614 O  OG1 . THR A 79 ? 0.0843 0.1112 0.0882 -0.0075 -0.0377 0.0306  79   THR A OG1 
615 C  CG2 . THR A 79 ? 0.1371 0.1189 0.0773 -0.0314 -0.0341 0.0457  79   THR A CG2 
616 N  N   . LEU A 80 ? 0.0776 0.0508 0.0517 -0.0036 0.0074  -0.0075 80   LEU A N   
617 C  CA  . LEU A 80 ? 0.0786 0.0557 0.0512 -0.0152 -0.0062 -0.0043 80   LEU A CA  
618 C  C   . LEU A 80 ? 0.0586 0.0607 0.0518 -0.0146 -0.0074 -0.0018 80   LEU A C   
619 O  O   . LEU A 80 ? 0.0762 0.0741 0.0476 -0.0012 -0.0022 0.0097  80   LEU A O   
620 C  CB  . LEU A 80 ? 0.0909 0.0575 0.0617 -0.0136 0.0045  -0.0100 80   LEU A CB  
621 C  CG  . LEU A 80 ? 0.1027 0.0657 0.0812 -0.0256 -0.0099 0.0036  80   LEU A CG  
622 C  CD1 . LEU A 80 ? 0.1506 0.1485 0.0950 -0.0850 -0.0573 0.0277  80   LEU A CD1 
623 C  CD2 . LEU A 80 ? 0.1437 0.0777 0.1531 -0.0464 0.0288  -0.0247 80   LEU A CD2 
624 N  N   . LYS A 81 ? 0.0647 0.0710 0.0474 -0.0096 -0.0042 -0.0007 81   LYS A N   
625 C  CA  . LYS A 81 ? 0.0542 0.0712 0.0533 -0.0170 -0.0023 -0.0081 81   LYS A CA  
626 C  C   . LYS A 81 ? 0.0601 0.0680 0.0580 -0.0209 -0.0055 -0.0057 81   LYS A C   
627 O  O   . LYS A 81 ? 0.0685 0.0883 0.0598 -0.0325 -0.0069 -0.0095 81   LYS A O   
628 C  CB  . LYS A 81 ? 0.0691 0.0670 0.0602 -0.0156 -0.0028 -0.0014 81   LYS A CB  
629 C  CG  . LYS A 81 ? 0.0633 0.0724 0.0713 -0.0107 -0.0062 -0.0051 81   LYS A CG  
630 C  CD  . LYS A 81 ? 0.0679 0.0932 0.0967 0.0042  -0.0200 0.0008  81   LYS A CD  
631 C  CE  . LYS A 81 ? 0.0604 0.1174 0.1559 -0.0024 -0.0014 -0.0201 81   LYS A CE  
632 N  NZ  . LYS A 81 ? 0.1103 0.1400 0.1394 -0.0097 0.0280  -0.0276 81   LYS A NZ  
633 N  N   . ALA A 82 ? 0.0540 0.0679 0.0583 -0.0172 -0.0106 0.0003  82   ALA A N   
634 C  CA  . ALA A 82 ? 0.0596 0.0779 0.0706 -0.0133 -0.0137 0.0091  82   ALA A CA  
635 C  C   . ALA A 82 ? 0.0626 0.0773 0.0628 -0.0172 -0.0193 0.0145  82   ALA A C   
636 O  O   . ALA A 82 ? 0.0682 0.0776 0.0852 -0.0194 -0.0163 0.0079  82   ALA A O   
637 C  CB  . ALA A 82 ? 0.0642 0.1213 0.0745 -0.0210 -0.0216 0.0347  82   ALA A CB  
638 N  N   . GLY A 83 ? 0.0564 0.0895 0.0640 -0.0112 -0.0158 -0.0015 83   GLY A N   
639 C  CA  . GLY A 83 ? 0.0587 0.1039 0.0663 -0.0096 -0.0154 -0.0003 83   GLY A CA  
640 C  C   . GLY A 83 ? 0.0568 0.0666 0.0675 0.0000  -0.0193 0.0046  83   GLY A C   
641 O  O   . GLY A 83 ? 0.0496 0.0847 0.0684 -0.0015 -0.0144 -0.0002 83   GLY A O   
642 O  OXT . GLY A 83 ? 0.0607 0.0857 0.0627 -0.0099 -0.0156 0.0033  83   GLY A OXT 
643 S  S   . SO4 B .  ? 0.0799 0.0929 0.0979 -0.0010 -0.0039 -0.0161 901  SO4 A S   
644 O  O1  . SO4 B .  ? 0.0941 0.1137 0.1289 -0.0182 0.0056  -0.0222 901  SO4 A O1  
645 O  O2  . SO4 B .  ? 0.0798 0.1204 0.1330 0.0014  -0.0209 0.0136  901  SO4 A O2  
646 O  O3  . SO4 B .  ? 0.0931 0.1349 0.1095 0.0095  -0.0099 -0.0321 901  SO4 A O3  
647 O  O4  . SO4 B .  ? 0.1306 0.0943 0.1078 -0.0073 0.0018  -0.0221 901  SO4 A O4  
648 S  S   . SO4 C .  ? 0.2232 0.1242 0.1376 -0.0049 -0.0733 0.0043  902  SO4 A S   
649 O  O1  . SO4 C .  ? 0.2078 0.1808 0.2567 -0.0252 -0.0859 0.0809  902  SO4 A O1  
650 O  O2  . SO4 C .  ? 0.1555 0.1442 0.1379 0.0176  -0.0528 -0.0352 902  SO4 A O2  
651 O  O3  . SO4 C .  ? 0.2569 0.2437 0.3833 -0.0819 -0.2207 0.1010  902  SO4 A O3  
652 O  O4  . SO4 C .  ? 0.5100 0.2138 0.1296 0.0406  -0.0499 -0.0672 902  SO4 A O4  
653 S  S   . SO4 D .  ? 0.2205 0.1990 0.1268 0.0503  0.0408  0.0343  903  SO4 A S   
654 O  O1  . SO4 D .  ? 0.3995 0.2183 0.1366 -0.0021 0.1178  0.0228  903  SO4 A O1  
655 O  O2  . SO4 D .  ? 0.3265 0.2159 0.1848 -0.0071 0.1253  -0.0169 903  SO4 A O2  
656 O  O3  . SO4 D .  ? 0.2875 0.2595 0.3629 0.1264  -0.0116 0.0989  903  SO4 A O3  
657 O  O4  . SO4 D .  ? 0.2214 0.1930 0.1345 0.0795  0.0450  0.0479  903  SO4 A O4  
658 FE FE1 . SF4 E .  ? 0.0357 0.0472 0.0324 -0.0005 -0.0075 -0.0078 84   SF4 A FE1 
659 FE FE2 . SF4 E .  ? 0.0379 0.0471 0.0326 -0.0020 -0.0052 -0.0049 84   SF4 A FE2 
660 FE FE3 . SF4 E .  ? 0.0372 0.0493 0.0317 -0.0017 -0.0071 -0.0090 84   SF4 A FE3 
661 FE FE4 . SF4 E .  ? 0.0341 0.0478 0.0334 -0.0005 -0.0055 -0.0062 84   SF4 A FE4 
662 S  S1  . SF4 E .  ? 0.0386 0.0530 0.0354 0.0015  -0.0072 -0.0039 84   SF4 A S1  
663 S  S2  . SF4 E .  ? 0.0388 0.0456 0.0384 -0.0037 -0.0079 -0.0058 84   SF4 A S2  
664 S  S3  . SF4 E .  ? 0.0408 0.0467 0.0329 -0.0028 -0.0051 -0.0084 84   SF4 A S3  
665 S  S4  . SF4 E .  ? 0.0352 0.0521 0.0360 -0.0011 -0.0047 -0.0087 84   SF4 A S4  
666 O  O   . HOH F .  ? 0.0492 0.0723 0.0549 0.0094  -0.0027 0.0030  6001 HOH A O   
667 O  O   . HOH F .  ? 0.0594 0.0884 0.0607 0.0023  -0.0180 -0.0174 6002 HOH A O   
668 O  O   . HOH F .  ? 0.1024 0.0931 0.0490 0.0007  -0.0203 -0.0262 6003 HOH A O   
669 O  O   . HOH F .  ? 0.0661 0.1188 0.0972 0.0117  -0.0172 -0.0097 6004 HOH A O   
670 O  O   . HOH F .  ? 0.0704 0.0688 0.1838 -0.0069 -0.0479 -0.0099 6005 HOH A O   
671 O  O   . HOH F .  ? 0.0916 0.1193 0.1020 0.0449  0.0172  0.0035  6006 HOH A O   
672 O  O   . HOH F .  ? 0.2555 0.0884 0.0697 0.0117  -0.0481 -0.0107 6007 HOH A O   
673 O  O   . HOH F .  ? 0.1097 0.1190 0.1206 -0.0421 0.0524  -0.0429 6008 HOH A O   
674 O  O   . HOH F .  ? 0.1441 0.1338 0.0849 0.0457  -0.0022 0.0036  6009 HOH A O   
675 O  O   . HOH F .  ? 0.0913 0.1677 0.1292 -0.0018 -0.0320 -0.0277 6010 HOH A O   
676 O  O   . HOH F .  ? 0.1271 0.1333 0.1362 -0.0196 0.0373  -0.0139 6011 HOH A O   
677 O  O   . HOH F .  ? 0.1565 0.1628 0.1594 0.0706  0.0102  0.0324  6012 HOH A O   
678 O  O   . HOH F .  ? 0.1363 0.1022 0.1710 0.0047  0.0520  0.0195  6013 HOH A O   
679 O  O   . HOH F .  ? 0.1623 0.0942 0.1640 -0.0366 -0.0010 -0.0047 6014 HOH A O   
680 O  O   . HOH F .  ? 0.1333 0.1654 0.1688 -0.0515 -0.0212 -0.0719 6015 HOH A O   
681 O  O   . HOH F .  ? 0.1673 0.1081 0.2243 -0.0611 -0.0129 -0.0063 6016 HOH A O   
682 O  O   . HOH F .  ? 0.1705 0.1917 0.1335 -0.0836 0.0266  -0.0499 6017 HOH A O   
683 O  O   . HOH F .  ? 0.1622 0.1297 0.1403 -0.0366 -0.0356 -0.0170 6018 HOH A O   
684 O  O   . HOH F .  ? 0.1444 0.2515 0.1105 0.0231  -0.0014 -0.0672 6019 HOH A O   
685 O  O   . HOH F .  ? 0.1216 0.1507 0.1504 -0.0249 -0.0426 0.0326  6020 HOH A O   
686 O  O   . HOH F .  ? 0.2504 0.1134 0.1708 0.0637  0.0335  0.0357  6021 HOH A O   
687 O  O   . HOH F .  ? 0.1930 0.3470 0.1593 0.1602  -0.0009 0.0580  6022 HOH A O   
688 O  O   . HOH F .  ? 0.1157 0.2186 0.3291 0.0616  -0.0302 -0.0116 6023 HOH A O   
689 O  O   . HOH F .  ? 0.1952 0.1102 0.1036 0.0319  -0.0359 -0.0442 6024 HOH A O   
690 O  O   . HOH F .  ? 0.1148 0.2868 0.1318 0.0188  0.0151  0.0655  6025 HOH A O   
691 O  O   . HOH F .  ? 0.1456 0.3431 0.2142 -0.0455 0.0473  -0.1387 6026 HOH A O   
692 O  O   . HOH F .  ? 0.1270 0.3104 0.1351 0.0949  -0.0383 -0.0946 6027 HOH A O   
693 O  O   . HOH F .  ? 0.1402 0.2518 0.3291 -0.1167 -0.0584 0.0218  6028 HOH A O   
694 O  O   . HOH F .  ? 0.2393 0.2670 0.1215 -0.0915 -0.0692 -0.0075 6029 HOH A O   
695 O  O   . HOH F .  ? 0.2204 0.2389 0.1048 0.1348  -0.0575 -0.0251 6030 HOH A O   
696 O  O   . HOH F .  ? 0.2220 0.1923 0.2309 0.0821  -0.0437 -0.0695 6031 HOH A O   
697 O  O   . HOH F .  ? 0.2393 0.1048 0.3709 0.0280  0.0334  0.0427  6032 HOH A O   
698 O  O   . HOH F .  ? 0.3924 0.7523 0.4553 0.2688  0.0562  -0.0315 6033 HOH A O   
699 O  O   . HOH F .  ? 0.4781 0.1110 0.3395 0.0442  -0.1157 0.0365  6034 HOH A O   
700 O  O   . HOH F .  ? 0.1842 0.1716 0.2179 -0.0035 -0.0306 0.0211  6035 HOH A O   
701 O  O   . HOH F .  ? 0.1806 0.4208 0.3330 -0.0048 0.1140  -0.0520 6036 HOH A O   
702 O  O   . HOH F .  ? 0.4602 0.1811 0.2408 -0.0708 -0.1097 0.0846  6037 HOH A O   
703 O  O   . HOH F .  ? 0.1801 0.2536 0.5610 -0.0624 0.0757  -0.0008 6038 HOH A O   
704 O  O   . HOH F .  ? 0.4467 0.7211 0.7276 -0.0923 -0.0894 -0.1399 6039 HOH A O   
705 O  O   . HOH F .  ? 0.8588 0.2023 0.1492 -0.1533 0.0745  0.0012  6040 HOH A O   
706 O  O   . HOH F .  ? 0.2111 0.3707 0.2164 0.1026  -0.1220 0.0297  6041 HOH A O   
707 O  O   . HOH F .  ? 0.6386 0.8617 0.8432 -0.0256 -0.1076 0.0776  6042 HOH A O   
708 O  O   . HOH F .  ? 0.3063 0.4160 0.1200 -0.1441 0.0439  -0.0968 6043 HOH A O   
709 O  O   . HOH F .  ? 0.1993 0.1353 0.4462 0.0037  -0.1450 -0.0397 6044 HOH A O   
710 O  O   . HOH F .  ? 0.3113 0.2288 0.2108 0.0752  -0.1556 -0.0501 6045 HOH A O   
711 O  O   . HOH F .  ? 0.4155 0.1857 0.3038 -0.0553 0.1899  -0.0320 6046 HOH A O   
712 O  O   . HOH F .  ? 0.2402 0.3054 0.3429 -0.0150 -0.0236 -0.1736 6047 HOH A O   
713 O  O   . HOH F .  ? 0.1284 0.2826 0.1702 0.0298  0.0026  0.0145  6048 HOH A O   
714 O  O   . HOH F .  ? 0.4777 0.7567 0.2168 0.0562  -0.0906 -0.0184 6049 HOH A O   
715 O  O   . HOH F .  ? 0.2337 0.2391 0.2913 -0.0127 0.0855  0.0293  6050 HOH A O   
716 O  O   . HOH F .  ? 0.5105 0.4472 0.3358 0.1018  -0.0471 -0.0001 6051 HOH A O   
717 O  O   . HOH F .  ? 0.2998 0.3555 0.4632 0.1132  -0.0632 -0.1946 6052 HOH A O   
718 O  O   . HOH F .  ? 0.5023 0.1626 0.1300 -0.0542 0.0492  -0.0453 6053 HOH A O   
719 O  O   . HOH F .  ? 0.1961 0.2693 0.5130 0.0702  -0.0979 0.0565  6054 HOH A O   
720 O  O   . HOH F .  ? 0.8479 1.0113 0.8368 -0.0417 -0.0188 0.1616  6055 HOH A O   
721 O  O   . HOH F .  ? 0.1925 0.5660 0.4342 -0.0102 -0.1745 -0.1935 6056 HOH A O   
722 O  O   . HOH F .  ? 0.4408 0.5723 0.2551 0.0859  0.0231  0.0508  6057 HOH A O   
723 O  O   . HOH F .  ? 0.2888 0.3819 0.6211 -0.2176 -0.0469 -0.0092 6058 HOH A O   
724 O  O   . HOH F .  ? 0.2557 0.4483 0.4230 -0.0146 0.1541  -0.0040 6059 HOH A O   
725 O  O   . HOH F .  ? 0.3161 0.3831 0.7227 0.1576  -0.0573 -0.1193 6060 HOH A O   
726 O  O   . HOH F .  ? 0.4708 0.6588 0.7710 0.0775  -0.1134 0.0310  6061 HOH A O   
727 O  O   . HOH F .  ? 0.7124 0.3069 0.3360 0.1833  -0.2430 -0.0885 6062 HOH A O   
728 O  O   . HOH F .  ? 0.5534 0.5820 0.5225 0.0985  0.0018  0.0731  6063 HOH A O   
729 O  O   . HOH F .  ? 0.3223 0.6077 0.3929 0.1922  -0.0140 -0.1972 6064 HOH A O   
730 O  O   . HOH F .  ? 0.6622 0.8927 0.8432 -0.0086 0.0605  -0.1007 6065 HOH A O   
731 O  O   . HOH F .  ? 0.4493 0.2487 0.4223 -0.1337 -0.1286 -0.0234 6066 HOH A O   
732 O  O   . HOH F .  ? 0.6418 0.6375 0.1935 0.4096  0.0861  0.1023  6067 HOH A O   
733 O  O   . HOH F .  ? 0.7050 0.5817 0.4227 0.0538  0.2545  -0.2509 6068 HOH A O   
734 O  O   . HOH F .  ? 0.5546 0.3335 0.2390 -0.0339 -0.0826 -0.0086 6069 HOH A O   
735 O  O   . HOH F .  ? 0.2519 0.4965 0.5260 -0.2232 -0.0136 -0.0301 6070 HOH A O   
736 O  O   . HOH F .  ? 0.5217 0.5146 0.6703 -0.0279 -0.0841 0.3287  6071 HOH A O   
737 O  O   . HOH F .  ? 0.3415 0.1545 0.6478 -0.0794 0.1637  0.0033  6072 HOH A O   
738 O  O   . HOH F .  ? 0.3081 0.4202 0.3611 -0.1520 0.1785  -0.0851 6073 HOH A O   
739 O  O   . HOH F .  ? 0.2368 0.4228 0.3702 0.0232  -0.0365 0.0624  6074 HOH A O   
740 O  O   . HOH F .  ? 0.6335 0.6975 0.6351 0.1511  -0.4072 0.1550  6075 HOH A O   
741 O  O   . HOH F .  ? 0.7298 0.1883 0.5427 0.1186  -0.1411 -0.0632 6076 HOH A O   
742 O  O   . HOH F .  ? 0.3324 0.6004 0.5578 0.1131  0.1173  0.0307  6077 HOH A O   
743 O  O   . HOH F .  ? 0.2035 0.6807 0.7117 -0.0717 0.2153  -0.0172 6078 HOH A O   
744 O  O   . HOH F .  ? 0.4060 0.3778 0.3860 0.0861  -0.1042 0.0355  6079 HOH A O   
745 O  O   A HOH F .  ? 0.0583 0.1405 0.0888 0.0005  0.0082  0.0244  6080 HOH A O   
746 O  O   B HOH F .  ? 0.2289 0.1877 0.0935 0.0124  0.0078  0.0102  6080 HOH A O   
747 O  O   A HOH F .  ? 0.0692 0.0691 0.1144 0.0187  -0.0227 -0.0318 6081 HOH A O   
748 O  O   B HOH F .  ? 0.1306 0.1099 0.0414 0.0579  0.0029  -0.0009 6081 HOH A O   
749 O  O   A HOH F .  ? 0.0782 0.0909 0.0788 -0.0143 -0.0118 -0.0033 6082 HOH A O   
750 O  O   B HOH F .  ? 0.2058 0.1689 0.1836 -0.0634 0.0353  -0.0173 6082 HOH A O   
751 O  O   A HOH F .  ? 0.1198 0.0933 0.0441 -0.0344 -0.0043 0.0000  6083 HOH A O   
752 O  O   B HOH F .  ? 0.3324 0.2738 0.2340 0.0458  0.0947  -0.0814 6083 HOH A O   
753 O  O   A HOH F .  ? 0.1401 0.3169 0.1875 0.0058  0.0619  0.1060  6084 HOH A O   
754 O  O   B HOH F .  ? 0.0831 0.1720 0.1055 -0.0124 0.0288  0.0706  6084 HOH A O   
755 O  O   A HOH F .  ? 0.2192 0.1367 0.3314 -0.0370 0.0752  -0.0259 6085 HOH A O   
756 O  O   B HOH F .  ? 0.1062 0.2947 0.2265 0.0050  0.0650  -0.0809 6085 HOH A O   
757 O  O   A HOH F .  ? 0.1792 0.1005 0.2406 -0.0420 -0.0491 0.0474  6086 HOH A O   
758 O  O   B HOH F .  ? 0.3373 0.1237 0.2657 -0.0755 0.0634  -0.0187 6086 HOH A O   
759 O  O   . HOH F .  ? 0.4905 0.1390 0.3327 0.0394  -0.2354 -0.0461 6087 HOH A O   
760 O  O   . HOH F .  ? 0.2682 0.3013 0.3489 -0.0145 0.0698  0.0360  6088 HOH A O   
761 O  O   . HOH F .  ? 0.6584 0.3745 0.3502 0.2180  -0.0625 -0.1560 6089 HOH A O   
762 O  O   . HOH F .  ? 0.7082 0.7325 0.7205 -0.0198 0.0490  0.0942  6090 HOH A O   
763 O  O   . HOH F .  ? 0.2199 0.2712 0.9199 0.0173  0.2002  0.0776  6091 HOH A O   
764 O  O   . HOH F .  ? 0.6454 0.7631 0.8461 -0.0915 -0.0621 0.0258  6092 HOH A O   
765 O  O   . HOH F .  ? 0.5385 0.2866 0.4460 -0.1566 0.3570  -0.2326 6093 HOH A O   
# 
